data_8PTY
#
_entry.id   8PTY
#
_cell.length_a   1.00
_cell.length_b   1.00
_cell.length_c   1.00
_cell.angle_alpha   90.00
_cell.angle_beta   90.00
_cell.angle_gamma   90.00
#
_symmetry.space_group_name_H-M   'P 1'
#
loop_
_entity.id
_entity.type
_entity.pdbx_description
1 polymer 'Elongator complex protein 1'
2 polymer 'Elongator complex protein 2'
3 polymer 'Elongator complex protein 3'
4 non-polymer 'IRON/SULFUR CLUSTER'
5 non-polymer "5'-DEOXYADENOSINE"
6 non-polymer METHIONINE
#
loop_
_entity_poly.entity_id
_entity_poly.type
_entity_poly.pdbx_seq_one_letter_code
_entity_poly.pdbx_strand_id
1 'polypeptide(L)'
;MRNLKLFRTLEFRDIQGPGNPQCFSLRTEQGTVLIGSEHGLIEVDPVSREVKNEVSLVAEGFLPEDGSGRIVGVQDLLDQ
ESVCVATASGDVILCSLSTQQLECVGSVASGISVMSWSPDQELVLLATGQQTLIMMTKDFEPILEQQIHQDDFGESKFIT
VGWGRKETQFHGSEGRQAAFQMQMHESALPWDDHRPQVTWRGDGQFFAVSVVCPETGARKVRVWNREFALQSTSEPVAGL
GPALAWKPSGSLIASTQDKPNQQDIVFFEKNGLLHGHFTLPFLKDEVKVNDLLWNADSSVLAVWLEDLQREESSIPKTCV
QLWTVGNYHWYLKQSLSFSTCGKSKIVSLMWDPVTPYRLHVLCQGWHYLAYDWHWTTDRSVGDNSSDLSNVAVIDGNRVL
VTVFRQTVVPPPMCTYQLLFPHPVNQVTFLAHPQKSNDLAVLDASNQISVYKCGDCPSADPTVKLGAVGGSGFKVCLRTP
HLEKRYKIQFENNEDQDVNPLKLGLLTWIEEDVFLAVSHSEFSPRSVIHHLTAASSEMDEEHGQLNVSSSAAVDGVIISL
CCNSKTKSVVLQLADGQIFKYLWESPSLAIKPWKNSGGFPVRFPYPCTQTELAMIGEEECVLGLTDRCRFFINDIEVASN
ITSFAVYDEFLLLTTHSHTCQCFCLRDASFKTLQAGLSSNHVSHGEVLRKVERGSRIVTVVPQDTKLVLQMPRGNLEVVH
HRALVLAQIRKWLDKLMFKEAFECMRKLRINLNLIYDHNPKVFLGNVETFIKQIDSVNHINLFFTELKEEDVTKTMYPAP
VTSSVYLSRDPDGNKIDLVCDAMRAVMESINPHKYCLSILTSHVKKTTPELEIVLQKVHELQGNAPSDPDAVSAEEALKY
LLHLVDVNELYDHSLGTYDFDLVLMVAEKSQKDPKEYLPFLNTLKKMETNYQRFTIDKYLKRYEKAIGHLSKCGPEYFPE
CLNLIKDKNLYNEALKLYSPSSQQYQDISIAYGEHLMQEHMYEPAGLMFARCGAHEKALSAFLTCGNWKQALCVAAQLNF
TKDQLVGLGRTLAGKLVEQRKHIDAAMVLEECAQDYEEAVLLLLEGAAWEEALRLVYKYNRLDIIETNVKPSILEAQKNY
MAFLDSQTATFSRHKKRLLVVRELKEQAQQAGLDDEVPHGQESDLFSETSSVVSGSEMSGKYSHSNSRISARSSKNRRKA
ERKKHSLKEGSPLEDLALLEALSEVVQNTENLKDEVYHILKVLFLFEFDEQGRELQKAFEDTLQLMERSLPEIWTLTYQQ
NSATPVLGPNSTANSIMASYQQQKTSVPVLDAELFIPPKINRRTQWKLSLLD
;
A
2 'polypeptide(L)'
;MVAPVLETSHVFCCPNRVRGVLNWSSGPRGLLAFGTSCSVVLYDPLKRVVVTNLNGHTARVNCIQWICKQDGSPSTELVS
GGSDNQVIHWEIEDNQLLKAVHLQGHEGPVYAVHAVYQRRTSDPALCTLIVSAAADSAVRLWSKKGPEVMCLQTLNFGNG
FALALCLSFLPNTDVPILACGNDDCRIHIFAQQNDQFQKVLSLCGHEDWIRGVEWAAFGRDLFLASCSQDCLIRIWKLYI
KSTSLETQDDDNIRLKENTFTIENESVKIAFAVTLETVLAGHENWVNAVHWQPVFYKDGVLQQPVRLLSASMDKTMILWA
PDEESGVWLEQVRVGEVGGNTLGFYDCQFNEDGSMIIAHAFHGALHLWKQNTVNPREWTPEIVISGHFDGVQDLVWDPEG
EFIITVGTDQTTRLFAPWKRKDQSQVTWHEIARPQIHGYDLKCLAMINRFQFVSGADEKVLRVFSAPRNFVENFCAITGQ
SLNHVLCNQDSDLPEGATVPALGLSNKAVFQGDIASQPSDEEELLTSTGFEYQQVAFQPSILTEPPTEDHLLQNTLWPEV
QKLYGHGYEIFCVTCNSSKTLLASACKAAKKEHAAIILWNTTSWKQVQNLVFHSLTVTQMAFSPNEKFLLAVSRDRTWSL
WKKQDTISPEFEPVFSLFAFTNKITSVHSRIIWSCDWSPDSKYFFTGSRDKKVVVWGECDSTDDCIEHNIGPCSSVLDVG
GAVTAVSVCPVLHPSQRYVVAVGLECGKICLYTWKKTDQVPEINDWTHCVETSQSQSHTLAIRKLCWKNCSGKTEQKEAE
GAEWLHFASCGEDHTVKIHRVNKCAL
;
B
3 'polypeptide(L)'
;MRQKRKGDLSPAELMMLTIGDVIKQLIEAHEQGKDIDLNKVKTKTAAKYGLSAQPRLVDIIAAVPPQYRKVLMPKLKAKP
IRTASGIAVVAVMCKPHRCPHISFTGNICVYCPGGPDSDFEYSTQSYTGYEPTSMRAIRARYDPFLQTRHRIEQLKQLGH
SVDKVEFIVMGGTFMALPEEYRDYFIRNLHDALSGHTSNNIYEAVKYSERSLTKCIGITIETRPDYCMKRHLSDMLTYGC
TRLEIGVQSVYEDVARDTNRGHTVKAVCESFHLAKDSGFKVVAHMMPDLPNVGLERDIEQFTEFFENPAFRPDGLKLYPT
LVIRGTGLYELWKSGRYKSYSPSDLVELVARILALVPPWTRVYRVQRDIPMPLVSSGVEHGNLRELALARMKDLGIQCRD
VRTREVGIQEIHHKVRPYQVELVRRDYVANGGWETFLSYEDPDQDILIGLLRLRKCSEETFRFELGGGVSIVRELHVYGS
VVPVSSRDPTKFQHQGFGMLLMEEAERIAREEHGSGKIAVISGVGTRNYYRKIGYRLQGPYMVKMLKGLEGSAWSHPQFE
KGGGSGGGSGGSAWSHPQFEK
;
C
#
loop_
_chem_comp.id
_chem_comp.type
_chem_comp.name
_chem_comp.formula
5AD non-polymer 5'-DEOXYADENOSINE 'C10 H13 N5 O3'
SF4 non-polymer 'IRON/SULFUR CLUSTER' 'Fe4 S4'
#
# COMPACT_ATOMS: atom_id res chain seq x y z
N MET A 1 21.98 -25.05 0.55
CA MET A 1 22.76 -24.90 1.77
C MET A 1 23.29 -26.25 2.25
N ARG A 2 22.56 -27.32 1.92
CA ARG A 2 22.94 -28.67 2.33
C ARG A 2 22.69 -29.62 1.17
N ASN A 3 23.43 -30.73 1.17
CA ASN A 3 23.36 -31.70 0.09
C ASN A 3 23.28 -33.12 0.63
N LEU A 4 22.73 -33.99 -0.22
CA LEU A 4 22.73 -35.42 0.03
C LEU A 4 24.12 -35.99 -0.25
N LYS A 5 24.41 -37.14 0.35
CA LYS A 5 25.66 -37.82 0.03
C LYS A 5 25.50 -39.31 0.28
N LEU A 6 26.08 -40.10 -0.63
CA LEU A 6 25.97 -41.55 -0.64
C LEU A 6 27.02 -42.17 0.27
N PHE A 7 26.60 -43.13 1.09
CA PHE A 7 27.56 -43.78 1.97
C PHE A 7 27.29 -45.28 2.12
N ARG A 8 26.39 -45.85 1.33
CA ARG A 8 26.14 -47.28 1.38
C ARG A 8 25.42 -47.75 0.12
N THR A 9 25.92 -48.81 -0.51
CA THR A 9 25.43 -49.26 -1.80
C THR A 9 25.20 -50.77 -1.77
N LEU A 10 24.48 -51.23 -0.76
CA LEU A 10 24.20 -52.66 -0.62
C LEU A 10 23.52 -53.20 -1.87
N GLU A 11 24.02 -54.32 -2.37
CA GLU A 11 23.55 -54.86 -3.63
C GLU A 11 23.60 -56.38 -3.60
N PHE A 12 22.49 -57.02 -3.99
CA PHE A 12 22.42 -58.47 -4.16
C PHE A 12 21.85 -58.76 -5.53
N ARG A 13 22.51 -59.66 -6.26
CA ARG A 13 22.14 -59.96 -7.63
C ARG A 13 21.98 -61.47 -7.82
N ASP A 14 21.61 -61.83 -9.05
CA ASP A 14 21.55 -63.23 -9.47
C ASP A 14 20.59 -64.04 -8.62
N ILE A 15 19.46 -63.43 -8.27
CA ILE A 15 18.43 -64.14 -7.51
C ILE A 15 17.77 -65.17 -8.42
N GLN A 16 17.58 -66.37 -7.90
CA GLN A 16 17.03 -67.48 -8.66
C GLN A 16 15.64 -67.81 -8.14
N GLY A 17 14.78 -68.29 -9.03
CA GLY A 17 13.43 -68.67 -8.68
C GLY A 17 12.53 -68.75 -9.88
N PRO A 18 11.28 -68.33 -9.72
CA PRO A 18 10.35 -68.30 -10.87
C PRO A 18 10.76 -67.27 -11.89
N GLY A 19 9.95 -67.08 -12.93
CA GLY A 19 10.28 -66.18 -14.01
C GLY A 19 9.60 -64.83 -13.89
N ASN A 20 10.34 -63.79 -14.30
CA ASN A 20 9.83 -62.44 -14.47
C ASN A 20 9.13 -61.93 -13.21
N PRO A 21 9.89 -61.53 -12.19
CA PRO A 21 9.26 -60.98 -10.98
C PRO A 21 8.44 -59.75 -11.31
N GLN A 22 7.35 -59.56 -10.57
CA GLN A 22 6.38 -58.52 -10.90
C GLN A 22 6.24 -57.46 -9.82
N CYS A 23 6.09 -57.86 -8.55
CA CYS A 23 5.91 -56.89 -7.47
C CYS A 23 6.56 -57.44 -6.22
N PHE A 24 6.89 -56.54 -5.30
CA PHE A 24 7.54 -56.94 -4.06
C PHE A 24 7.15 -55.99 -2.95
N SER A 25 7.48 -56.39 -1.73
CA SER A 25 7.21 -55.59 -0.55
C SER A 25 8.45 -55.65 0.33
N LEU A 26 8.32 -55.10 1.54
CA LEU A 26 9.42 -55.10 2.49
C LEU A 26 8.91 -55.51 3.85
N ARG A 27 9.74 -56.22 4.59
CA ARG A 27 9.45 -56.59 5.97
C ARG A 27 10.49 -55.93 6.87
N THR A 28 10.01 -55.21 7.88
CA THR A 28 10.89 -54.65 8.88
C THR A 28 11.01 -55.65 10.03
N GLU A 29 11.60 -55.22 11.14
CA GLU A 29 11.75 -56.06 12.33
C GLU A 29 12.49 -57.35 11.99
N GLN A 30 13.74 -57.19 11.58
CA GLN A 30 14.58 -58.30 11.14
C GLN A 30 13.92 -59.05 9.98
N GLY A 31 13.45 -58.26 9.01
CA GLY A 31 12.87 -58.80 7.81
C GLY A 31 13.59 -58.26 6.58
N THR A 32 13.28 -58.84 5.44
CA THR A 32 13.94 -58.49 4.19
C THR A 32 12.89 -58.47 3.08
N VAL A 33 13.35 -58.51 1.84
CA VAL A 33 12.45 -58.41 0.70
C VAL A 33 11.56 -59.66 0.61
N LEU A 34 10.41 -59.49 -0.04
CA LEU A 34 9.40 -60.53 -0.18
C LEU A 34 8.87 -60.58 -1.61
N ILE A 35 9.77 -60.64 -2.59
CA ILE A 35 9.37 -60.61 -3.99
C ILE A 35 8.37 -61.72 -4.28
N GLY A 36 7.30 -61.37 -5.00
CA GLY A 36 6.35 -62.34 -5.47
C GLY A 36 6.27 -62.39 -6.98
N SER A 37 6.45 -63.57 -7.57
CA SER A 37 6.47 -63.73 -9.01
C SER A 37 5.25 -64.52 -9.47
N GLU A 38 5.23 -64.84 -10.76
CA GLU A 38 4.08 -65.51 -11.37
C GLU A 38 3.74 -66.84 -10.72
N HIS A 39 4.73 -67.50 -10.11
CA HIS A 39 4.51 -68.82 -9.53
C HIS A 39 4.05 -68.71 -8.08
N GLY A 40 4.82 -68.01 -7.26
CA GLY A 40 4.48 -67.89 -5.86
C GLY A 40 5.25 -66.75 -5.21
N LEU A 41 5.34 -66.83 -3.89
CA LEU A 41 6.01 -65.83 -3.08
C LEU A 41 7.39 -66.32 -2.70
N ILE A 42 8.39 -65.44 -2.80
CA ILE A 42 9.77 -65.76 -2.47
C ILE A 42 10.26 -64.79 -1.41
N GLU A 43 10.88 -65.31 -0.36
CA GLU A 43 11.48 -64.49 0.67
C GLU A 43 13.00 -64.63 0.57
N VAL A 44 13.69 -63.50 0.50
CA VAL A 44 15.14 -63.47 0.33
C VAL A 44 15.73 -62.53 1.37
N ASP A 45 16.77 -62.98 2.06
CA ASP A 45 17.52 -62.12 2.97
C ASP A 45 18.88 -61.82 2.37
N PRO A 46 19.11 -60.62 1.86
CA PRO A 46 20.44 -60.22 1.41
C PRO A 46 21.27 -59.50 2.45
N VAL A 47 20.68 -59.20 3.62
CA VAL A 47 21.35 -58.34 4.59
C VAL A 47 22.62 -59.00 5.11
N SER A 48 22.58 -60.30 5.33
CA SER A 48 23.71 -60.98 5.93
C SER A 48 24.96 -60.83 5.07
N ARG A 49 26.10 -60.66 5.74
CA ARG A 49 27.35 -60.41 5.03
C ARG A 49 27.72 -61.58 4.12
N GLU A 50 27.55 -62.80 4.61
CA GLU A 50 27.90 -63.99 3.86
C GLU A 50 26.68 -64.78 3.40
N VAL A 51 25.48 -64.35 3.76
CA VAL A 51 24.25 -65.08 3.46
C VAL A 51 23.34 -64.17 2.66
N LYS A 52 23.06 -64.56 1.41
CA LYS A 52 22.13 -63.86 0.53
C LYS A 52 21.39 -64.97 -0.22
N ASN A 53 20.28 -65.42 0.35
CA ASN A 53 19.64 -66.63 -0.17
C ASN A 53 18.18 -66.65 0.24
N GLU A 54 17.42 -67.51 -0.43
CA GLU A 54 16.01 -67.65 -0.13
C GLU A 54 15.81 -68.30 1.23
N VAL A 55 14.81 -67.82 1.96
CA VAL A 55 14.45 -68.37 3.26
C VAL A 55 12.95 -68.61 3.27
N SER A 56 12.55 -69.85 3.58
CA SER A 56 11.14 -70.24 3.67
C SER A 56 10.40 -69.90 2.37
N LEU A 57 10.97 -70.37 1.26
CA LEU A 57 10.30 -70.25 -0.03
C LEU A 57 9.00 -71.03 -0.03
N VAL A 58 7.96 -70.46 -0.66
CA VAL A 58 6.69 -71.12 -0.82
C VAL A 58 6.26 -70.97 -2.27
N ALA A 59 5.38 -71.87 -2.71
CA ALA A 59 4.84 -71.83 -4.05
C ALA A 59 3.34 -72.04 -4.00
N GLU A 60 2.64 -71.44 -4.95
CA GLU A 60 1.18 -71.54 -5.03
C GLU A 60 0.73 -71.73 -6.47
N GLY A 61 1.61 -72.27 -7.32
CA GLY A 61 1.43 -72.27 -8.75
C GLY A 61 0.13 -72.87 -9.25
N PHE A 62 -0.70 -73.43 -8.36
CA PHE A 62 -1.95 -74.04 -8.78
C PHE A 62 -3.14 -73.09 -8.72
N LEU A 63 -2.96 -71.85 -8.27
CA LEU A 63 -4.06 -70.89 -8.36
C LEU A 63 -4.15 -70.27 -9.76
N PRO A 64 -3.07 -69.68 -10.31
CA PRO A 64 -3.19 -69.13 -11.67
C PRO A 64 -3.03 -70.18 -12.75
N GLU A 65 -2.29 -71.25 -12.44
CA GLU A 65 -2.13 -72.40 -13.31
C GLU A 65 -1.56 -72.01 -14.68
N ASP A 66 -0.28 -71.63 -14.67
CA ASP A 66 0.50 -71.46 -15.88
C ASP A 66 0.03 -70.27 -16.72
N GLY A 67 -1.10 -69.68 -16.36
CA GLY A 67 -1.59 -68.50 -17.03
C GLY A 67 -0.78 -67.28 -16.64
N SER A 68 -1.27 -66.12 -17.06
CA SER A 68 -0.64 -64.87 -16.65
C SER A 68 -0.74 -64.75 -15.14
N GLY A 69 -1.96 -64.55 -14.64
CA GLY A 69 -2.19 -64.61 -13.20
C GLY A 69 -1.27 -63.72 -12.39
N ARG A 70 -0.98 -62.53 -12.88
CA ARG A 70 -0.02 -61.67 -12.21
C ARG A 70 -0.54 -61.27 -10.84
N ILE A 71 0.39 -61.14 -9.90
CA ILE A 71 0.07 -60.69 -8.55
C ILE A 71 0.01 -59.17 -8.56
N VAL A 72 -1.12 -58.62 -8.11
CA VAL A 72 -1.32 -57.17 -8.18
C VAL A 72 -0.93 -56.46 -6.90
N GLY A 73 -0.57 -57.20 -5.85
CA GLY A 73 -0.20 -56.55 -4.61
C GLY A 73 0.29 -57.51 -3.54
N VAL A 74 1.37 -57.14 -2.88
CA VAL A 74 1.94 -57.91 -1.78
C VAL A 74 2.09 -56.96 -0.60
N GLN A 75 1.67 -57.40 0.58
CA GLN A 75 1.75 -56.52 1.75
C GLN A 75 2.05 -57.34 3.00
N ASP A 76 3.05 -56.88 3.75
CA ASP A 76 3.31 -57.44 5.06
C ASP A 76 2.23 -57.00 6.05
N LEU A 77 1.89 -57.89 6.98
CA LEU A 77 0.85 -57.62 7.96
C LEU A 77 1.41 -57.25 9.32
N LEU A 78 2.61 -56.68 9.35
CA LEU A 78 3.26 -56.18 10.57
C LEU A 78 3.43 -57.37 11.52
N ASP A 79 2.98 -57.27 12.77
CA ASP A 79 3.20 -58.29 13.78
C ASP A 79 2.27 -59.49 13.64
N GLN A 80 1.28 -59.42 12.74
CA GLN A 80 0.36 -60.54 12.59
C GLN A 80 1.03 -61.77 12.01
N GLU A 81 2.25 -61.62 11.48
CA GLU A 81 3.02 -62.73 10.92
C GLU A 81 2.26 -63.43 9.79
N SER A 82 1.99 -62.62 8.77
CA SER A 82 1.28 -63.15 7.58
C SER A 82 1.49 -62.17 6.43
N VAL A 83 1.29 -62.64 5.21
CA VAL A 83 1.45 -61.82 4.01
C VAL A 83 0.16 -61.94 3.20
N CYS A 84 -0.60 -60.85 3.12
CA CYS A 84 -1.77 -60.83 2.24
C CYS A 84 -1.33 -60.69 0.80
N VAL A 85 -1.94 -61.48 -0.08
CA VAL A 85 -1.59 -61.49 -1.50
C VAL A 85 -2.86 -61.43 -2.32
N ALA A 86 -2.88 -60.55 -3.32
CA ALA A 86 -4.02 -60.38 -4.20
C ALA A 86 -3.60 -60.67 -5.64
N THR A 87 -4.39 -61.48 -6.34
CA THR A 87 -4.09 -61.85 -7.70
C THR A 87 -5.01 -61.13 -8.68
N ALA A 88 -4.53 -61.00 -9.92
CA ALA A 88 -5.32 -60.35 -10.95
C ALA A 88 -6.61 -61.09 -11.25
N SER A 89 -6.66 -62.40 -10.99
CA SER A 89 -7.87 -63.16 -11.27
C SER A 89 -9.02 -62.69 -10.40
N GLY A 90 -8.74 -62.13 -9.23
CA GLY A 90 -9.79 -61.65 -8.36
C GLY A 90 -9.87 -62.44 -7.06
N ASP A 91 -8.74 -62.93 -6.59
CA ASP A 91 -8.68 -63.69 -5.35
C ASP A 91 -7.69 -63.05 -4.39
N VAL A 92 -8.10 -62.93 -3.13
CA VAL A 92 -7.28 -62.38 -2.06
C VAL A 92 -7.09 -63.46 -1.02
N ILE A 93 -5.82 -63.80 -0.76
CA ILE A 93 -5.49 -64.87 0.16
C ILE A 93 -4.55 -64.33 1.23
N LEU A 94 -4.46 -65.09 2.32
CA LEU A 94 -3.61 -64.76 3.46
C LEU A 94 -2.65 -65.91 3.67
N CYS A 95 -1.40 -65.73 3.26
CA CYS A 95 -0.41 -66.79 3.38
C CYS A 95 0.15 -66.82 4.80
N SER A 96 1.18 -67.64 4.98
CA SER A 96 1.81 -67.77 6.33
C SER A 96 3.27 -68.16 6.15
N LEU A 97 4.12 -67.81 7.12
CA LEU A 97 5.54 -68.11 7.07
C LEU A 97 5.85 -69.35 7.88
N SER A 98 6.84 -70.12 7.42
CA SER A 98 7.34 -71.34 8.04
C SER A 98 6.33 -72.47 8.02
N THR A 99 5.12 -72.22 7.51
CA THR A 99 4.07 -73.27 7.47
C THR A 99 3.70 -73.60 6.02
N GLN A 100 3.94 -72.68 5.08
CA GLN A 100 3.69 -72.91 3.66
C GLN A 100 2.25 -73.39 3.44
N GLN A 101 1.32 -72.71 4.09
CA GLN A 101 -0.10 -73.01 3.95
C GLN A 101 -0.83 -71.78 3.47
N LEU A 102 -1.85 -72.00 2.64
CA LEU A 102 -2.61 -70.94 2.03
C LEU A 102 -3.93 -70.75 2.77
N GLU A 103 -4.56 -69.60 2.54
CA GLU A 103 -5.85 -69.30 3.14
C GLU A 103 -6.57 -68.31 2.24
N CYS A 104 -7.45 -68.82 1.38
CA CYS A 104 -8.29 -67.93 0.58
C CYS A 104 -9.30 -67.24 1.47
N VAL A 105 -9.36 -65.91 1.39
CA VAL A 105 -10.20 -65.15 2.29
C VAL A 105 -11.24 -64.36 1.51
N GLY A 106 -10.91 -63.97 0.28
CA GLY A 106 -11.84 -63.17 -0.48
C GLY A 106 -11.84 -63.46 -1.96
N SER A 107 -13.01 -63.40 -2.60
CA SER A 107 -13.13 -63.64 -4.02
C SER A 107 -13.96 -62.52 -4.63
N VAL A 108 -13.53 -62.03 -5.79
CA VAL A 108 -14.23 -60.98 -6.52
C VAL A 108 -14.46 -61.46 -7.95
N ALA A 109 -15.67 -61.25 -8.44
CA ALA A 109 -16.01 -61.70 -9.79
C ALA A 109 -15.27 -60.93 -10.88
N SER A 110 -14.62 -59.83 -10.55
CA SER A 110 -13.90 -59.03 -11.53
C SER A 110 -12.47 -58.84 -11.06
N GLY A 111 -11.61 -58.50 -12.01
CA GLY A 111 -10.20 -58.31 -11.74
C GLY A 111 -9.93 -57.22 -10.72
N ILE A 112 -8.97 -57.48 -9.82
CA ILE A 112 -8.57 -56.51 -8.80
C ILE A 112 -7.38 -55.77 -9.37
N SER A 113 -7.62 -54.58 -9.92
CA SER A 113 -6.56 -53.84 -10.59
C SER A 113 -5.50 -53.38 -9.60
N VAL A 114 -5.92 -52.77 -8.49
CA VAL A 114 -4.99 -52.22 -7.51
C VAL A 114 -5.49 -52.54 -6.11
N MET A 115 -4.56 -52.95 -5.25
CA MET A 115 -4.84 -53.21 -3.85
C MET A 115 -3.90 -52.37 -3.01
N SER A 116 -4.47 -51.58 -2.09
CA SER A 116 -3.69 -50.69 -1.26
C SER A 116 -4.15 -50.77 0.18
N TRP A 117 -3.24 -50.46 1.10
CA TRP A 117 -3.48 -50.59 2.53
C TRP A 117 -3.33 -49.25 3.22
N SER A 118 -4.06 -49.09 4.32
CA SER A 118 -3.92 -47.91 5.14
C SER A 118 -2.56 -47.89 5.82
N PRO A 119 -2.04 -46.71 6.14
CA PRO A 119 -0.76 -46.66 6.84
C PRO A 119 -0.77 -47.35 8.19
N ASP A 120 -1.90 -47.34 8.88
CA ASP A 120 -2.02 -48.01 10.16
C ASP A 120 -2.40 -49.48 10.01
N GLN A 121 -2.56 -49.96 8.78
CA GLN A 121 -2.95 -51.35 8.50
C GLN A 121 -4.24 -51.72 9.24
N GLU A 122 -5.27 -50.92 9.00
CA GLU A 122 -6.59 -51.20 9.54
C GLU A 122 -7.66 -51.34 8.49
N LEU A 123 -7.56 -50.59 7.39
CA LEU A 123 -8.53 -50.64 6.31
C LEU A 123 -7.79 -50.92 5.02
N VAL A 124 -8.42 -51.71 4.14
CA VAL A 124 -7.82 -52.06 2.87
C VAL A 124 -8.82 -51.81 1.76
N LEU A 125 -8.34 -51.35 0.61
CA LEU A 125 -9.18 -50.93 -0.50
C LEU A 125 -8.95 -51.81 -1.70
N LEU A 126 -10.02 -52.14 -2.42
CA LEU A 126 -9.93 -52.95 -3.62
C LEU A 126 -10.54 -52.19 -4.79
N ALA A 127 -9.78 -52.10 -5.89
CA ALA A 127 -10.23 -51.45 -7.11
C ALA A 127 -10.63 -52.55 -8.09
N THR A 128 -11.89 -52.96 -8.03
CA THR A 128 -12.36 -54.06 -8.85
C THR A 128 -12.40 -53.66 -10.33
N GLY A 129 -12.55 -54.66 -11.18
CA GLY A 129 -12.77 -54.38 -12.58
C GLY A 129 -14.15 -53.86 -12.91
N GLN A 130 -15.05 -53.86 -11.92
CA GLN A 130 -16.40 -53.35 -12.09
C GLN A 130 -16.50 -51.86 -11.84
N GLN A 131 -15.36 -51.15 -11.75
CA GLN A 131 -15.35 -49.72 -11.48
C GLN A 131 -16.09 -49.41 -10.19
N THR A 132 -15.91 -50.26 -9.20
CA THR A 132 -16.59 -50.12 -7.91
C THR A 132 -15.57 -50.43 -6.82
N LEU A 133 -14.94 -49.38 -6.31
CA LEU A 133 -14.00 -49.53 -5.21
C LEU A 133 -14.72 -50.07 -3.97
N ILE A 134 -14.02 -50.91 -3.22
CA ILE A 134 -14.61 -51.61 -2.09
C ILE A 134 -13.71 -51.44 -0.87
N MET A 135 -14.33 -51.31 0.30
CA MET A 135 -13.60 -51.30 1.56
C MET A 135 -13.73 -52.62 2.31
N MET A 136 -12.59 -53.20 2.67
CA MET A 136 -12.52 -54.32 3.59
C MET A 136 -11.89 -53.85 4.90
N THR A 137 -12.44 -54.35 6.00
CA THR A 137 -11.86 -54.11 7.32
C THR A 137 -10.58 -54.93 7.44
N LYS A 138 -9.83 -54.71 8.53
CA LYS A 138 -8.55 -55.39 8.70
C LYS A 138 -8.70 -56.91 8.58
N ASP A 139 -9.81 -57.46 9.04
CA ASP A 139 -10.07 -58.88 8.93
C ASP A 139 -11.06 -59.20 7.81
N PHE A 140 -11.04 -58.41 6.74
CA PHE A 140 -11.79 -58.70 5.52
C PHE A 140 -13.29 -58.75 5.77
N GLU A 141 -13.78 -57.80 6.56
CA GLU A 141 -15.21 -57.62 6.74
C GLU A 141 -15.68 -56.54 5.78
N PRO A 142 -16.67 -56.81 4.93
CA PRO A 142 -17.12 -55.79 3.99
C PRO A 142 -17.66 -54.57 4.70
N ILE A 143 -17.35 -53.40 4.15
CA ILE A 143 -17.82 -52.13 4.69
C ILE A 143 -18.74 -51.42 3.70
N LEU A 144 -18.22 -51.10 2.51
CA LEU A 144 -19.03 -50.39 1.55
C LEU A 144 -18.45 -50.57 0.16
N GLU A 145 -19.31 -50.37 -0.84
CA GLU A 145 -19.00 -50.52 -2.26
C GLU A 145 -19.62 -49.34 -2.99
N GLN A 146 -18.81 -48.38 -3.39
CA GLN A 146 -19.29 -47.20 -4.09
C GLN A 146 -18.80 -47.21 -5.53
N GLN A 147 -19.63 -46.63 -6.41
CA GLN A 147 -19.22 -46.45 -7.79
C GLN A 147 -18.12 -45.41 -7.89
N ILE A 148 -17.33 -45.51 -8.95
CA ILE A 148 -16.22 -44.58 -9.12
C ILE A 148 -16.55 -43.51 -10.16
N HIS A 149 -17.50 -43.76 -11.05
CA HIS A 149 -17.86 -42.81 -12.11
C HIS A 149 -19.10 -41.99 -11.76
N GLN A 150 -19.36 -41.76 -10.48
CA GLN A 150 -20.43 -40.85 -10.10
C GLN A 150 -20.09 -39.44 -10.53
N ASP A 151 -21.12 -38.68 -10.88
CA ASP A 151 -20.94 -37.40 -11.56
C ASP A 151 -21.04 -36.19 -10.65
N ASP A 152 -21.81 -36.25 -9.57
CA ASP A 152 -21.98 -35.08 -8.71
C ASP A 152 -20.66 -34.71 -8.05
N PHE A 153 -20.52 -33.42 -7.71
CA PHE A 153 -19.25 -32.94 -7.17
C PHE A 153 -18.91 -33.61 -5.86
N GLY A 154 -19.86 -33.64 -4.93
CA GLY A 154 -19.61 -34.25 -3.64
C GLY A 154 -20.18 -33.49 -2.47
N GLU A 155 -19.33 -33.18 -1.49
CA GLU A 155 -19.76 -32.49 -0.27
C GLU A 155 -19.19 -31.09 -0.14
N SER A 156 -17.87 -30.95 -0.15
CA SER A 156 -17.23 -29.66 0.10
C SER A 156 -17.40 -28.76 -1.13
N LYS A 157 -18.64 -28.31 -1.32
CA LYS A 157 -18.94 -27.39 -2.40
C LYS A 157 -18.44 -26.00 -2.05
N PHE A 158 -18.60 -25.07 -2.98
CA PHE A 158 -18.22 -23.69 -2.78
C PHE A 158 -19.47 -22.83 -2.71
N ILE A 159 -19.57 -22.02 -1.66
CA ILE A 159 -20.69 -21.09 -1.50
C ILE A 159 -20.34 -19.83 -2.27
N THR A 160 -21.14 -19.52 -3.29
CA THR A 160 -20.86 -18.42 -4.21
C THR A 160 -22.04 -17.47 -4.26
N VAL A 161 -21.74 -16.18 -4.29
CA VAL A 161 -22.75 -15.17 -4.51
C VAL A 161 -22.72 -14.77 -5.97
N GLY A 162 -23.83 -14.22 -6.46
CA GLY A 162 -23.96 -13.92 -7.87
C GLY A 162 -23.16 -12.74 -8.36
N TRP A 163 -22.54 -11.98 -7.46
CA TRP A 163 -21.78 -10.81 -7.87
C TRP A 163 -20.58 -11.24 -8.70
N GLY A 164 -20.39 -10.57 -9.84
CA GLY A 164 -19.31 -10.89 -10.75
C GLY A 164 -19.36 -10.08 -12.03
N GLU A 186 -8.67 -31.50 -25.15
CA GLU A 186 -7.54 -32.42 -25.11
C GLU A 186 -7.88 -33.68 -24.34
N SER A 187 -7.82 -34.82 -25.03
CA SER A 187 -8.13 -36.10 -24.40
C SER A 187 -6.94 -36.56 -23.56
N ALA A 188 -7.02 -37.78 -23.06
CA ALA A 188 -5.94 -38.31 -22.23
C ALA A 188 -4.71 -38.61 -23.08
N LEU A 189 -3.57 -38.65 -22.42
CA LEU A 189 -2.32 -38.91 -23.12
C LEU A 189 -2.33 -40.33 -23.70
N PRO A 190 -1.96 -40.49 -24.96
CA PRO A 190 -2.06 -41.82 -25.59
C PRO A 190 -1.24 -42.89 -24.92
N TRP A 191 -0.08 -42.55 -24.36
CA TRP A 191 0.79 -43.53 -23.73
C TRP A 191 0.37 -43.86 -22.31
N ASP A 192 -0.84 -43.51 -21.92
CA ASP A 192 -1.34 -43.75 -20.56
C ASP A 192 -2.31 -44.93 -20.62
N ASP A 193 -1.90 -46.05 -20.05
CA ASP A 193 -2.81 -47.18 -19.91
C ASP A 193 -3.89 -46.86 -18.89
N HIS A 194 -5.12 -47.22 -19.21
CA HIS A 194 -6.24 -46.92 -18.34
C HIS A 194 -6.11 -47.75 -17.06
N ARG A 195 -5.70 -47.10 -15.98
CA ARG A 195 -5.42 -47.85 -14.77
C ARG A 195 -5.57 -46.98 -13.53
N PRO A 196 -6.43 -47.38 -12.58
CA PRO A 196 -6.60 -46.58 -11.37
C PRO A 196 -5.35 -46.59 -10.50
N GLN A 197 -5.16 -45.51 -9.75
CA GLN A 197 -4.06 -45.37 -8.80
C GLN A 197 -4.60 -44.82 -7.50
N VAL A 198 -4.12 -45.37 -6.39
CA VAL A 198 -4.62 -45.00 -5.06
C VAL A 198 -3.45 -44.53 -4.21
N THR A 199 -3.75 -43.66 -3.24
CA THR A 199 -2.76 -43.17 -2.30
C THR A 199 -3.44 -42.93 -0.95
N TRP A 200 -2.66 -42.48 0.02
CA TRP A 200 -3.16 -42.21 1.36
C TRP A 200 -2.40 -41.01 1.91
N ARG A 201 -2.99 -40.37 2.91
CA ARG A 201 -2.29 -39.30 3.60
C ARG A 201 -1.58 -39.88 4.84
N GLY A 202 -0.65 -39.08 5.38
CA GLY A 202 0.21 -39.59 6.43
C GLY A 202 -0.55 -40.05 7.66
N ASP A 203 -1.53 -39.26 8.09
CA ASP A 203 -2.30 -39.59 9.28
C ASP A 203 -3.46 -40.53 9.00
N GLY A 204 -3.65 -40.94 7.75
CA GLY A 204 -4.72 -41.87 7.43
C GLY A 204 -6.12 -41.31 7.65
N GLN A 205 -6.37 -40.09 7.20
CA GLN A 205 -7.68 -39.48 7.34
C GLN A 205 -8.37 -39.25 6.00
N PHE A 206 -7.65 -39.32 4.89
CA PHE A 206 -8.23 -39.08 3.58
C PHE A 206 -7.48 -39.91 2.56
N PHE A 207 -8.10 -40.08 1.39
CA PHE A 207 -7.37 -40.72 0.30
C PHE A 207 -7.89 -40.21 -1.04
N ALA A 208 -7.11 -40.48 -2.07
CA ALA A 208 -7.35 -39.92 -3.40
C ALA A 208 -7.37 -41.04 -4.43
N VAL A 209 -8.25 -40.91 -5.42
CA VAL A 209 -8.38 -41.89 -6.48
C VAL A 209 -8.28 -41.19 -7.82
N SER A 210 -7.46 -41.71 -8.71
CA SER A 210 -7.31 -41.21 -10.06
C SER A 210 -7.88 -42.21 -11.04
N VAL A 211 -8.57 -41.71 -12.08
CA VAL A 211 -9.17 -42.57 -13.09
C VAL A 211 -9.49 -41.71 -14.29
N VAL A 212 -9.47 -42.32 -15.47
CA VAL A 212 -9.88 -41.65 -16.69
C VAL A 212 -11.40 -41.59 -16.73
N CYS A 213 -11.94 -40.52 -17.31
CA CYS A 213 -13.38 -40.32 -17.35
C CYS A 213 -13.91 -40.73 -18.71
N PRO A 214 -14.70 -41.80 -18.81
CA PRO A 214 -15.28 -42.16 -20.11
C PRO A 214 -16.16 -41.08 -20.69
N GLU A 215 -16.86 -40.33 -19.83
CA GLU A 215 -17.66 -39.21 -20.31
C GLU A 215 -16.78 -38.16 -20.96
N THR A 216 -15.63 -37.85 -20.36
CA THR A 216 -14.74 -36.80 -20.84
C THR A 216 -13.64 -37.36 -21.72
N GLY A 217 -12.86 -38.31 -21.21
CA GLY A 217 -11.70 -38.82 -21.92
C GLY A 217 -10.37 -38.39 -21.35
N ALA A 218 -10.35 -37.81 -20.16
CA ALA A 218 -9.11 -37.41 -19.51
C ALA A 218 -9.16 -37.84 -18.05
N ARG A 219 -8.00 -37.80 -17.41
CA ARG A 219 -7.94 -38.18 -16.00
C ARG A 219 -8.71 -37.18 -15.15
N LYS A 220 -9.19 -37.66 -13.99
CA LYS A 220 -10.01 -36.84 -13.12
C LYS A 220 -9.92 -37.41 -11.71
N VAL A 221 -9.40 -36.60 -10.79
CA VAL A 221 -9.14 -37.09 -9.44
C VAL A 221 -10.36 -36.86 -8.55
N ARG A 222 -10.55 -37.75 -7.59
CA ARG A 222 -11.57 -37.58 -6.58
C ARG A 222 -10.95 -37.82 -5.22
N VAL A 223 -11.49 -37.18 -4.19
CA VAL A 223 -10.99 -37.32 -2.82
C VAL A 223 -12.09 -37.87 -1.94
N TRP A 224 -11.78 -38.91 -1.18
CA TRP A 224 -12.71 -39.48 -0.22
C TRP A 224 -12.20 -39.32 1.20
N ASN A 225 -13.15 -39.10 2.10
CA ASN A 225 -12.91 -39.19 3.52
C ASN A 225 -12.66 -40.64 3.91
N ARG A 226 -12.21 -40.84 5.14
CA ARG A 226 -11.92 -42.19 5.61
C ARG A 226 -13.16 -43.06 5.62
N GLU A 227 -14.35 -42.46 5.69
CA GLU A 227 -15.59 -43.20 5.80
C GLU A 227 -16.45 -43.10 4.55
N PHE A 228 -15.83 -42.99 3.37
CA PHE A 228 -16.55 -42.83 2.11
C PHE A 228 -17.50 -41.64 2.17
N ALA A 229 -16.91 -40.46 2.37
CA ALA A 229 -17.64 -39.21 2.25
C ALA A 229 -16.95 -38.43 1.12
N LEU A 230 -17.53 -38.49 -0.07
CA LEU A 230 -16.94 -37.79 -1.20
C LEU A 230 -16.80 -36.31 -0.89
N GLN A 231 -15.56 -35.84 -0.89
CA GLN A 231 -15.27 -34.47 -0.49
C GLN A 231 -15.17 -33.53 -1.68
N SER A 232 -14.36 -33.87 -2.68
CA SER A 232 -14.18 -32.96 -3.80
C SER A 232 -13.70 -33.72 -5.02
N THR A 233 -13.85 -33.08 -6.17
CA THR A 233 -13.50 -33.63 -7.46
C THR A 233 -12.53 -32.69 -8.15
N SER A 234 -11.67 -33.25 -8.99
CA SER A 234 -10.65 -32.46 -9.67
C SER A 234 -11.27 -31.47 -10.64
N GLU A 235 -10.63 -30.31 -10.75
CA GLU A 235 -10.97 -29.35 -11.79
C GLU A 235 -10.52 -29.88 -13.14
N PRO A 236 -11.20 -29.48 -14.21
CA PRO A 236 -10.84 -29.99 -15.54
C PRO A 236 -9.54 -29.39 -16.07
N VAL A 237 -8.42 -29.92 -15.62
CA VAL A 237 -7.11 -29.51 -16.14
C VAL A 237 -6.79 -30.35 -17.36
N ALA A 238 -6.19 -29.72 -18.37
CA ALA A 238 -5.85 -30.39 -19.62
C ALA A 238 -4.44 -30.96 -19.53
N GLY A 239 -4.26 -32.14 -20.09
CA GLY A 239 -2.95 -32.76 -20.10
C GLY A 239 -2.54 -33.45 -18.82
N LEU A 240 -3.48 -33.88 -18.00
CA LEU A 240 -3.14 -34.57 -16.76
C LEU A 240 -2.50 -35.91 -17.06
N GLY A 241 -1.58 -36.32 -16.19
CA GLY A 241 -0.89 -37.57 -16.36
C GLY A 241 -1.40 -38.65 -15.41
N PRO A 242 -0.91 -39.87 -15.58
CA PRO A 242 -1.31 -40.98 -14.71
C PRO A 242 -0.38 -41.16 -13.52
N ALA A 243 -0.22 -40.11 -12.72
CA ALA A 243 0.61 -40.17 -11.53
C ALA A 243 -0.18 -39.64 -10.35
N LEU A 244 0.13 -40.15 -9.17
CA LEU A 244 -0.58 -39.74 -7.97
C LEU A 244 0.26 -40.08 -6.75
N ALA A 245 0.51 -39.09 -5.91
CA ALA A 245 1.31 -39.31 -4.72
C ALA A 245 0.98 -38.23 -3.70
N TRP A 246 0.49 -38.63 -2.54
CA TRP A 246 0.15 -37.70 -1.48
C TRP A 246 1.34 -37.54 -0.53
N LYS A 247 1.76 -36.30 -0.33
CA LYS A 247 2.83 -36.04 0.62
C LYS A 247 2.40 -36.46 2.02
N PRO A 248 3.21 -37.22 2.73
CA PRO A 248 2.79 -37.75 4.03
C PRO A 248 2.28 -36.70 4.99
N SER A 249 3.09 -35.71 5.31
CA SER A 249 2.65 -34.60 6.13
C SER A 249 2.15 -33.48 5.22
N GLY A 250 1.59 -32.44 5.83
CA GLY A 250 1.11 -31.34 5.03
C GLY A 250 -0.06 -31.77 4.15
N SER A 251 -0.23 -31.05 3.06
CA SER A 251 -1.28 -31.38 2.11
C SER A 251 -0.81 -30.99 0.71
N LEU A 252 -0.20 -31.96 0.02
CA LEU A 252 0.19 -31.80 -1.36
C LEU A 252 -0.04 -33.12 -2.08
N ILE A 253 -0.53 -33.06 -3.31
CA ILE A 253 -0.67 -34.24 -4.15
C ILE A 253 -0.06 -33.92 -5.51
N ALA A 254 0.89 -34.73 -5.93
CA ALA A 254 1.69 -34.43 -7.12
C ALA A 254 1.11 -35.10 -8.35
N SER A 255 1.33 -34.48 -9.51
CA SER A 255 0.94 -35.04 -10.79
C SER A 255 1.69 -34.32 -11.89
N THR A 256 1.41 -34.70 -13.14
CA THR A 256 2.06 -34.11 -14.31
C THR A 256 1.04 -33.46 -15.22
N GLN A 257 1.46 -32.38 -15.88
CA GLN A 257 0.56 -31.53 -16.65
C GLN A 257 1.17 -31.24 -18.02
N ASP A 258 1.55 -32.29 -18.74
CA ASP A 258 2.22 -32.13 -20.03
C ASP A 258 1.54 -31.10 -20.90
N LYS A 259 2.22 -29.98 -21.13
CA LYS A 259 1.69 -28.86 -21.89
C LYS A 259 2.23 -28.89 -23.31
N PRO A 260 1.70 -28.04 -24.19
CA PRO A 260 2.20 -28.02 -25.57
C PRO A 260 3.65 -27.61 -25.70
N ASN A 261 4.26 -27.04 -24.66
CA ASN A 261 5.62 -26.54 -24.79
C ASN A 261 6.59 -27.15 -23.80
N GLN A 262 6.14 -27.45 -22.58
CA GLN A 262 7.04 -27.96 -21.56
C GLN A 262 6.33 -28.99 -20.71
N GLN A 263 7.14 -29.74 -19.97
CA GLN A 263 6.66 -30.81 -19.09
C GLN A 263 6.83 -30.35 -17.64
N ASP A 264 5.73 -30.32 -16.90
CA ASP A 264 5.74 -29.76 -15.56
C ASP A 264 5.10 -30.71 -14.57
N ILE A 265 5.49 -30.53 -13.31
CA ILE A 265 4.94 -31.25 -12.17
C ILE A 265 4.13 -30.28 -11.34
N VAL A 266 2.87 -30.64 -11.07
CA VAL A 266 1.93 -29.76 -10.42
C VAL A 266 1.41 -30.42 -9.14
N PHE A 267 0.77 -29.60 -8.31
CA PHE A 267 0.25 -30.03 -7.02
C PHE A 267 -1.22 -29.65 -6.91
N PHE A 268 -2.00 -30.51 -6.28
CA PHE A 268 -3.36 -30.20 -5.90
C PHE A 268 -3.42 -29.97 -4.39
N GLU A 269 -4.63 -29.87 -3.87
CA GLU A 269 -4.87 -29.88 -2.43
C GLU A 269 -6.22 -30.56 -2.18
N LYS A 270 -6.69 -30.50 -0.94
CA LYS A 270 -7.88 -31.27 -0.56
C LYS A 270 -9.09 -30.84 -1.36
N ASN A 271 -9.27 -29.54 -1.58
CA ASN A 271 -10.42 -29.07 -2.33
C ASN A 271 -10.37 -29.48 -3.79
N GLY A 272 -9.20 -29.87 -4.29
CA GLY A 272 -9.09 -30.25 -5.67
C GLY A 272 -8.75 -29.12 -6.61
N LEU A 273 -7.81 -28.25 -6.23
CA LEU A 273 -7.41 -27.12 -7.07
C LEU A 273 -5.90 -27.12 -7.26
N LEU A 274 -5.48 -26.73 -8.45
CA LEU A 274 -4.06 -26.63 -8.74
C LEU A 274 -3.42 -25.53 -7.89
N HIS A 275 -2.21 -25.78 -7.41
CA HIS A 275 -1.53 -24.83 -6.54
C HIS A 275 -0.03 -25.08 -6.60
N GLY A 276 0.68 -24.29 -7.38
CA GLY A 276 2.11 -24.40 -7.48
C GLY A 276 2.56 -25.53 -8.38
N HIS A 277 3.76 -25.36 -8.95
CA HIS A 277 4.30 -26.33 -9.89
C HIS A 277 5.77 -26.00 -10.14
N PHE A 278 6.44 -26.90 -10.85
CA PHE A 278 7.80 -26.64 -11.32
C PHE A 278 8.02 -27.42 -12.61
N THR A 279 9.18 -27.16 -13.23
CA THR A 279 9.43 -27.58 -14.61
C THR A 279 10.52 -28.64 -14.67
N LEU A 280 10.25 -29.71 -15.40
CA LEU A 280 11.25 -30.74 -15.64
C LEU A 280 12.20 -30.30 -16.74
N PRO A 281 13.51 -30.34 -16.51
CA PRO A 281 14.49 -29.75 -17.44
C PRO A 281 14.79 -30.64 -18.64
N PHE A 282 13.74 -31.04 -19.37
CA PHE A 282 13.91 -31.83 -20.58
C PHE A 282 13.27 -31.17 -21.79
N LEU A 283 13.18 -31.91 -22.89
CA LEU A 283 12.64 -31.40 -24.14
C LEU A 283 11.12 -31.50 -24.14
N LYS A 284 10.50 -31.00 -25.21
CA LYS A 284 9.05 -30.95 -25.27
C LYS A 284 8.44 -32.35 -25.29
N ASP A 285 8.89 -33.20 -26.22
CA ASP A 285 8.40 -34.57 -26.34
C ASP A 285 9.62 -35.47 -26.39
N GLU A 286 10.12 -35.84 -25.23
CA GLU A 286 11.27 -36.72 -25.15
C GLU A 286 11.14 -37.83 -24.10
N VAL A 287 10.33 -37.65 -23.07
CA VAL A 287 10.26 -38.57 -21.94
C VAL A 287 8.81 -38.72 -21.51
N LYS A 288 8.63 -39.51 -20.45
CA LYS A 288 7.33 -39.72 -19.83
C LYS A 288 7.56 -40.10 -18.38
N VAL A 289 6.54 -39.88 -17.57
CA VAL A 289 6.63 -40.12 -16.13
C VAL A 289 6.05 -41.49 -15.82
N ASN A 290 6.70 -42.23 -14.92
CA ASN A 290 6.21 -43.53 -14.50
C ASN A 290 5.59 -43.51 -13.11
N ASP A 291 6.28 -42.96 -12.12
CA ASP A 291 5.73 -42.93 -10.77
C ASP A 291 6.44 -41.86 -9.95
N LEU A 292 5.79 -41.47 -8.85
CA LEU A 292 6.30 -40.45 -7.96
C LEU A 292 6.24 -40.97 -6.53
N LEU A 293 7.32 -40.84 -5.79
CA LEU A 293 7.37 -41.34 -4.43
C LEU A 293 7.92 -40.28 -3.49
N TRP A 294 7.44 -40.32 -2.25
CA TRP A 294 7.88 -39.45 -1.19
C TRP A 294 8.78 -40.22 -0.24
N ASN A 295 9.69 -39.52 0.42
CA ASN A 295 10.57 -40.16 1.39
C ASN A 295 9.78 -40.43 2.67
N ALA A 296 10.48 -40.83 3.72
CA ALA A 296 9.80 -41.20 4.96
C ALA A 296 9.32 -40.00 5.76
N ASP A 297 9.88 -38.81 5.55
CA ASP A 297 9.53 -37.67 6.39
C ASP A 297 9.13 -36.44 5.57
N SER A 298 8.58 -36.64 4.37
CA SER A 298 8.08 -35.54 3.55
C SER A 298 9.18 -34.51 3.28
N SER A 299 10.35 -35.00 2.90
CA SER A 299 11.48 -34.13 2.65
C SER A 299 12.16 -34.34 1.31
N VAL A 300 12.01 -35.51 0.68
CA VAL A 300 12.66 -35.78 -0.60
C VAL A 300 11.63 -36.39 -1.54
N LEU A 301 11.57 -35.88 -2.77
CA LEU A 301 10.66 -36.40 -3.78
C LEU A 301 11.45 -37.16 -4.83
N ALA A 302 11.04 -38.38 -5.10
CA ALA A 302 11.71 -39.23 -6.09
C ALA A 302 10.82 -39.33 -7.33
N VAL A 303 11.40 -39.03 -8.49
CA VAL A 303 10.68 -39.06 -9.76
C VAL A 303 11.33 -40.10 -10.66
N TRP A 304 10.50 -40.88 -11.33
CA TRP A 304 10.95 -41.93 -12.23
C TRP A 304 10.49 -41.59 -13.63
N LEU A 305 11.44 -41.53 -14.57
CA LEU A 305 11.17 -41.13 -15.94
C LEU A 305 11.58 -42.23 -16.89
N GLU A 306 11.03 -42.17 -18.10
CA GLU A 306 11.29 -43.18 -19.10
C GLU A 306 11.35 -42.49 -20.46
N ASP A 307 12.29 -42.94 -21.29
CA ASP A 307 12.48 -42.34 -22.59
C ASP A 307 11.38 -42.79 -23.55
N LEU A 308 10.62 -41.83 -24.05
CA LEU A 308 9.45 -42.15 -24.86
C LEU A 308 9.82 -42.56 -26.28
N GLN A 309 10.82 -41.91 -26.88
CA GLN A 309 11.10 -42.10 -28.29
C GLN A 309 12.56 -42.48 -28.52
N ARG A 310 13.01 -42.37 -29.77
CA ARG A 310 14.37 -42.71 -30.17
C ARG A 310 14.66 -44.18 -29.84
N GLU A 311 13.95 -45.04 -30.57
CA GLU A 311 14.08 -46.48 -30.39
C GLU A 311 15.39 -47.02 -30.95
N GLU A 312 16.20 -46.18 -31.60
CA GLU A 312 17.47 -46.62 -32.15
C GLU A 312 18.38 -47.17 -31.05
N SER A 313 18.45 -46.47 -29.93
CA SER A 313 19.16 -46.95 -28.76
C SER A 313 18.27 -47.77 -27.84
N SER A 314 17.01 -47.99 -28.23
CA SER A 314 16.06 -48.79 -27.48
C SER A 314 15.88 -48.25 -26.06
N ILE A 315 15.37 -47.02 -26.00
CA ILE A 315 15.14 -46.31 -24.74
C ILE A 315 16.47 -46.22 -24.00
N PRO A 316 17.42 -45.42 -24.48
CA PRO A 316 18.73 -45.34 -23.81
C PRO A 316 18.65 -44.77 -22.41
N LYS A 317 17.58 -44.05 -22.09
CA LYS A 317 17.49 -43.31 -20.84
C LYS A 317 16.36 -43.87 -19.98
N THR A 318 16.68 -44.14 -18.72
CA THR A 318 15.65 -44.39 -17.71
C THR A 318 16.18 -43.80 -16.41
N CYS A 319 15.80 -42.56 -16.11
CA CYS A 319 16.43 -41.81 -15.05
C CYS A 319 15.50 -41.65 -13.86
N VAL A 320 16.05 -41.79 -12.67
CA VAL A 320 15.36 -41.47 -11.43
C VAL A 320 16.09 -40.32 -10.77
N GLN A 321 15.33 -39.28 -10.42
CA GLN A 321 15.91 -38.06 -9.90
C GLN A 321 15.31 -37.73 -8.54
N LEU A 322 16.11 -37.08 -7.71
CA LEU A 322 15.70 -36.68 -6.37
C LEU A 322 15.62 -35.16 -6.30
N TRP A 323 14.50 -34.67 -5.79
CA TRP A 323 14.24 -33.24 -5.71
C TRP A 323 13.89 -32.85 -4.29
N THR A 324 14.43 -31.72 -3.84
CA THR A 324 14.11 -31.15 -2.54
C THR A 324 13.70 -29.70 -2.72
N VAL A 325 13.15 -29.12 -1.66
CA VAL A 325 12.67 -27.74 -1.68
C VAL A 325 13.39 -26.96 -0.60
N GLY A 326 13.81 -25.75 -0.93
CA GLY A 326 14.39 -24.85 0.04
C GLY A 326 13.45 -23.71 0.35
N ASN A 327 13.76 -22.52 -0.12
CA ASN A 327 12.88 -21.37 0.01
C ASN A 327 11.95 -21.32 -1.19
N TYR A 328 11.08 -22.32 -1.26
CA TYR A 328 10.16 -22.50 -2.39
C TYR A 328 10.92 -22.55 -3.71
N HIS A 329 12.05 -23.25 -3.72
CA HIS A 329 12.80 -23.50 -4.94
C HIS A 329 13.16 -24.98 -4.98
N TRP A 330 12.64 -25.69 -5.98
CA TRP A 330 12.85 -27.13 -6.07
C TRP A 330 14.21 -27.40 -6.70
N TYR A 331 15.15 -27.85 -5.89
CA TYR A 331 16.47 -28.18 -6.39
C TYR A 331 16.49 -29.58 -7.01
N LEU A 332 17.54 -29.85 -7.76
CA LEU A 332 17.80 -31.18 -8.33
C LEU A 332 19.06 -31.71 -7.68
N LYS A 333 18.90 -32.61 -6.72
CA LYS A 333 20.04 -33.03 -5.90
C LYS A 333 20.85 -34.13 -6.58
N GLN A 334 20.25 -35.29 -6.81
CA GLN A 334 20.96 -36.42 -7.36
C GLN A 334 20.17 -37.07 -8.49
N SER A 335 20.93 -37.62 -9.45
CA SER A 335 20.37 -38.25 -10.63
C SER A 335 20.97 -39.63 -10.80
N LEU A 336 20.15 -40.61 -11.15
CA LEU A 336 20.61 -41.97 -11.40
C LEU A 336 20.07 -42.44 -12.74
N SER A 337 20.91 -43.12 -13.50
CA SER A 337 20.57 -43.56 -14.85
C SER A 337 20.51 -45.07 -14.90
N PHE A 338 19.59 -45.59 -15.72
CA PHE A 338 19.45 -47.01 -15.96
C PHE A 338 19.12 -47.23 -17.42
N SER A 339 19.69 -48.28 -18.00
CA SER A 339 19.35 -48.69 -19.35
C SER A 339 18.05 -49.48 -19.33
N THR A 340 17.41 -49.53 -20.50
CA THR A 340 16.13 -50.21 -20.65
C THR A 340 16.28 -51.45 -21.54
N CYS A 341 17.43 -52.12 -21.42
CA CYS A 341 17.66 -53.33 -22.21
C CYS A 341 16.68 -54.42 -21.81
N GLY A 342 16.42 -54.56 -20.52
CA GLY A 342 15.55 -55.60 -20.02
C GLY A 342 16.26 -56.49 -19.03
N LYS A 343 17.52 -56.81 -19.32
CA LYS A 343 18.33 -57.57 -18.37
C LYS A 343 18.51 -56.77 -17.08
N SER A 344 18.79 -55.48 -17.22
CA SER A 344 18.87 -54.55 -16.09
C SER A 344 17.83 -53.46 -16.35
N LYS A 345 16.58 -53.75 -15.99
CA LYS A 345 15.48 -52.81 -16.15
C LYS A 345 14.68 -52.80 -14.87
N ILE A 346 14.43 -51.60 -14.34
CA ILE A 346 13.75 -51.47 -13.06
C ILE A 346 12.28 -51.81 -13.24
N VAL A 347 11.76 -52.66 -12.36
CA VAL A 347 10.34 -52.96 -12.34
C VAL A 347 9.65 -52.43 -11.11
N SER A 348 10.38 -52.14 -10.02
CA SER A 348 9.71 -51.60 -8.86
C SER A 348 10.73 -50.85 -8.00
N LEU A 349 10.22 -49.92 -7.20
CA LEU A 349 11.07 -49.17 -6.29
C LEU A 349 10.21 -48.69 -5.13
N MET A 350 10.85 -48.43 -4.00
CA MET A 350 10.11 -48.08 -2.80
C MET A 350 11.04 -47.39 -1.81
N TRP A 351 10.44 -46.64 -0.90
CA TRP A 351 11.18 -46.00 0.20
C TRP A 351 11.01 -46.83 1.46
N ASP A 352 12.05 -46.86 2.28
CA ASP A 352 11.94 -47.57 3.55
C ASP A 352 10.97 -46.84 4.47
N PRO A 353 9.92 -47.52 4.95
CA PRO A 353 8.96 -46.84 5.83
C PRO A 353 9.46 -46.59 7.23
N VAL A 354 10.63 -47.09 7.61
CA VAL A 354 11.12 -46.91 8.97
C VAL A 354 12.23 -45.87 9.08
N THR A 355 13.16 -45.83 8.12
CA THR A 355 14.22 -44.84 8.21
C THR A 355 14.30 -44.03 6.92
N PRO A 356 14.59 -42.75 7.01
CA PRO A 356 14.61 -41.90 5.81
C PRO A 356 15.89 -42.10 5.01
N TYR A 357 15.87 -41.55 3.80
CA TYR A 357 17.04 -41.53 2.92
C TYR A 357 17.56 -42.92 2.63
N ARG A 358 16.64 -43.87 2.46
CA ARG A 358 17.00 -45.23 2.11
C ARG A 358 15.93 -45.79 1.20
N LEU A 359 16.33 -46.24 0.01
CA LEU A 359 15.37 -46.75 -0.95
C LEU A 359 15.80 -48.10 -1.49
N HIS A 360 14.82 -48.87 -1.94
CA HIS A 360 15.01 -50.24 -2.41
C HIS A 360 14.50 -50.32 -3.84
N VAL A 361 15.27 -50.98 -4.71
CA VAL A 361 14.94 -51.07 -6.12
C VAL A 361 15.02 -52.52 -6.56
N LEU A 362 13.98 -52.98 -7.25
CA LEU A 362 13.94 -54.31 -7.83
C LEU A 362 13.89 -54.20 -9.34
N CYS A 363 14.84 -54.86 -10.01
CA CYS A 363 14.97 -54.80 -11.46
C CYS A 363 14.30 -56.01 -12.09
N GLN A 364 14.36 -56.08 -13.42
CA GLN A 364 13.74 -57.20 -14.12
C GLN A 364 14.57 -58.47 -13.99
N GLY A 365 15.89 -58.36 -14.09
CA GLY A 365 16.74 -59.53 -14.09
C GLY A 365 17.02 -60.11 -12.72
N TRP A 366 16.02 -60.06 -11.84
CA TRP A 366 16.14 -60.57 -10.48
C TRP A 366 17.32 -59.93 -9.76
N HIS A 367 17.41 -58.60 -9.87
CA HIS A 367 18.44 -57.81 -9.21
C HIS A 367 17.81 -56.92 -8.15
N TYR A 368 18.44 -56.86 -6.99
CA TYR A 368 17.93 -56.07 -5.88
C TYR A 368 19.01 -55.09 -5.43
N LEU A 369 18.64 -53.83 -5.27
CA LEU A 369 19.57 -52.77 -4.89
C LEU A 369 19.03 -52.00 -3.71
N ALA A 370 19.94 -51.56 -2.84
CA ALA A 370 19.59 -50.75 -1.68
C ALA A 370 20.50 -49.54 -1.65
N TYR A 371 19.92 -48.35 -1.55
CA TYR A 371 20.67 -47.11 -1.50
C TYR A 371 20.39 -46.38 -0.21
N ASP A 372 21.46 -45.88 0.42
CA ASP A 372 21.38 -45.10 1.65
C ASP A 372 22.13 -43.79 1.47
N TRP A 373 21.53 -42.70 1.95
CA TRP A 373 22.15 -41.39 1.91
C TRP A 373 22.12 -40.76 3.28
N HIS A 374 23.01 -39.79 3.49
CA HIS A 374 22.95 -38.93 4.66
C HIS A 374 23.12 -37.50 4.21
N TRP A 375 23.08 -36.58 5.18
CA TRP A 375 22.85 -35.16 4.93
C TRP A 375 24.07 -34.39 5.40
N THR A 376 24.60 -33.50 4.57
CA THR A 376 25.82 -32.82 4.97
C THR A 376 25.96 -31.47 4.26
N THR A 377 26.88 -30.66 4.78
CA THR A 377 27.25 -29.40 4.16
C THR A 377 28.68 -29.48 3.68
N ASP A 378 28.98 -28.82 2.56
CA ASP A 378 30.27 -28.94 1.91
C ASP A 378 31.09 -27.69 2.19
N ARG A 379 31.69 -27.65 3.37
CA ARG A 379 32.41 -26.48 3.84
C ARG A 379 33.78 -26.40 3.16
N SER A 380 34.58 -25.42 3.58
CA SER A 380 35.94 -25.26 3.08
C SER A 380 36.80 -24.76 4.26
N VAL A 381 37.39 -25.71 4.98
CA VAL A 381 38.23 -25.36 6.12
C VAL A 381 39.59 -24.89 5.63
N GLY A 382 40.28 -24.12 6.47
CA GLY A 382 41.60 -23.65 6.11
C GLY A 382 42.29 -23.01 7.29
N ASP A 383 43.40 -22.35 7.00
CA ASP A 383 44.16 -21.62 8.00
C ASP A 383 43.52 -20.26 8.27
N ASN A 384 44.22 -19.44 9.05
CA ASN A 384 43.70 -18.12 9.43
C ASN A 384 43.68 -17.14 8.27
N SER A 385 44.56 -17.33 7.28
CA SER A 385 44.66 -16.38 6.17
C SER A 385 44.44 -17.11 4.85
N SER A 386 43.96 -16.35 3.87
CA SER A 386 43.66 -16.90 2.54
C SER A 386 42.66 -18.04 2.63
N ASP A 387 41.55 -17.80 3.32
CA ASP A 387 40.55 -18.83 3.57
C ASP A 387 39.24 -18.58 2.83
N LEU A 388 38.59 -17.45 3.11
CA LEU A 388 37.36 -17.01 2.44
C LEU A 388 36.15 -17.87 2.80
N SER A 389 36.37 -18.98 3.50
CA SER A 389 35.31 -19.80 4.07
C SER A 389 34.21 -20.11 3.05
N ASN A 390 34.61 -20.65 1.90
CA ASN A 390 33.65 -20.88 0.83
C ASN A 390 32.63 -21.93 1.22
N VAL A 391 31.43 -21.82 0.64
CA VAL A 391 30.39 -22.84 0.78
C VAL A 391 29.78 -23.08 -0.59
N ALA A 392 29.51 -24.35 -0.90
CA ALA A 392 29.00 -24.74 -2.22
C ALA A 392 27.71 -25.52 -2.08
N VAL A 393 26.77 -25.28 -3.00
CA VAL A 393 25.50 -25.98 -3.05
C VAL A 393 25.26 -26.47 -4.47
N ILE A 394 24.68 -27.66 -4.60
CA ILE A 394 24.38 -28.28 -5.89
C ILE A 394 22.95 -27.93 -6.27
N ASP A 395 22.71 -27.64 -7.54
CA ASP A 395 21.35 -27.39 -8.01
C ASP A 395 21.31 -27.70 -9.50
N GLY A 396 20.73 -28.84 -9.85
CA GLY A 396 20.64 -29.22 -11.25
C GLY A 396 22.02 -29.35 -11.86
N ASN A 397 22.19 -28.77 -13.04
CA ASN A 397 23.50 -28.71 -13.69
C ASN A 397 24.26 -27.46 -13.33
N ARG A 398 24.01 -26.88 -12.16
CA ARG A 398 24.66 -25.66 -11.73
C ARG A 398 25.15 -25.80 -10.30
N VAL A 399 26.16 -25.00 -9.97
CA VAL A 399 26.75 -24.97 -8.64
C VAL A 399 26.71 -23.53 -8.14
N LEU A 400 26.18 -23.33 -6.93
CA LEU A 400 26.10 -22.02 -6.32
C LEU A 400 27.18 -21.92 -5.26
N VAL A 401 28.08 -20.95 -5.40
CA VAL A 401 29.18 -20.79 -4.47
C VAL A 401 29.04 -19.46 -3.77
N THR A 402 29.13 -19.49 -2.44
CA THR A 402 29.03 -18.29 -1.62
C THR A 402 30.31 -18.12 -0.83
N VAL A 403 30.89 -16.92 -0.90
CA VAL A 403 32.10 -16.58 -0.16
C VAL A 403 31.65 -15.87 1.11
N PHE A 404 31.56 -16.62 2.20
CA PHE A 404 31.03 -16.06 3.43
C PHE A 404 31.98 -15.10 4.13
N ARG A 405 33.26 -15.07 3.75
CA ARG A 405 34.16 -14.12 4.38
C ARG A 405 33.76 -12.69 4.05
N GLN A 406 33.40 -12.43 2.79
CA GLN A 406 33.07 -11.08 2.37
C GLN A 406 31.57 -10.81 2.43
N THR A 407 30.77 -11.58 1.69
CA THR A 407 29.36 -11.30 1.50
C THR A 407 28.54 -12.40 2.14
N VAL A 408 27.57 -12.03 2.97
CA VAL A 408 26.68 -13.00 3.61
C VAL A 408 25.40 -13.02 2.79
N VAL A 409 25.39 -13.90 1.79
CA VAL A 409 24.28 -13.97 0.85
C VAL A 409 23.21 -14.92 1.39
N PRO A 410 21.93 -14.55 1.34
CA PRO A 410 20.86 -15.48 1.68
C PRO A 410 20.83 -16.64 0.70
N PRO A 411 20.24 -17.76 1.08
CA PRO A 411 20.46 -19.02 0.35
C PRO A 411 20.11 -18.96 -1.13
N PRO A 412 18.93 -18.47 -1.53
CA PRO A 412 18.55 -18.61 -2.94
C PRO A 412 19.51 -17.94 -3.92
N MET A 413 20.16 -16.85 -3.54
CA MET A 413 21.21 -16.28 -4.35
C MET A 413 22.56 -16.83 -3.94
N CYS A 414 23.61 -16.38 -4.64
CA CYS A 414 24.95 -16.88 -4.39
C CYS A 414 25.94 -15.78 -4.73
N THR A 415 27.16 -15.93 -4.19
CA THR A 415 28.23 -15.04 -4.61
C THR A 415 28.52 -15.19 -6.09
N TYR A 416 28.59 -16.43 -6.58
CA TYR A 416 28.67 -16.63 -8.02
C TYR A 416 28.14 -18.02 -8.35
N GLN A 417 27.97 -18.26 -9.64
CA GLN A 417 27.29 -19.44 -10.14
C GLN A 417 28.09 -20.06 -11.27
N LEU A 418 28.18 -21.38 -11.26
CA LEU A 418 28.87 -22.12 -12.32
C LEU A 418 27.88 -23.04 -13.01
N LEU A 419 28.02 -23.16 -14.32
CA LEU A 419 27.10 -23.94 -15.14
C LEU A 419 27.83 -25.15 -15.73
N PHE A 420 27.11 -26.25 -15.87
CA PHE A 420 27.64 -27.49 -16.40
C PHE A 420 26.68 -28.06 -17.43
N PRO A 421 27.18 -28.84 -18.39
CA PRO A 421 26.28 -29.47 -19.37
C PRO A 421 25.48 -30.62 -18.78
N HIS A 422 26.04 -31.33 -17.82
CA HIS A 422 25.39 -32.49 -17.22
C HIS A 422 25.08 -32.24 -15.76
N PRO A 423 24.12 -32.96 -15.18
CA PRO A 423 23.83 -32.82 -13.75
C PRO A 423 25.04 -33.21 -12.91
N VAL A 424 25.13 -32.59 -11.74
CA VAL A 424 26.24 -32.77 -10.81
C VAL A 424 25.83 -33.76 -9.74
N ASN A 425 26.77 -34.59 -9.29
CA ASN A 425 26.48 -35.55 -8.23
C ASN A 425 27.30 -35.37 -6.96
N GLN A 426 28.45 -34.72 -7.02
CA GLN A 426 29.31 -34.65 -5.85
C GLN A 426 30.37 -33.56 -6.04
N VAL A 427 30.64 -32.83 -4.96
CA VAL A 427 31.65 -31.77 -4.96
C VAL A 427 32.52 -31.91 -3.72
N THR A 428 33.71 -31.34 -3.77
CA THR A 428 34.66 -31.46 -2.67
C THR A 428 35.64 -30.29 -2.72
N PHE A 429 36.16 -29.93 -1.56
CA PHE A 429 37.19 -28.90 -1.44
C PHE A 429 38.52 -29.53 -1.07
N LEU A 430 39.60 -29.05 -1.70
CA LEU A 430 40.92 -29.56 -1.39
C LEU A 430 41.30 -29.21 0.03
N ALA A 431 42.04 -30.11 0.67
CA ALA A 431 42.46 -29.95 2.06
C ALA A 431 43.88 -29.42 2.19
N HIS A 432 44.51 -29.03 1.10
CA HIS A 432 45.85 -28.47 1.20
C HIS A 432 45.78 -27.12 1.88
N PRO A 433 46.50 -26.91 2.98
CA PRO A 433 46.51 -25.60 3.61
C PRO A 433 47.11 -24.56 2.68
N GLN A 434 46.76 -23.30 2.93
CA GLN A 434 47.22 -22.14 2.18
C GLN A 434 46.70 -22.12 0.75
N LYS A 435 45.90 -23.11 0.35
CA LYS A 435 45.32 -23.11 -0.98
C LYS A 435 43.87 -23.61 -0.95
N SER A 436 43.20 -23.53 0.19
CA SER A 436 41.85 -24.06 0.33
C SER A 436 40.83 -23.13 -0.34
N ASN A 437 41.09 -22.85 -1.61
CA ASN A 437 40.25 -21.97 -2.41
C ASN A 437 40.04 -22.55 -3.79
N ASP A 438 39.72 -23.85 -3.84
CA ASP A 438 39.56 -24.57 -5.08
C ASP A 438 38.58 -25.71 -4.86
N LEU A 439 38.08 -26.27 -5.95
CA LEU A 439 37.06 -27.30 -5.80
C LEU A 439 37.04 -28.23 -7.01
N ALA A 440 36.73 -29.49 -6.76
CA ALA A 440 36.56 -30.51 -7.79
C ALA A 440 35.11 -30.95 -7.80
N VAL A 441 34.57 -31.16 -8.99
CA VAL A 441 33.16 -31.48 -9.18
C VAL A 441 33.05 -32.74 -10.03
N LEU A 442 32.21 -33.66 -9.63
CA LEU A 442 31.91 -34.86 -10.39
C LEU A 442 30.53 -34.75 -11.01
N ASP A 443 30.46 -34.93 -12.32
CA ASP A 443 29.17 -34.83 -12.99
C ASP A 443 28.51 -36.20 -13.05
N ALA A 444 27.30 -36.25 -13.61
CA ALA A 444 26.61 -37.52 -13.80
C ALA A 444 27.25 -38.38 -14.88
N SER A 445 28.05 -37.79 -15.77
CA SER A 445 28.73 -38.51 -16.82
C SER A 445 30.08 -39.04 -16.38
N ASN A 446 30.31 -39.13 -15.07
CA ASN A 446 31.54 -39.66 -14.51
C ASN A 446 32.76 -38.90 -15.01
N GLN A 447 32.64 -37.59 -15.10
CA GLN A 447 33.74 -36.71 -15.47
C GLN A 447 34.02 -35.75 -14.33
N ILE A 448 35.29 -35.35 -14.20
CA ILE A 448 35.73 -34.55 -13.07
C ILE A 448 36.22 -33.21 -13.60
N SER A 449 35.72 -32.13 -13.02
CA SER A 449 36.11 -30.78 -13.39
C SER A 449 36.79 -30.10 -12.22
N VAL A 450 37.85 -29.37 -12.49
CA VAL A 450 38.65 -28.73 -11.45
C VAL A 450 38.60 -27.23 -11.64
N TYR A 451 38.30 -26.50 -10.56
CA TYR A 451 38.32 -25.05 -10.55
C TYR A 451 39.28 -24.57 -9.48
N LYS A 452 40.20 -23.70 -9.87
CA LYS A 452 41.26 -23.25 -8.97
C LYS A 452 41.44 -21.75 -9.12
N CYS A 453 41.98 -21.14 -8.07
CA CYS A 453 42.24 -19.69 -8.07
C CYS A 453 43.27 -19.31 -9.11
N LYS A 484 39.43 -13.39 -7.80
CA LYS A 484 38.14 -13.71 -7.18
C LYS A 484 37.44 -14.81 -7.97
N ARG A 485 37.25 -14.57 -9.26
CA ARG A 485 36.59 -15.55 -10.12
C ARG A 485 37.52 -16.74 -10.35
N TYR A 486 37.04 -17.70 -11.15
CA TYR A 486 37.80 -18.89 -11.44
C TYR A 486 37.71 -19.24 -12.92
N LYS A 487 38.79 -19.84 -13.42
CA LYS A 487 38.87 -20.32 -14.78
C LYS A 487 38.97 -21.85 -14.77
N ILE A 488 38.34 -22.49 -15.74
CA ILE A 488 38.29 -23.95 -15.76
C ILE A 488 39.68 -24.50 -16.01
N GLN A 489 40.18 -25.27 -15.06
CA GLN A 489 41.53 -25.80 -15.19
C GLN A 489 41.56 -27.08 -16.03
N PHE A 490 40.88 -28.13 -15.57
CA PHE A 490 40.89 -29.40 -16.26
C PHE A 490 39.52 -30.07 -16.19
N GLU A 491 39.24 -30.88 -17.21
CA GLU A 491 38.08 -31.77 -17.25
C GLU A 491 38.61 -33.17 -17.54
N ASN A 492 38.96 -33.89 -16.48
CA ASN A 492 39.50 -35.23 -16.62
C ASN A 492 38.37 -36.25 -16.74
N ASN A 493 38.71 -37.37 -17.39
CA ASN A 493 37.81 -38.48 -17.61
C ASN A 493 38.34 -39.70 -16.87
N GLU A 494 37.42 -40.46 -16.26
CA GLU A 494 37.79 -41.68 -15.56
C GLU A 494 38.14 -42.77 -16.58
N ASP A 495 38.76 -43.84 -16.10
CA ASP A 495 39.15 -44.95 -16.96
C ASP A 495 38.19 -46.13 -16.92
N GLN A 496 37.71 -46.52 -15.74
CA GLN A 496 36.84 -47.69 -15.58
C GLN A 496 35.56 -47.28 -14.86
N ASP A 497 34.41 -47.59 -15.48
CA ASP A 497 33.10 -47.31 -14.89
C ASP A 497 32.07 -48.18 -15.59
N VAL A 498 31.39 -49.05 -14.84
CA VAL A 498 30.48 -50.01 -15.44
C VAL A 498 29.07 -49.85 -14.88
N ASN A 499 28.97 -49.40 -13.63
CA ASN A 499 27.66 -49.27 -13.00
C ASN A 499 27.41 -47.81 -12.58
N PRO A 500 26.19 -47.30 -12.74
CA PRO A 500 25.92 -45.92 -12.36
C PRO A 500 26.12 -45.71 -10.87
N LEU A 501 26.75 -44.58 -10.54
CA LEU A 501 27.06 -44.19 -9.17
C LEU A 501 27.81 -45.31 -8.44
N LYS A 502 28.99 -45.63 -8.98
CA LYS A 502 29.84 -46.66 -8.41
C LYS A 502 30.97 -46.10 -7.55
N LEU A 503 31.42 -44.88 -7.84
CA LEU A 503 32.46 -44.27 -7.02
C LEU A 503 31.87 -43.82 -5.69
N GLY A 504 32.52 -44.19 -4.60
CA GLY A 504 32.02 -43.84 -3.29
C GLY A 504 32.41 -42.43 -2.87
N LEU A 505 32.80 -42.28 -1.61
CA LEU A 505 33.22 -40.98 -1.11
C LEU A 505 34.43 -40.50 -1.89
N LEU A 506 34.31 -39.32 -2.49
CA LEU A 506 35.41 -38.75 -3.27
C LEU A 506 36.08 -37.68 -2.44
N THR A 507 37.37 -37.87 -2.16
CA THR A 507 38.14 -36.96 -1.34
C THR A 507 39.35 -36.47 -2.11
N TRP A 508 39.63 -35.16 -1.99
CA TRP A 508 40.78 -34.53 -2.60
C TRP A 508 41.80 -34.25 -1.51
N ILE A 509 42.93 -34.95 -1.55
CA ILE A 509 43.93 -34.82 -0.50
C ILE A 509 45.06 -33.91 -0.96
N GLU A 510 45.74 -34.29 -2.04
CA GLU A 510 46.82 -33.49 -2.57
C GLU A 510 46.40 -32.93 -3.93
N GLU A 511 47.12 -31.90 -4.37
CA GLU A 511 46.77 -31.20 -5.59
C GLU A 511 46.79 -32.09 -6.82
N ASP A 512 47.12 -33.37 -6.67
CA ASP A 512 47.13 -34.27 -7.80
C ASP A 512 46.48 -35.63 -7.53
N VAL A 513 46.04 -35.89 -6.30
CA VAL A 513 45.56 -37.23 -5.95
C VAL A 513 44.13 -37.14 -5.45
N PHE A 514 43.41 -38.26 -5.59
CA PHE A 514 42.06 -38.40 -5.10
C PHE A 514 41.89 -39.79 -4.51
N LEU A 515 41.04 -39.91 -3.50
CA LEU A 515 40.77 -41.18 -2.84
C LEU A 515 39.31 -41.52 -3.02
N ALA A 516 39.04 -42.76 -3.41
CA ALA A 516 37.67 -43.22 -3.63
C ALA A 516 37.46 -44.56 -2.96
N VAL A 517 36.19 -44.89 -2.71
CA VAL A 517 35.82 -46.13 -2.04
C VAL A 517 34.88 -46.90 -2.97
N SER A 518 35.16 -48.19 -3.17
CA SER A 518 34.28 -49.05 -3.94
C SER A 518 33.90 -50.25 -3.10
N HIS A 519 32.63 -50.65 -3.15
CA HIS A 519 32.12 -51.74 -2.35
C HIS A 519 31.91 -52.98 -3.21
N SER A 520 32.43 -54.10 -2.75
CA SER A 520 32.29 -55.37 -3.46
C SER A 520 30.88 -55.92 -3.29
N GLU A 521 30.55 -56.90 -4.13
CA GLU A 521 29.22 -57.49 -4.11
C GLU A 521 29.16 -58.69 -3.17
N PHE A 522 30.05 -59.66 -3.38
CA PHE A 522 30.08 -60.86 -2.56
C PHE A 522 31.02 -60.65 -1.39
N SER A 523 30.56 -60.99 -0.19
CA SER A 523 31.32 -60.77 1.03
C SER A 523 31.75 -59.31 1.08
N PRO A 524 30.82 -58.38 1.37
CA PRO A 524 31.10 -56.95 1.18
C PRO A 524 32.43 -56.49 1.75
N ARG A 525 33.30 -56.05 0.84
CA ARG A 525 34.63 -55.57 1.18
C ARG A 525 34.83 -54.24 0.49
N SER A 526 35.42 -53.28 1.20
CA SER A 526 35.67 -51.96 0.66
C SER A 526 37.09 -51.87 0.13
N VAL A 527 37.22 -51.32 -1.07
CA VAL A 527 38.50 -51.17 -1.75
C VAL A 527 38.76 -49.68 -1.94
N ILE A 528 39.96 -49.25 -1.56
CA ILE A 528 40.36 -47.85 -1.66
C ILE A 528 41.07 -47.69 -2.99
N HIS A 529 40.58 -46.77 -3.82
CA HIS A 529 41.22 -46.47 -5.08
C HIS A 529 41.93 -45.14 -5.02
N HIS A 530 43.15 -45.11 -5.56
CA HIS A 530 43.94 -43.91 -5.70
C HIS A 530 43.82 -43.42 -7.14
N LEU A 531 43.38 -42.18 -7.32
CA LEU A 531 43.16 -41.62 -8.64
C LEU A 531 44.13 -40.47 -8.84
N THR A 532 45.05 -40.61 -9.78
CA THR A 532 45.96 -39.53 -10.13
C THR A 532 46.52 -39.79 -11.51
N ALA A 533 46.78 -38.72 -12.25
CA ALA A 533 47.31 -38.80 -13.60
C ALA A 533 47.69 -37.39 -14.03
N ALA A 534 48.12 -37.26 -15.29
CA ALA A 534 48.50 -35.97 -15.84
C ALA A 534 47.27 -35.11 -16.11
N GLY A 543 42.44 -37.16 -18.48
CA GLY A 543 42.33 -38.62 -18.33
C GLY A 543 42.97 -39.10 -17.04
N GLN A 544 42.16 -39.55 -16.08
CA GLN A 544 42.69 -39.97 -14.75
C GLN A 544 42.85 -41.49 -14.70
N LEU A 545 44.05 -41.97 -14.36
CA LEU A 545 44.30 -43.40 -14.27
C LEU A 545 44.21 -43.87 -12.83
N ASN A 546 43.53 -45.00 -12.62
CA ASN A 546 43.43 -45.61 -11.30
C ASN A 546 44.79 -46.23 -11.00
N VAL A 547 45.66 -45.43 -10.39
CA VAL A 547 47.05 -45.84 -10.21
C VAL A 547 47.14 -47.04 -9.29
N SER A 548 46.42 -47.01 -8.17
CA SER A 548 46.53 -48.06 -7.16
C SER A 548 45.17 -48.38 -6.57
N SER A 549 45.07 -49.60 -6.05
CA SER A 549 43.87 -50.03 -5.33
C SER A 549 44.31 -50.78 -4.09
N SER A 550 43.96 -50.23 -2.93
CA SER A 550 44.40 -50.82 -1.67
C SER A 550 43.66 -52.14 -1.41
N ALA A 551 44.10 -52.83 -0.36
CA ALA A 551 43.52 -54.11 -0.02
C ALA A 551 42.04 -53.96 0.35
N ALA A 552 41.23 -54.91 -0.09
CA ALA A 552 39.82 -54.91 0.27
C ALA A 552 39.68 -55.20 1.76
N VAL A 553 39.35 -54.18 2.52
CA VAL A 553 39.22 -54.32 3.96
C VAL A 553 37.95 -55.10 4.28
N ASP A 554 37.89 -55.69 5.46
CA ASP A 554 36.76 -56.54 5.86
C ASP A 554 35.63 -55.63 6.33
N GLY A 555 34.66 -55.41 5.44
CA GLY A 555 33.48 -54.66 5.82
C GLY A 555 33.26 -53.51 4.88
N VAL A 556 32.43 -52.56 5.33
CA VAL A 556 32.05 -51.39 4.55
C VAL A 556 32.55 -50.15 5.27
N ILE A 557 33.16 -49.24 4.53
CA ILE A 557 33.65 -47.99 5.08
C ILE A 557 32.58 -46.91 4.88
N ILE A 558 32.32 -46.17 5.95
CA ILE A 558 31.32 -45.12 5.95
C ILE A 558 31.93 -43.74 5.82
N SER A 559 32.91 -43.42 6.67
CA SER A 559 33.49 -42.10 6.74
C SER A 559 34.91 -42.09 6.20
N LEU A 560 35.26 -41.01 5.52
CA LEU A 560 36.58 -40.80 4.95
C LEU A 560 37.08 -39.41 5.30
N CYS A 561 36.96 -39.04 6.58
CA CYS A 561 37.40 -37.73 7.01
C CYS A 561 38.92 -37.64 7.00
N CYS A 562 39.41 -36.45 6.72
CA CYS A 562 40.84 -36.18 6.67
C CYS A 562 41.14 -34.88 7.39
N ASN A 563 42.37 -34.73 7.84
CA ASN A 563 42.83 -33.51 8.46
C ASN A 563 43.79 -32.79 7.51
N SER A 564 43.56 -31.49 7.32
CA SER A 564 44.49 -30.68 6.54
C SER A 564 45.85 -30.65 7.21
N LYS A 565 45.89 -30.73 8.53
CA LYS A 565 47.13 -30.75 9.27
C LYS A 565 47.59 -32.18 9.48
N THR A 566 48.91 -32.38 9.44
CA THR A 566 49.53 -33.69 9.68
C THR A 566 49.18 -34.68 8.58
N LYS A 567 48.31 -34.26 7.65
CA LYS A 567 47.89 -35.08 6.52
C LYS A 567 47.41 -36.46 6.99
N SER A 568 46.65 -36.45 8.08
CA SER A 568 46.21 -37.68 8.71
C SER A 568 44.85 -38.10 8.15
N VAL A 569 44.74 -39.36 7.77
CA VAL A 569 43.52 -39.92 7.19
C VAL A 569 42.90 -40.89 8.17
N VAL A 570 41.58 -40.83 8.30
CA VAL A 570 40.84 -41.66 9.24
C VAL A 570 39.76 -42.43 8.50
N LEU A 571 39.65 -43.72 8.78
CA LEU A 571 38.64 -44.59 8.19
C LEU A 571 37.67 -45.06 9.25
N GLN A 572 36.40 -45.17 8.89
CA GLN A 572 35.35 -45.62 9.78
C GLN A 572 34.63 -46.82 9.17
N LEU A 573 34.48 -47.88 9.95
CA LEU A 573 33.71 -49.03 9.51
C LEU A 573 32.30 -48.97 10.12
N ALA A 574 31.40 -49.75 9.52
CA ALA A 574 30.00 -49.69 9.92
C ALA A 574 29.81 -50.10 11.37
N ASP A 575 30.51 -51.16 11.80
CA ASP A 575 30.35 -51.62 13.17
C ASP A 575 30.91 -50.61 14.18
N GLY A 576 32.02 -49.96 13.83
CA GLY A 576 32.50 -48.89 14.69
C GLY A 576 33.99 -48.74 14.86
N GLN A 577 34.79 -49.69 14.35
CA GLN A 577 36.23 -49.56 14.50
C GLN A 577 36.75 -48.38 13.69
N ILE A 578 37.82 -47.77 14.18
CA ILE A 578 38.44 -46.63 13.54
C ILE A 578 39.84 -47.04 13.10
N PHE A 579 40.15 -46.82 11.83
CA PHE A 579 41.42 -47.25 11.27
C PHE A 579 42.15 -46.09 10.62
N LYS A 580 43.45 -46.02 10.90
CA LYS A 580 44.31 -44.95 10.37
C LYS A 580 45.07 -45.49 9.18
N TYR A 581 44.64 -45.12 7.98
CA TYR A 581 45.27 -45.56 6.75
C TYR A 581 46.27 -44.51 6.28
N LEU A 582 47.38 -44.98 5.73
CA LEU A 582 48.43 -44.11 5.22
C LEU A 582 48.40 -44.14 3.70
N TRP A 583 47.94 -43.05 3.09
CA TRP A 583 47.89 -42.95 1.64
C TRP A 583 49.27 -42.95 1.00
N GLU A 584 50.30 -42.56 1.75
CA GLU A 584 51.67 -42.54 1.28
C GLU A 584 52.47 -43.74 1.76
N SER A 585 51.81 -44.71 2.40
CA SER A 585 52.51 -45.87 2.91
C SER A 585 53.09 -46.70 1.76
N PRO A 586 54.31 -47.20 1.93
CA PRO A 586 54.85 -48.15 0.94
C PRO A 586 54.03 -49.42 0.83
N SER A 587 53.38 -49.83 1.92
CA SER A 587 52.52 -51.01 1.91
C SER A 587 51.04 -50.66 1.82
N LEU A 588 50.69 -49.39 2.03
CA LEU A 588 49.29 -48.95 2.02
C LEU A 588 48.44 -49.74 3.00
N ALA A 589 49.06 -50.20 4.09
CA ALA A 589 48.37 -50.99 5.08
C ALA A 589 47.59 -50.10 6.03
N ILE A 590 46.58 -50.67 6.65
CA ILE A 590 45.73 -49.96 7.59
C ILE A 590 46.16 -50.31 9.00
N LYS A 591 45.83 -49.43 9.94
CA LYS A 591 46.18 -49.63 11.33
C LYS A 591 45.01 -49.21 12.20
N PRO A 592 44.72 -49.98 13.26
CA PRO A 592 43.70 -49.54 14.22
C PRO A 592 44.11 -48.20 14.84
N TRP A 593 43.11 -47.36 15.07
CA TRP A 593 43.38 -46.02 15.57
C TRP A 593 44.05 -46.07 16.93
N LYS A 594 44.99 -45.15 17.15
CA LYS A 594 45.78 -45.13 18.37
C LYS A 594 45.07 -44.31 19.43
N ASN A 595 44.70 -44.97 20.52
CA ASN A 595 44.18 -44.31 21.71
C ASN A 595 45.35 -43.99 22.64
N SER A 596 45.04 -43.57 23.87
CA SER A 596 46.09 -43.37 24.86
C SER A 596 46.78 -44.70 25.18
N GLY A 597 46.01 -45.78 25.28
CA GLY A 597 46.57 -47.10 25.53
C GLY A 597 45.57 -48.20 25.22
N GLY A 598 46.06 -49.31 24.69
CA GLY A 598 45.19 -50.43 24.34
C GLY A 598 44.54 -50.27 22.98
N PHE A 599 44.30 -49.02 22.60
CA PHE A 599 43.72 -48.63 21.32
C PHE A 599 42.36 -49.31 21.10
N PRO A 600 41.41 -49.15 22.00
CA PRO A 600 40.10 -49.81 21.85
C PRO A 600 39.03 -48.96 21.17
N VAL A 601 39.39 -47.84 20.56
CA VAL A 601 38.41 -46.85 20.14
C VAL A 601 37.44 -47.47 19.15
N ARG A 602 36.15 -47.50 19.53
CA ARG A 602 35.09 -48.02 18.67
C ARG A 602 33.81 -47.30 19.05
N PHE A 603 33.21 -46.59 18.10
CA PHE A 603 31.96 -45.91 18.38
C PHE A 603 30.87 -46.92 18.69
N PRO A 604 30.06 -46.68 19.73
CA PRO A 604 28.93 -47.57 19.99
C PRO A 604 27.97 -47.67 18.82
N TYR A 605 27.79 -46.59 18.08
CA TYR A 605 26.97 -46.55 16.89
C TYR A 605 27.71 -45.80 15.79
N PRO A 606 27.40 -46.09 14.53
CA PRO A 606 28.03 -45.34 13.44
C PRO A 606 27.72 -43.85 13.54
N CYS A 607 28.70 -43.03 13.19
CA CYS A 607 28.58 -41.59 13.29
C CYS A 607 28.34 -41.00 11.90
N THR A 608 27.30 -40.16 11.79
CA THR A 608 27.04 -39.48 10.53
C THR A 608 28.18 -38.54 10.17
N GLN A 609 28.72 -37.82 11.15
CA GLN A 609 29.82 -36.91 10.91
C GLN A 609 31.01 -37.27 11.79
N THR A 610 32.18 -37.35 11.18
CA THR A 610 33.43 -37.69 11.87
C THR A 610 34.47 -36.63 11.55
N GLU A 611 35.14 -36.15 12.59
CA GLU A 611 36.12 -35.08 12.44
C GLU A 611 37.37 -35.40 13.25
N LEU A 612 38.49 -34.84 12.79
CA LEU A 612 39.80 -35.06 13.39
C LEU A 612 40.34 -33.73 13.91
N ALA A 613 40.47 -33.61 15.23
CA ALA A 613 40.90 -32.36 15.83
C ALA A 613 42.02 -32.60 16.81
N MET A 614 43.02 -31.74 16.77
CA MET A 614 44.16 -31.81 17.68
C MET A 614 43.76 -31.07 18.95
N ILE A 615 43.46 -31.81 19.99
CA ILE A 615 43.13 -31.22 21.28
C ILE A 615 44.34 -31.35 22.19
N GLY A 616 44.54 -30.34 23.04
CA GLY A 616 45.71 -30.31 23.88
C GLY A 616 46.97 -30.33 23.04
N GLU A 617 47.64 -31.48 23.00
CA GLU A 617 48.84 -31.65 22.20
C GLU A 617 48.70 -32.71 21.11
N GLU A 618 47.98 -33.78 21.36
CA GLU A 618 47.84 -34.88 20.42
C GLU A 618 46.57 -34.70 19.61
N GLU A 619 46.29 -35.66 18.73
CA GLU A 619 45.08 -35.64 17.92
C GLU A 619 44.00 -36.51 18.55
N CYS A 620 42.76 -36.22 18.21
CA CYS A 620 41.62 -36.96 18.74
C CYS A 620 40.50 -36.95 17.70
N VAL A 621 39.59 -37.90 17.87
CA VAL A 621 38.52 -38.15 16.90
C VAL A 621 37.19 -37.80 17.55
N LEU A 622 36.38 -37.02 16.85
CA LEU A 622 35.07 -36.60 17.31
C LEU A 622 34.00 -37.13 16.36
N GLY A 623 32.89 -37.57 16.93
CA GLY A 623 31.83 -38.15 16.13
C GLY A 623 30.47 -37.68 16.57
N LEU A 624 29.57 -37.55 15.59
CA LEU A 624 28.18 -37.22 15.87
C LEU A 624 27.29 -38.11 15.03
N THR A 625 26.29 -38.70 15.67
CA THR A 625 25.31 -39.56 15.01
C THR A 625 24.00 -38.80 14.83
N ASP A 626 23.02 -39.49 14.27
CA ASP A 626 21.73 -38.90 13.95
C ASP A 626 20.77 -38.95 15.12
N ARG A 627 21.18 -39.52 16.25
CA ARG A 627 20.33 -39.61 17.43
C ARG A 627 20.75 -38.63 18.52
N CYS A 628 21.40 -37.53 18.13
CA CYS A 628 21.81 -36.48 19.05
C CYS A 628 22.73 -37.03 20.14
N ARG A 629 23.82 -37.65 19.70
CA ARG A 629 24.81 -38.20 20.60
C ARG A 629 26.19 -37.77 20.14
N PHE A 630 27.01 -37.27 21.06
CA PHE A 630 28.33 -36.76 20.75
C PHE A 630 29.37 -37.68 21.38
N PHE A 631 30.28 -38.20 20.56
CA PHE A 631 31.31 -39.12 21.02
C PHE A 631 32.68 -38.49 20.85
N ILE A 632 33.52 -38.65 21.88
CA ILE A 632 34.90 -38.18 21.85
C ILE A 632 35.76 -39.38 22.21
N ASN A 633 36.26 -40.09 21.20
CA ASN A 633 37.08 -41.28 21.40
C ASN A 633 36.39 -42.26 22.33
N ASP A 634 35.09 -42.47 22.08
CA ASP A 634 34.26 -43.37 22.88
C ASP A 634 34.20 -42.90 24.34
N ILE A 635 33.63 -41.71 24.54
CA ILE A 635 33.36 -41.17 25.85
C ILE A 635 31.89 -40.82 26.05
N GLU A 636 31.25 -40.27 25.02
CA GLU A 636 29.85 -39.83 25.06
C GLU A 636 29.66 -38.75 26.14
N VAL A 637 30.22 -37.58 25.83
CA VAL A 637 30.18 -36.46 26.77
C VAL A 637 28.74 -36.11 27.13
N ALA A 638 27.90 -35.93 26.13
CA ALA A 638 26.50 -35.60 26.36
C ALA A 638 25.70 -35.99 25.14
N SER A 639 24.37 -36.09 25.31
CA SER A 639 23.47 -36.44 24.21
C SER A 639 22.32 -35.44 24.14
N ASN A 640 22.60 -34.29 23.54
CA ASN A 640 21.55 -33.39 23.05
C ASN A 640 21.94 -32.66 21.78
N ILE A 641 23.14 -32.84 21.24
CA ILE A 641 23.66 -31.97 20.20
C ILE A 641 22.87 -32.17 18.91
N THR A 642 22.86 -31.10 18.09
CA THR A 642 22.19 -31.18 16.77
C THR A 642 23.24 -31.02 15.66
N SER A 643 24.19 -30.10 15.84
CA SER A 643 25.22 -29.87 14.82
C SER A 643 26.43 -29.25 15.50
N PHE A 644 27.56 -29.29 14.79
CA PHE A 644 28.79 -28.75 15.37
C PHE A 644 29.79 -28.49 14.26
N ALA A 645 30.88 -27.81 14.63
CA ALA A 645 31.97 -27.51 13.72
C ALA A 645 33.23 -27.25 14.53
N VAL A 646 34.37 -27.44 13.88
CA VAL A 646 35.68 -27.24 14.49
C VAL A 646 36.51 -26.38 13.55
N TYR A 647 37.17 -25.37 14.10
CA TYR A 647 38.02 -24.50 13.27
C TYR A 647 39.03 -23.79 14.16
N ASP A 648 40.30 -24.10 13.97
CA ASP A 648 41.41 -23.42 14.63
C ASP A 648 41.22 -23.41 16.15
N GLU A 649 41.25 -24.62 16.72
CA GLU A 649 41.16 -24.83 18.17
C GLU A 649 39.85 -24.30 18.74
N PHE A 650 38.82 -24.15 17.91
CA PHE A 650 37.53 -23.67 18.36
C PHE A 650 36.49 -24.73 18.08
N LEU A 651 35.74 -25.10 19.11
CA LEU A 651 34.69 -26.09 19.01
C LEU A 651 33.35 -25.37 19.18
N LEU A 652 32.49 -25.47 18.17
CA LEU A 652 31.18 -24.85 18.23
C LEU A 652 30.11 -25.91 18.04
N LEU A 653 28.99 -25.75 18.74
CA LEU A 653 27.98 -26.79 18.74
C LEU A 653 26.68 -26.26 19.30
N THR A 654 25.57 -26.65 18.69
CA THR A 654 24.26 -26.37 19.24
C THR A 654 23.94 -27.40 20.31
N THR A 655 22.80 -27.23 20.98
CA THR A 655 22.50 -28.10 22.11
C THR A 655 21.07 -28.61 22.16
N HIS A 656 20.20 -28.17 21.26
CA HIS A 656 18.78 -28.50 21.25
C HIS A 656 18.06 -27.96 22.48
N SER A 657 18.79 -27.49 23.48
CA SER A 657 18.23 -26.77 24.62
C SER A 657 18.48 -25.28 24.46
N HIS A 658 18.58 -24.83 23.22
CA HIS A 658 18.45 -23.43 22.85
C HIS A 658 19.65 -22.61 23.35
N THR A 659 20.84 -23.12 23.06
CA THR A 659 22.07 -22.51 23.54
C THR A 659 23.17 -22.83 22.53
N CYS A 660 24.28 -22.10 22.63
CA CYS A 660 25.38 -22.26 21.67
C CYS A 660 26.68 -22.25 22.47
N GLN A 661 27.18 -23.45 22.76
CA GLN A 661 28.44 -23.59 23.48
C GLN A 661 29.60 -23.22 22.57
N CYS A 662 30.63 -22.63 23.16
CA CYS A 662 31.76 -22.10 22.40
C CYS A 662 33.07 -22.53 23.04
N PHE A 663 33.19 -23.82 23.35
CA PHE A 663 34.40 -24.30 23.97
C PHE A 663 35.60 -24.13 23.03
N CYS A 664 36.69 -23.61 23.56
CA CYS A 664 37.94 -23.47 22.84
C CYS A 664 38.87 -24.60 23.23
N LEU A 665 39.78 -24.93 22.31
CA LEU A 665 40.66 -26.07 22.50
C LEU A 665 41.99 -25.61 23.08
N ARG A 666 42.42 -26.26 24.16
CA ARG A 666 43.71 -25.96 24.77
C ARG A 666 44.10 -27.08 25.72
N VAL A 687 29.98 -17.79 27.06
CA VAL A 687 30.13 -19.18 26.67
C VAL A 687 28.76 -19.74 26.26
N LEU A 688 27.71 -19.27 26.92
CA LEU A 688 26.35 -19.72 26.64
C LEU A 688 25.56 -18.54 26.09
N ARG A 689 25.19 -18.61 24.82
CA ARG A 689 24.34 -17.61 24.20
C ARG A 689 22.97 -18.23 23.93
N LYS A 690 22.02 -17.46 23.45
CA LYS A 690 20.67 -17.98 23.26
C LYS A 690 20.30 -17.95 21.78
N VAL A 691 19.63 -19.01 21.34
CA VAL A 691 19.29 -19.16 19.93
C VAL A 691 17.81 -19.49 19.79
N GLU A 692 17.30 -19.30 18.58
CA GLU A 692 15.93 -19.62 18.25
C GLU A 692 15.74 -21.14 18.13
N ARG A 693 14.53 -21.53 17.75
CA ARG A 693 14.21 -22.94 17.53
C ARG A 693 14.97 -23.48 16.33
N GLY A 694 15.53 -24.68 16.48
CA GLY A 694 16.04 -25.43 15.36
C GLY A 694 17.10 -24.74 14.52
N SER A 695 18.08 -24.13 15.16
CA SER A 695 19.16 -23.46 14.44
C SER A 695 20.29 -24.44 14.19
N ARG A 696 20.73 -24.54 12.94
CA ARG A 696 21.79 -25.45 12.55
C ARG A 696 23.01 -24.66 12.11
N ILE A 697 24.16 -24.98 12.70
CA ILE A 697 25.38 -24.24 12.39
C ILE A 697 25.80 -24.53 10.96
N VAL A 698 26.11 -23.47 10.23
CA VAL A 698 26.52 -23.57 8.83
C VAL A 698 28.00 -23.33 8.67
N THR A 699 28.50 -22.19 9.13
CA THR A 699 29.89 -21.84 8.90
C THR A 699 30.37 -20.92 10.03
N VAL A 700 31.67 -20.91 10.24
CA VAL A 700 32.31 -20.06 11.23
C VAL A 700 33.48 -19.34 10.56
N VAL A 701 33.65 -18.07 10.90
CA VAL A 701 34.80 -17.29 10.49
C VAL A 701 35.55 -16.86 11.74
N PRO A 702 36.67 -17.51 12.05
CA PRO A 702 37.46 -17.08 13.22
C PRO A 702 37.93 -15.65 13.10
N GLN A 703 38.27 -15.20 11.90
CA GLN A 703 38.42 -13.77 11.69
C GLN A 703 37.09 -13.09 11.96
N ASP A 704 37.13 -12.05 12.79
CA ASP A 704 35.94 -11.31 13.22
C ASP A 704 35.07 -12.17 14.14
N THR A 705 35.46 -13.44 14.33
CA THR A 705 34.77 -14.37 15.23
C THR A 705 33.26 -14.31 15.05
N LYS A 706 32.82 -14.64 13.84
CA LYS A 706 31.40 -14.56 13.49
C LYS A 706 30.93 -15.90 12.98
N LEU A 707 29.81 -16.39 13.51
CA LEU A 707 29.28 -17.66 13.06
C LEU A 707 27.89 -17.47 12.47
N VAL A 708 27.57 -18.29 11.48
CA VAL A 708 26.36 -18.10 10.67
C VAL A 708 25.36 -19.22 10.92
N LEU A 709 24.43 -18.99 11.84
CA LEU A 709 23.36 -19.93 12.04
C LEU A 709 22.36 -19.84 10.89
N GLN A 710 21.56 -20.90 10.74
CA GLN A 710 20.49 -20.94 9.76
C GLN A 710 19.21 -21.44 10.42
N MET A 711 18.13 -20.72 10.23
CA MET A 711 16.83 -21.11 10.72
C MET A 711 16.11 -21.97 9.69
N PRO A 712 15.12 -22.76 10.12
CA PRO A 712 14.38 -23.58 9.15
C PRO A 712 13.69 -22.78 8.07
N ARG A 713 13.16 -21.60 8.40
CA ARG A 713 12.35 -20.86 7.44
C ARG A 713 13.17 -20.38 6.25
N GLY A 714 14.49 -20.30 6.38
CA GLY A 714 15.32 -19.96 5.24
C GLY A 714 16.36 -18.89 5.51
N ASN A 715 16.06 -17.94 6.40
CA ASN A 715 16.97 -16.84 6.64
C ASN A 715 18.23 -17.32 7.35
N LEU A 716 19.30 -16.57 7.18
CA LEU A 716 20.54 -16.80 7.89
C LEU A 716 20.58 -15.92 9.13
N GLU A 717 21.66 -16.01 9.89
CA GLU A 717 21.83 -15.13 11.05
C GLU A 717 23.29 -15.16 11.47
N VAL A 718 23.98 -14.03 11.32
CA VAL A 718 25.37 -13.92 11.71
C VAL A 718 25.44 -13.37 13.12
N VAL A 719 26.18 -14.03 14.01
CA VAL A 719 26.30 -13.61 15.39
C VAL A 719 27.77 -13.55 15.77
N HIS A 720 28.11 -12.55 16.59
CA HIS A 720 29.45 -12.37 17.15
C HIS A 720 29.42 -12.92 18.58
N HIS A 721 30.10 -14.04 18.80
CA HIS A 721 30.16 -14.59 20.15
C HIS A 721 30.98 -13.70 21.08
N ARG A 722 32.08 -13.17 20.59
CA ARG A 722 32.94 -12.31 21.40
C ARG A 722 33.41 -11.10 20.61
N LEU B 6 -25.78 50.54 -18.23
CA LEU B 6 -25.69 49.30 -17.47
C LEU B 6 -24.92 49.49 -16.18
N GLU B 7 -25.64 49.56 -15.07
CA GLU B 7 -25.07 49.87 -13.77
C GLU B 7 -25.21 48.68 -12.84
N THR B 8 -24.16 48.44 -12.05
CA THR B 8 -24.16 47.34 -11.09
C THR B 8 -24.77 47.83 -9.78
N SER B 9 -25.98 47.37 -9.47
CA SER B 9 -26.67 47.86 -8.29
C SER B 9 -26.02 47.35 -7.01
N HIS B 10 -25.73 46.05 -6.95
CA HIS B 10 -25.29 45.45 -5.69
C HIS B 10 -24.32 44.32 -5.97
N VAL B 11 -23.37 44.15 -5.04
CA VAL B 11 -22.36 43.11 -5.12
C VAL B 11 -22.18 42.50 -3.73
N PHE B 12 -22.08 41.17 -3.67
CA PHE B 12 -21.85 40.45 -2.43
C PHE B 12 -20.57 39.61 -2.55
N CYS B 13 -19.70 39.72 -1.54
CA CYS B 13 -18.43 39.02 -1.50
C CYS B 13 -17.91 39.03 -0.07
N CYS B 14 -16.85 38.26 0.16
CA CYS B 14 -16.19 38.14 1.45
C CYS B 14 -14.69 38.00 1.22
N PRO B 15 -13.88 38.30 2.23
CA PRO B 15 -12.43 38.32 2.03
C PRO B 15 -11.85 36.92 1.88
N ASN B 16 -10.59 36.89 1.42
CA ASN B 16 -9.83 35.66 1.29
C ASN B 16 -9.33 35.20 2.66
N ARG B 17 -8.92 33.94 2.73
CA ARG B 17 -8.50 33.33 3.99
C ARG B 17 -6.97 33.33 4.11
N VAL B 18 -6.40 34.52 4.18
CA VAL B 18 -4.96 34.69 4.28
C VAL B 18 -4.67 35.70 5.37
N ARG B 19 -3.46 35.65 5.91
CA ARG B 19 -3.00 36.66 6.84
C ARG B 19 -2.80 37.98 6.13
N GLY B 20 -3.23 39.07 6.77
CA GLY B 20 -2.97 40.40 6.26
C GLY B 20 -3.72 40.77 5.01
N VAL B 21 -4.86 40.14 4.74
CA VAL B 21 -5.65 40.45 3.55
C VAL B 21 -6.51 41.69 3.74
N LEU B 22 -6.67 42.16 4.97
CA LEU B 22 -7.54 43.29 5.27
C LEU B 22 -6.69 44.50 5.64
N ASN B 23 -6.95 45.62 4.99
CA ASN B 23 -6.23 46.86 5.29
C ASN B 23 -7.20 48.02 5.19
N TRP B 24 -6.89 49.10 5.91
CA TRP B 24 -7.81 50.23 6.03
C TRP B 24 -7.01 51.51 6.11
N SER B 25 -7.33 52.46 5.23
CA SER B 25 -6.63 53.75 5.22
C SER B 25 -7.03 54.57 6.43
N SER B 26 -6.07 55.33 6.94
CA SER B 26 -6.27 56.19 8.10
C SER B 26 -6.55 57.61 7.61
N GLY B 27 -7.65 58.18 8.07
CA GLY B 27 -8.01 59.53 7.68
C GLY B 27 -9.42 59.88 8.10
N PRO B 28 -9.89 61.05 7.67
CA PRO B 28 -11.27 61.45 8.00
C PRO B 28 -12.32 60.47 7.52
N ARG B 29 -12.08 59.83 6.37
CA ARG B 29 -13.02 58.85 5.83
C ARG B 29 -12.49 57.43 5.94
N GLY B 30 -11.30 57.17 5.43
CA GLY B 30 -10.75 55.82 5.43
C GLY B 30 -11.46 54.92 4.44
N LEU B 31 -10.80 53.82 4.11
CA LEU B 31 -11.34 52.89 3.13
C LEU B 31 -10.80 51.50 3.39
N LEU B 32 -11.66 50.50 3.35
CA LEU B 32 -11.24 49.11 3.44
C LEU B 32 -10.93 48.57 2.06
N ALA B 33 -9.93 47.69 1.99
CA ALA B 33 -9.47 47.17 0.70
C ALA B 33 -9.16 45.68 0.79
N PHE B 34 -10.09 44.90 1.36
CA PHE B 34 -9.89 43.46 1.39
C PHE B 34 -9.98 42.88 -0.02
N GLY B 35 -9.43 41.69 -0.19
CA GLY B 35 -9.34 41.03 -1.48
C GLY B 35 -10.19 39.77 -1.53
N THR B 36 -10.91 39.62 -2.62
CA THR B 36 -11.66 38.40 -2.90
C THR B 36 -10.73 37.50 -3.72
N SER B 37 -11.28 36.59 -4.53
CA SER B 37 -10.47 35.62 -5.27
C SER B 37 -9.31 36.28 -6.02
N CYS B 38 -9.63 37.02 -7.08
CA CYS B 38 -8.62 37.60 -7.95
C CYS B 38 -8.88 39.08 -8.20
N SER B 39 -9.45 39.76 -7.21
CA SER B 39 -9.76 41.17 -7.36
C SER B 39 -9.71 41.83 -5.98
N VAL B 40 -9.55 43.13 -5.98
CA VAL B 40 -9.54 43.93 -4.76
C VAL B 40 -10.81 44.75 -4.70
N VAL B 41 -11.40 44.81 -3.51
CA VAL B 41 -12.71 45.40 -3.30
C VAL B 41 -12.57 46.66 -2.46
N LEU B 42 -13.16 47.76 -2.94
CA LEU B 42 -13.24 49.00 -2.19
C LEU B 42 -14.63 49.11 -1.59
N TYR B 43 -14.72 49.21 -0.27
CA TYR B 43 -15.99 49.14 0.43
C TYR B 43 -15.99 50.15 1.55
N ASP B 44 -16.87 51.15 1.43
CA ASP B 44 -17.08 52.08 2.54
C ASP B 44 -17.71 51.35 3.71
N PRO B 45 -17.26 51.59 4.94
CA PRO B 45 -17.78 50.84 6.08
C PRO B 45 -19.01 51.44 6.72
N LEU B 46 -19.52 52.57 6.23
CA LEU B 46 -20.65 53.21 6.91
C LEU B 46 -21.95 52.52 6.55
N LYS B 47 -22.00 51.20 6.79
CA LYS B 47 -23.17 50.38 6.49
C LYS B 47 -23.63 50.57 5.05
N ARG B 48 -22.66 50.77 4.17
CA ARG B 48 -22.95 51.06 2.77
C ARG B 48 -22.39 49.95 1.90
N VAL B 49 -22.38 50.18 0.60
CA VAL B 49 -22.05 49.17 -0.38
C VAL B 49 -20.68 49.48 -0.96
N VAL B 50 -20.07 48.46 -1.58
CA VAL B 50 -18.80 48.66 -2.27
C VAL B 50 -18.99 49.67 -3.39
N VAL B 51 -17.88 50.25 -3.83
CA VAL B 51 -17.92 51.30 -4.83
C VAL B 51 -17.28 50.90 -6.15
N THR B 52 -16.28 50.03 -6.15
CA THR B 52 -15.58 49.68 -7.38
C THR B 52 -14.92 48.33 -7.15
N ASN B 53 -14.37 47.74 -8.22
CA ASN B 53 -13.68 46.46 -8.11
C ASN B 53 -12.39 46.56 -8.91
N LEU B 54 -11.27 46.33 -8.26
CA LEU B 54 -9.96 46.52 -8.88
C LEU B 54 -9.48 45.18 -9.43
N ASN B 55 -9.94 44.84 -10.64
CA ASN B 55 -9.59 43.57 -11.25
C ASN B 55 -8.16 43.63 -11.78
N GLY B 56 -7.65 42.48 -12.21
CA GLY B 56 -6.34 42.45 -12.84
C GLY B 56 -5.45 41.29 -12.48
N HIS B 57 -5.49 40.83 -11.24
CA HIS B 57 -4.74 39.63 -10.90
C HIS B 57 -5.31 38.39 -11.57
N THR B 58 -4.41 37.51 -11.99
CA THR B 58 -4.78 36.22 -12.55
C THR B 58 -5.00 35.17 -11.47
N ALA B 59 -4.22 35.19 -10.41
CA ALA B 59 -4.28 34.21 -9.34
C ALA B 59 -4.85 34.84 -8.08
N ARG B 60 -4.81 34.08 -6.98
CA ARG B 60 -5.33 34.56 -5.71
C ARG B 60 -4.53 35.78 -5.23
N VAL B 61 -5.21 36.62 -4.46
CA VAL B 61 -4.64 37.86 -3.92
C VAL B 61 -4.42 37.68 -2.43
N ASN B 62 -3.23 38.03 -1.96
CA ASN B 62 -2.83 37.72 -0.59
C ASN B 62 -2.66 38.94 0.31
N CYS B 63 -1.92 39.95 -0.10
CA CYS B 63 -1.57 41.04 0.79
C CYS B 63 -2.00 42.37 0.18
N ILE B 64 -2.53 43.25 1.04
CA ILE B 64 -3.01 44.57 0.64
C ILE B 64 -2.54 45.58 1.66
N GLN B 65 -2.03 46.72 1.18
CA GLN B 65 -1.64 47.78 2.11
C GLN B 65 -1.78 49.14 1.46
N TRP B 66 -2.36 50.08 2.21
CA TRP B 66 -2.41 51.47 1.80
C TRP B 66 -1.03 52.10 1.91
N ILE B 67 -0.87 53.26 1.27
CA ILE B 67 0.33 54.06 1.41
C ILE B 67 0.05 55.14 2.44
N CYS B 68 0.81 55.13 3.53
CA CYS B 68 0.56 56.08 4.62
C CYS B 68 0.79 57.50 4.14
N LYS B 69 -0.11 58.40 4.54
CA LYS B 69 -0.01 59.81 4.18
C LYS B 69 0.62 60.60 5.31
N GLN B 70 1.55 61.49 4.94
CA GLN B 70 2.31 62.22 5.95
C GLN B 70 1.45 63.27 6.65
N ASP B 71 0.66 64.02 5.89
CA ASP B 71 -0.03 65.20 6.41
C ASP B 71 -1.45 64.91 6.86
N GLY B 72 -1.79 63.66 7.16
CA GLY B 72 -3.10 63.33 7.67
C GLY B 72 -4.20 63.26 6.63
N SER B 73 -3.89 63.45 5.36
CA SER B 73 -4.90 63.32 4.32
C SER B 73 -5.28 61.85 4.14
N PRO B 74 -6.50 61.58 3.67
CA PRO B 74 -6.84 60.19 3.31
C PRO B 74 -5.92 59.66 2.23
N SER B 75 -5.63 58.37 2.31
CA SER B 75 -4.69 57.75 1.38
C SER B 75 -5.22 57.79 -0.05
N THR B 76 -4.29 57.79 -1.00
CA THR B 76 -4.64 57.85 -2.41
C THR B 76 -4.23 56.61 -3.18
N GLU B 77 -3.04 56.08 -2.91
CA GLU B 77 -2.54 54.90 -3.60
C GLU B 77 -2.34 53.75 -2.63
N LEU B 78 -2.21 52.55 -3.19
CA LEU B 78 -2.03 51.35 -2.38
C LEU B 78 -1.33 50.29 -3.21
N VAL B 79 -0.99 49.18 -2.54
CA VAL B 79 -0.26 48.09 -3.17
C VAL B 79 -0.92 46.77 -2.81
N SER B 80 -0.90 45.82 -3.75
CA SER B 80 -1.45 44.50 -3.54
C SER B 80 -0.52 43.46 -4.14
N GLY B 81 -0.19 42.45 -3.36
CA GLY B 81 0.61 41.35 -3.83
C GLY B 81 -0.15 40.04 -3.75
N GLY B 82 -0.23 39.33 -4.87
CA GLY B 82 -1.02 38.12 -4.90
C GLY B 82 -0.22 36.86 -5.16
N SER B 83 -0.89 35.81 -5.60
CA SER B 83 -0.26 34.55 -5.92
C SER B 83 0.10 34.43 -7.39
N ASP B 84 -0.03 35.51 -8.15
CA ASP B 84 0.25 35.52 -9.58
C ASP B 84 1.68 35.92 -9.88
N ASN B 85 2.58 35.84 -8.90
CA ASN B 85 3.98 36.23 -9.01
C ASN B 85 4.15 37.71 -9.34
N GLN B 86 3.12 38.53 -9.15
CA GLN B 86 3.15 39.92 -9.56
C GLN B 86 2.67 40.83 -8.44
N VAL B 87 3.22 42.04 -8.41
CA VAL B 87 2.86 43.03 -7.40
C VAL B 87 2.27 44.23 -8.13
N ILE B 88 1.07 44.64 -7.75
CA ILE B 88 0.38 45.69 -8.47
C ILE B 88 0.25 46.92 -7.57
N HIS B 89 0.66 48.07 -8.09
CA HIS B 89 0.44 49.36 -7.45
C HIS B 89 -0.81 49.98 -8.05
N TRP B 90 -1.75 50.34 -7.18
CA TRP B 90 -3.04 50.86 -7.58
C TRP B 90 -3.15 52.33 -7.21
N GLU B 91 -3.67 53.13 -8.13
CA GLU B 91 -3.93 54.55 -7.92
C GLU B 91 -5.37 54.85 -8.30
N ILE B 92 -6.08 55.55 -7.43
CA ILE B 92 -7.45 55.98 -7.69
C ILE B 92 -7.58 57.44 -7.29
N GLU B 93 -8.28 58.22 -8.12
CA GLU B 93 -8.58 59.60 -7.74
C GLU B 93 -9.91 59.67 -6.99
N ASP B 94 -11.00 59.24 -7.64
CA ASP B 94 -12.28 59.08 -6.96
C ASP B 94 -12.93 57.81 -7.50
N ASN B 95 -12.61 56.69 -6.86
CA ASN B 95 -13.25 55.41 -7.12
C ASN B 95 -13.21 55.07 -8.61
N GLN B 96 -12.07 55.33 -9.24
CA GLN B 96 -12.02 55.33 -10.69
C GLN B 96 -10.94 54.45 -11.31
N LEU B 97 -9.94 53.99 -10.55
CA LEU B 97 -8.94 53.06 -11.05
C LEU B 97 -8.20 53.63 -12.27
N LEU B 98 -7.43 54.67 -12.00
CA LEU B 98 -6.59 55.29 -13.02
C LEU B 98 -5.16 54.78 -12.89
N LYS B 99 -4.66 54.15 -13.96
CA LYS B 99 -3.25 53.81 -14.14
C LYS B 99 -2.75 52.87 -13.03
N ALA B 100 -3.23 51.64 -13.11
CA ALA B 100 -2.61 50.56 -12.34
C ALA B 100 -1.24 50.23 -12.93
N VAL B 101 -0.31 49.80 -12.08
CA VAL B 101 1.05 49.51 -12.50
C VAL B 101 1.40 48.08 -12.08
N HIS B 102 1.97 47.32 -13.00
CA HIS B 102 2.35 45.93 -12.74
C HIS B 102 3.85 45.82 -12.47
N LEU B 103 4.21 44.92 -11.57
CA LEU B 103 5.60 44.67 -11.22
C LEU B 103 5.85 43.17 -11.29
N GLN B 104 6.91 42.78 -12.00
CA GLN B 104 7.24 41.40 -12.26
C GLN B 104 8.41 40.95 -11.38
N GLY B 105 8.90 39.75 -11.65
CA GLY B 105 9.89 39.13 -10.79
C GLY B 105 9.24 38.31 -9.70
N HIS B 106 10.03 37.97 -8.69
CA HIS B 106 9.53 37.24 -7.52
C HIS B 106 8.83 35.95 -7.93
N GLU B 107 9.60 35.02 -8.50
CA GLU B 107 9.05 33.70 -8.78
C GLU B 107 8.54 33.07 -7.49
N GLY B 108 7.36 32.46 -7.56
CA GLY B 108 6.70 31.93 -6.39
C GLY B 108 5.73 32.94 -5.81
N PRO B 109 4.74 32.47 -5.04
CA PRO B 109 3.72 33.39 -4.52
C PRO B 109 4.37 34.49 -3.69
N VAL B 110 3.79 35.69 -3.81
CA VAL B 110 4.23 36.83 -3.04
C VAL B 110 3.40 36.88 -1.77
N TYR B 111 4.06 36.96 -0.62
CA TYR B 111 3.35 36.88 0.64
C TYR B 111 3.62 38.06 1.57
N ALA B 112 4.41 39.04 1.14
CA ALA B 112 4.53 40.24 1.97
C ALA B 112 4.89 41.47 1.15
N VAL B 113 4.23 42.60 1.43
CA VAL B 113 4.53 43.86 0.75
C VAL B 113 4.40 45.01 1.75
N HIS B 114 5.20 46.04 1.53
CA HIS B 114 5.08 47.27 2.32
C HIS B 114 5.47 48.46 1.46
N ALA B 115 4.88 49.61 1.78
CA ALA B 115 4.98 50.82 0.99
C ALA B 115 5.13 52.03 1.90
N VAL B 116 6.04 52.94 1.56
CA VAL B 116 6.24 54.16 2.33
C VAL B 116 6.52 55.32 1.39
N TYR B 117 5.94 56.47 1.70
CA TYR B 117 6.26 57.71 1.01
C TYR B 117 7.64 58.19 1.44
N GLN B 118 8.50 58.46 0.48
CA GLN B 118 9.85 58.92 0.79
C GLN B 118 9.82 60.38 1.24
N ARG B 119 10.83 60.77 2.01
CA ARG B 119 10.95 62.12 2.54
C ARG B 119 11.88 62.98 1.69
N ARG B 120 11.85 62.80 0.38
CA ARG B 120 12.70 63.59 -0.51
C ARG B 120 12.43 65.08 -0.35
N THR B 121 13.50 65.86 -0.28
CA THR B 121 13.38 67.31 -0.16
C THR B 121 13.48 68.01 -1.50
N SER B 122 14.40 67.58 -2.36
CA SER B 122 14.56 68.22 -3.67
C SER B 122 13.40 67.86 -4.60
N ASP B 123 13.02 66.59 -4.64
CA ASP B 123 11.97 66.14 -5.52
C ASP B 123 10.74 65.76 -4.70
N PRO B 124 9.70 66.59 -4.67
CA PRO B 124 8.52 66.24 -3.88
C PRO B 124 7.54 65.38 -4.66
N ALA B 125 7.99 64.80 -5.78
CA ALA B 125 7.12 64.08 -6.69
C ALA B 125 6.77 62.69 -6.15
N LEU B 126 6.31 62.68 -4.90
CA LEU B 126 5.75 61.51 -4.23
C LEU B 126 6.59 60.25 -4.46
N CYS B 127 7.89 60.40 -4.22
CA CYS B 127 8.81 59.27 -4.31
C CYS B 127 8.37 58.19 -3.32
N THR B 128 8.20 56.97 -3.81
CA THR B 128 7.65 55.88 -3.03
C THR B 128 8.61 54.70 -3.00
N LEU B 129 8.63 54.01 -1.86
CA LEU B 129 9.48 52.83 -1.67
C LEU B 129 8.58 51.64 -1.40
N ILE B 130 8.92 50.51 -2.03
CA ILE B 130 8.18 49.26 -1.92
C ILE B 130 9.15 48.15 -1.56
N VAL B 131 8.79 47.33 -0.58
CA VAL B 131 9.54 46.12 -0.26
C VAL B 131 8.61 44.93 -0.43
N SER B 132 9.13 43.88 -1.05
CA SER B 132 8.33 42.70 -1.37
C SER B 132 9.10 41.44 -0.97
N ALA B 133 8.44 40.57 -0.23
CA ALA B 133 9.01 39.30 0.18
C ALA B 133 8.16 38.17 -0.38
N ALA B 134 8.81 37.26 -1.10
CA ALA B 134 8.12 36.19 -1.82
C ALA B 134 8.39 34.85 -1.17
N ALA B 135 7.78 33.81 -1.73
CA ALA B 135 7.91 32.46 -1.22
C ALA B 135 9.18 31.78 -1.68
N ASP B 136 10.00 32.45 -2.49
CA ASP B 136 11.27 31.92 -2.93
C ASP B 136 12.43 32.34 -2.02
N SER B 137 12.14 32.59 -0.74
CA SER B 137 13.15 32.97 0.25
C SER B 137 13.92 34.21 -0.22
N ALA B 138 13.17 35.16 -0.78
CA ALA B 138 13.79 36.34 -1.36
C ALA B 138 12.99 37.57 -0.99
N VAL B 139 13.70 38.69 -0.88
CA VAL B 139 13.07 39.99 -0.67
C VAL B 139 13.72 41.00 -1.60
N ARG B 140 12.91 41.86 -2.21
CA ARG B 140 13.36 42.79 -3.24
C ARG B 140 12.72 44.16 -3.03
N LEU B 141 13.27 45.14 -3.70
CA LEU B 141 12.90 46.53 -3.51
C LEU B 141 12.44 47.15 -4.83
N TRP B 142 11.60 48.17 -4.72
CA TRP B 142 11.04 48.86 -5.88
C TRP B 142 10.85 50.32 -5.53
N SER B 143 11.59 51.19 -6.21
CA SER B 143 11.46 52.63 -6.02
C SER B 143 10.65 53.21 -7.18
N LYS B 144 9.63 53.98 -6.85
CA LYS B 144 8.76 54.55 -7.87
C LYS B 144 8.76 56.07 -7.76
N LYS B 145 9.08 56.73 -8.87
CA LYS B 145 8.96 58.18 -9.01
C LYS B 145 8.23 58.47 -10.30
N GLY B 146 7.07 59.09 -10.20
CA GLY B 146 6.19 59.24 -11.34
C GLY B 146 5.81 57.88 -11.88
N PRO B 147 5.90 57.72 -13.20
CA PRO B 147 5.71 56.40 -13.81
C PRO B 147 6.97 55.56 -13.91
N GLU B 148 8.05 55.95 -13.26
CA GLU B 148 9.31 55.23 -13.34
C GLU B 148 9.37 54.17 -12.24
N VAL B 149 9.45 52.92 -12.66
CA VAL B 149 9.52 51.79 -11.73
C VAL B 149 10.73 50.94 -12.09
N MET B 150 11.50 50.56 -11.08
CA MET B 150 12.61 49.64 -11.27
C MET B 150 12.87 48.94 -9.95
N CYS B 151 13.63 47.86 -10.01
CA CYS B 151 14.03 47.12 -8.83
C CYS B 151 15.31 47.68 -8.27
N LEU B 152 15.78 47.10 -7.17
CA LEU B 152 16.95 47.59 -6.47
C LEU B 152 17.71 46.39 -5.91
N GLN B 153 18.58 46.64 -4.95
CA GLN B 153 19.33 45.57 -4.30
C GLN B 153 18.37 44.55 -3.69
N THR B 154 18.64 43.28 -3.96
CA THR B 154 17.84 42.17 -3.46
C THR B 154 18.53 41.53 -2.27
N LEU B 155 17.80 40.66 -1.57
CA LEU B 155 18.34 39.96 -0.41
C LEU B 155 17.78 38.55 -0.39
N ASN B 156 18.67 37.57 -0.55
CA ASN B 156 18.31 36.18 -0.40
C ASN B 156 18.36 35.79 1.08
N PHE B 157 17.56 34.79 1.43
CA PHE B 157 17.64 34.19 2.76
C PHE B 157 18.09 32.74 2.72
N GLY B 158 18.55 32.26 1.58
CA GLY B 158 18.93 30.86 1.47
C GLY B 158 17.74 29.96 1.66
N ASN B 159 17.65 29.33 2.82
CA ASN B 159 16.51 28.50 3.17
C ASN B 159 15.49 29.21 4.04
N GLY B 160 15.89 30.26 4.75
CA GLY B 160 14.95 30.97 5.59
C GLY B 160 13.92 31.74 4.78
N PHE B 161 12.87 32.18 5.46
CA PHE B 161 11.77 32.86 4.80
C PHE B 161 11.37 34.11 5.56
N ALA B 162 10.76 35.04 4.85
CA ALA B 162 10.27 36.28 5.42
C ALA B 162 8.78 36.14 5.72
N LEU B 163 8.38 36.55 6.91
CA LEU B 163 6.99 36.38 7.36
C LEU B 163 6.28 37.70 7.61
N ALA B 164 6.95 38.68 8.20
CA ALA B 164 6.35 39.98 8.47
C ALA B 164 7.33 41.08 8.13
N LEU B 165 6.83 42.12 7.48
CA LEU B 165 7.67 43.22 7.02
C LEU B 165 7.13 44.54 7.54
N CYS B 166 8.04 45.42 7.95
CA CYS B 166 7.66 46.77 8.33
C CYS B 166 8.80 47.71 7.98
N LEU B 167 8.48 48.97 7.77
CA LEU B 167 9.48 49.92 7.31
C LEU B 167 9.18 51.28 7.93
N SER B 168 10.22 51.97 8.39
CA SER B 168 10.01 53.30 8.96
C SER B 168 11.29 54.11 8.84
N PHE B 169 11.41 55.16 9.66
CA PHE B 169 12.52 56.10 9.58
C PHE B 169 13.13 56.31 10.96
N LEU B 170 14.41 56.69 10.96
CA LEU B 170 15.10 57.04 12.19
C LEU B 170 14.56 58.34 12.75
N PRO B 171 14.59 58.51 14.07
CA PRO B 171 13.81 59.60 14.68
C PRO B 171 14.20 60.99 14.22
N ASN B 172 15.47 61.25 13.95
CA ASN B 172 15.91 62.57 13.53
C ASN B 172 16.43 62.58 12.10
N THR B 173 17.40 61.73 11.79
CA THR B 173 17.94 61.68 10.44
C THR B 173 17.05 60.82 9.56
N ASP B 174 16.84 61.26 8.33
CA ASP B 174 16.02 60.52 7.39
C ASP B 174 16.75 59.27 6.93
N VAL B 175 16.58 58.18 7.68
CA VAL B 175 17.24 56.92 7.40
C VAL B 175 16.16 55.85 7.24
N PRO B 176 16.02 55.26 6.06
CA PRO B 176 15.01 54.19 5.90
C PRO B 176 15.42 52.90 6.57
N ILE B 177 14.70 52.54 7.63
CA ILE B 177 14.96 51.34 8.42
C ILE B 177 13.93 50.29 8.08
N LEU B 178 14.35 49.02 8.07
CA LEU B 178 13.52 47.91 7.64
C LEU B 178 13.59 46.81 8.69
N ALA B 179 12.43 46.36 9.15
CA ALA B 179 12.33 45.28 10.12
C ALA B 179 11.58 44.11 9.49
N CYS B 180 12.28 42.99 9.33
CA CYS B 180 11.74 41.82 8.66
C CYS B 180 11.53 40.70 9.67
N GLY B 181 10.33 40.12 9.65
CA GLY B 181 10.11 38.88 10.36
C GLY B 181 10.81 37.73 9.67
N ASN B 182 10.93 36.63 10.38
CA ASN B 182 11.69 35.49 9.88
C ASN B 182 11.19 34.23 10.55
N ASP B 183 11.62 33.09 10.02
CA ASP B 183 11.19 31.79 10.49
C ASP B 183 12.15 31.18 11.50
N ASP B 184 13.06 31.96 12.06
CA ASP B 184 14.07 31.45 12.97
C ASP B 184 14.17 32.28 14.24
N CYS B 185 13.06 32.90 14.64
CA CYS B 185 12.99 33.68 15.88
C CYS B 185 13.99 34.84 15.89
N ARG B 186 14.37 35.33 14.71
CA ARG B 186 15.46 36.27 14.59
C ARG B 186 15.10 37.43 13.65
N ILE B 187 14.00 38.12 13.96
CA ILE B 187 13.63 39.32 13.22
C ILE B 187 14.84 40.20 12.99
N HIS B 188 15.08 40.56 11.75
CA HIS B 188 16.27 41.30 11.35
C HIS B 188 15.88 42.75 11.10
N ILE B 189 16.56 43.67 11.76
CA ILE B 189 16.34 45.09 11.59
C ILE B 189 17.61 45.69 11.02
N PHE B 190 17.49 46.38 9.88
CA PHE B 190 18.66 46.94 9.23
C PHE B 190 18.25 47.83 8.07
N ALA B 191 19.26 48.35 7.38
CA ALA B 191 19.09 49.20 6.22
C ALA B 191 19.18 48.37 4.94
N GLN B 192 18.70 48.93 3.85
CA GLN B 192 18.44 48.12 2.65
C GLN B 192 19.07 48.69 1.40
N GLN B 193 19.17 50.00 1.26
CA GLN B 193 19.60 50.61 0.01
C GLN B 193 21.04 50.24 -0.30
N ASN B 194 21.46 50.54 -1.53
CA ASN B 194 22.84 50.31 -1.90
C ASN B 194 23.76 51.15 -1.02
N ASP B 195 23.35 52.37 -0.70
CA ASP B 195 24.15 53.22 0.18
C ASP B 195 24.07 52.77 1.63
N GLN B 196 22.97 52.12 2.02
CA GLN B 196 22.84 51.57 3.37
C GLN B 196 22.08 50.24 3.31
N PHE B 197 22.83 49.13 3.38
CA PHE B 197 22.23 47.80 3.45
C PHE B 197 22.98 46.89 4.40
N GLN B 198 23.75 47.46 5.32
CA GLN B 198 24.55 46.68 6.25
C GLN B 198 23.68 46.30 7.44
N LYS B 199 23.53 45.00 7.69
CA LYS B 199 22.75 44.57 8.84
C LYS B 199 23.40 45.05 10.13
N VAL B 200 22.60 45.60 11.02
CA VAL B 200 23.09 46.16 12.26
C VAL B 200 22.80 45.27 13.45
N LEU B 201 21.57 44.75 13.57
CA LEU B 201 21.19 43.93 14.71
C LEU B 201 20.07 42.99 14.29
N SER B 202 19.91 41.92 15.07
CA SER B 202 18.90 40.90 14.80
C SER B 202 18.43 40.38 16.15
N LEU B 203 17.24 40.82 16.57
CA LEU B 203 16.73 40.45 17.88
C LEU B 203 16.43 38.96 17.95
N CYS B 204 16.43 38.43 19.17
CA CYS B 204 16.19 37.01 19.39
C CYS B 204 15.27 36.79 20.59
N GLY B 205 14.38 37.74 20.88
CA GLY B 205 13.58 37.64 22.09
C GLY B 205 12.59 36.49 22.07
N HIS B 206 11.90 36.30 20.96
CA HIS B 206 10.85 35.28 20.90
C HIS B 206 11.45 33.88 20.89
N GLU B 207 10.57 32.89 20.98
CA GLU B 207 10.95 31.48 21.02
C GLU B 207 10.16 30.66 20.01
N ASP B 208 9.65 31.28 18.96
CA ASP B 208 8.85 30.59 17.96
C ASP B 208 8.84 31.44 16.69
N TRP B 209 8.08 30.99 15.69
CA TRP B 209 7.94 31.78 14.48
C TRP B 209 7.26 33.11 14.78
N ILE B 210 7.90 34.19 14.35
CA ILE B 210 7.41 35.53 14.59
C ILE B 210 6.52 35.90 13.42
N ARG B 211 5.22 35.96 13.66
CA ARG B 211 4.26 36.27 12.62
C ARG B 211 3.93 37.75 12.54
N GLY B 212 4.55 38.59 13.36
CA GLY B 212 4.23 40.01 13.28
C GLY B 212 5.29 40.95 13.81
N VAL B 213 5.55 42.01 13.06
CA VAL B 213 6.44 43.08 13.49
C VAL B 213 5.89 44.38 12.92
N GLU B 214 6.01 45.46 13.70
CA GLU B 214 5.38 46.72 13.30
C GLU B 214 6.15 47.88 13.91
N TRP B 215 6.55 48.84 13.07
CA TRP B 215 7.16 50.06 13.55
C TRP B 215 6.08 51.00 14.08
N ALA B 216 6.25 51.45 15.30
CA ALA B 216 5.22 52.23 15.98
C ALA B 216 5.43 53.72 15.77
N ALA B 217 4.36 54.47 16.05
CA ALA B 217 4.48 55.91 16.10
C ALA B 217 5.34 56.31 17.28
N PHE B 218 6.35 57.12 17.01
CA PHE B 218 7.38 57.46 17.97
C PHE B 218 7.02 58.78 18.64
N GLY B 219 6.94 58.75 19.97
CA GLY B 219 6.86 59.99 20.71
C GLY B 219 8.19 60.70 20.60
N ARG B 220 9.23 60.06 21.11
CA ARG B 220 10.60 60.53 20.92
C ARG B 220 11.58 59.41 20.59
N ASP B 221 11.22 58.14 20.80
CA ASP B 221 12.06 57.02 20.43
C ASP B 221 11.21 56.04 19.63
N LEU B 222 11.85 55.34 18.69
CA LEU B 222 11.11 54.46 17.78
C LEU B 222 10.66 53.24 18.55
N PHE B 223 9.36 53.17 18.82
CA PHE B 223 8.84 51.96 19.44
C PHE B 223 8.57 50.92 18.36
N LEU B 224 8.65 49.65 18.75
CA LEU B 224 8.56 48.54 17.82
C LEU B 224 7.84 47.38 18.49
N ALA B 225 6.99 46.70 17.73
CA ALA B 225 6.25 45.57 18.26
C ALA B 225 6.78 44.27 17.70
N SER B 226 6.75 43.22 18.51
CA SER B 226 7.16 41.89 18.09
C SER B 226 6.15 40.88 18.59
N CYS B 227 5.72 40.00 17.70
CA CYS B 227 4.61 39.08 17.93
C CYS B 227 4.92 37.74 17.30
N SER B 228 4.95 36.68 18.11
CA SER B 228 5.29 35.36 17.63
C SER B 228 4.28 34.35 18.10
N GLN B 229 4.45 33.11 17.63
CA GLN B 229 3.57 32.01 17.98
C GLN B 229 3.77 31.51 19.39
N ASP B 230 4.82 31.98 20.08
CA ASP B 230 5.10 31.55 21.44
C ASP B 230 4.24 32.28 22.47
N CYS B 231 3.13 32.89 22.03
CA CYS B 231 2.12 33.45 22.93
C CYS B 231 2.66 34.64 23.71
N LEU B 232 3.62 35.36 23.14
CA LEU B 232 4.22 36.49 23.81
C LEU B 232 4.31 37.67 22.87
N ILE B 233 4.17 38.87 23.44
CA ILE B 233 4.29 40.12 22.70
C ILE B 233 5.37 40.94 23.39
N ARG B 234 6.36 41.39 22.63
CA ARG B 234 7.49 42.13 23.19
C ARG B 234 7.62 43.47 22.49
N ILE B 235 7.72 44.54 23.28
CA ILE B 235 7.86 45.90 22.78
C ILE B 235 9.31 46.32 22.95
N TRP B 236 9.90 46.79 21.86
CA TRP B 236 11.32 47.13 21.80
C TRP B 236 11.47 48.60 21.45
N LYS B 237 12.29 49.31 22.22
CA LYS B 237 12.47 50.74 22.05
C LYS B 237 13.83 50.99 21.41
N LEU B 238 13.86 51.80 20.36
CA LEU B 238 15.08 52.15 19.67
C LEU B 238 15.39 53.62 19.87
N TYR B 239 16.65 53.89 20.19
CA TYR B 239 17.19 55.24 20.35
C TYR B 239 18.65 55.28 19.94
N VAL B 273 21.45 54.94 18.72
CA VAL B 273 21.51 53.55 18.32
C VAL B 273 21.57 52.65 19.56
N THR B 274 20.45 52.54 20.27
CA THR B 274 20.36 51.69 21.45
C THR B 274 19.02 50.98 21.44
N LEU B 275 18.95 49.86 22.14
CA LEU B 275 17.76 49.02 22.14
C LEU B 275 17.35 48.67 23.56
N GLU B 276 16.05 48.61 23.79
CA GLU B 276 15.47 48.16 25.06
C GLU B 276 14.47 47.05 24.80
N THR B 277 13.78 46.61 25.85
CA THR B 277 12.91 45.46 25.74
C THR B 277 11.85 45.49 26.84
N VAL B 278 10.59 45.26 26.45
CA VAL B 278 9.49 45.06 27.38
C VAL B 278 8.63 43.93 26.83
N LEU B 279 7.98 43.19 27.74
CA LEU B 279 7.21 42.01 27.36
C LEU B 279 5.80 42.11 27.92
N ALA B 280 4.94 41.21 27.44
CA ALA B 280 3.53 41.15 27.83
C ALA B 280 3.15 39.68 27.99
N GLY B 281 1.84 39.41 28.07
CA GLY B 281 1.40 38.03 28.25
C GLY B 281 -0.02 37.69 27.84
N HIS B 282 -0.15 36.70 26.95
CA HIS B 282 -1.44 36.22 26.48
C HIS B 282 -1.28 34.90 25.73
N GLU B 283 -2.10 33.91 26.06
CA GLU B 283 -1.85 32.54 25.61
C GLU B 283 -2.19 32.36 24.14
N ASN B 284 -1.83 31.18 23.62
CA ASN B 284 -2.10 30.74 22.26
C ASN B 284 -1.40 31.58 21.20
N TRP B 285 -1.53 31.19 19.94
CA TRP B 285 -0.94 31.95 18.85
C TRP B 285 -1.48 33.37 18.83
N VAL B 286 -0.58 34.32 18.63
CA VAL B 286 -0.93 35.73 18.47
C VAL B 286 -0.35 36.16 17.13
N ASN B 287 -1.16 36.85 16.32
CA ASN B 287 -0.79 37.03 14.92
C ASN B 287 -1.05 38.43 14.38
N ALA B 288 -1.49 39.37 15.22
CA ALA B 288 -1.88 40.68 14.71
C ALA B 288 -1.66 41.72 15.78
N VAL B 289 -0.73 42.63 15.55
CA VAL B 289 -0.40 43.70 16.49
C VAL B 289 -0.29 45.01 15.71
N HIS B 290 -0.86 46.07 16.27
CA HIS B 290 -0.81 47.37 15.60
C HIS B 290 -1.02 48.47 16.64
N TRP B 291 -0.24 49.54 16.52
CA TRP B 291 -0.41 50.69 17.41
C TRP B 291 -1.49 51.62 16.87
N GLN B 292 -1.95 52.50 17.76
CA GLN B 292 -2.92 53.50 17.35
C GLN B 292 -2.25 54.56 16.48
N PRO B 293 -2.81 54.86 15.31
CA PRO B 293 -2.22 55.88 14.44
C PRO B 293 -2.57 57.27 14.94
N VAL B 294 -2.09 58.27 14.21
CA VAL B 294 -2.28 59.67 14.57
C VAL B 294 -3.48 60.22 13.82
N PHE B 295 -4.32 60.97 14.52
CA PHE B 295 -5.50 61.57 13.94
C PHE B 295 -5.55 63.04 14.30
N TYR B 296 -6.15 63.84 13.42
CA TYR B 296 -6.25 65.28 13.63
C TYR B 296 -7.51 65.58 14.43
N LYS B 297 -7.35 65.79 15.73
CA LYS B 297 -8.44 66.27 16.58
C LYS B 297 -8.43 67.79 16.45
N ASP B 298 -9.47 68.31 15.78
CA ASP B 298 -9.74 69.75 15.61
C ASP B 298 -8.46 70.57 15.46
N GLY B 299 -7.67 70.23 14.46
CA GLY B 299 -6.52 71.01 14.06
C GLY B 299 -5.21 70.59 14.66
N VAL B 300 -5.23 69.75 15.69
CA VAL B 300 -4.03 69.28 16.37
C VAL B 300 -3.94 67.77 16.20
N LEU B 301 -2.80 67.30 15.70
CA LEU B 301 -2.59 65.87 15.62
C LEU B 301 -2.44 65.29 17.03
N GLN B 302 -2.87 64.05 17.18
CA GLN B 302 -2.79 63.37 18.46
C GLN B 302 -2.18 61.99 18.28
N GLN B 303 -1.36 61.60 19.24
CA GLN B 303 -0.69 60.30 19.21
C GLN B 303 -0.82 59.63 20.57
N PRO B 304 -1.87 58.82 20.75
CA PRO B 304 -2.02 58.06 21.99
C PRO B 304 -1.11 56.84 22.01
N VAL B 305 -1.16 56.12 23.13
CA VAL B 305 -0.43 54.87 23.31
C VAL B 305 -1.44 53.76 23.52
N ARG B 306 -1.44 52.78 22.60
CA ARG B 306 -2.38 51.67 22.69
C ARG B 306 -1.94 50.60 21.69
N LEU B 307 -2.37 49.36 21.96
CA LEU B 307 -2.05 48.23 21.10
C LEU B 307 -3.33 47.45 20.83
N LEU B 308 -3.21 46.39 20.04
CA LEU B 308 -4.37 45.61 19.61
C LEU B 308 -3.90 44.25 19.15
N SER B 309 -4.34 43.20 19.83
CA SER B 309 -3.87 41.84 19.59
C SER B 309 -5.02 40.92 19.22
N ALA B 310 -4.85 40.17 18.13
CA ALA B 310 -5.84 39.17 17.70
C ALA B 310 -5.19 37.80 17.71
N SER B 311 -5.90 36.81 18.25
CA SER B 311 -5.33 35.49 18.45
C SER B 311 -6.25 34.41 17.89
N MET B 312 -5.67 33.22 17.66
CA MET B 312 -6.43 32.08 17.20
C MET B 312 -7.48 31.61 18.18
N ASP B 313 -7.31 31.89 19.48
CA ASP B 313 -8.23 31.42 20.50
C ASP B 313 -9.48 32.27 20.60
N LYS B 314 -9.80 33.02 19.54
CA LYS B 314 -10.99 33.86 19.49
C LYS B 314 -10.94 34.94 20.56
N THR B 315 -9.83 35.69 20.54
CA THR B 315 -9.59 36.70 21.56
C THR B 315 -8.89 37.89 20.91
N MET B 316 -9.18 39.08 21.44
CA MET B 316 -8.57 40.30 20.96
C MET B 316 -8.45 41.28 22.13
N ILE B 317 -7.25 41.83 22.31
CA ILE B 317 -6.84 42.54 23.50
C ILE B 317 -6.44 43.97 23.14
N LEU B 318 -6.51 44.85 24.12
CA LEU B 318 -6.35 46.30 23.97
C LEU B 318 -5.37 46.84 25.00
N TRP B 319 -4.19 46.23 25.08
CA TRP B 319 -3.16 46.64 26.02
C TRP B 319 -2.97 48.14 26.05
N ALA B 320 -2.69 48.66 27.24
CA ALA B 320 -2.48 50.09 27.44
C ALA B 320 -1.49 50.28 28.59
N PRO B 321 -0.59 51.24 28.48
CA PRO B 321 0.38 51.47 29.56
C PRO B 321 -0.30 51.98 30.82
N ASP B 322 0.33 51.68 31.95
CA ASP B 322 -0.19 52.09 33.25
C ASP B 322 0.13 53.55 33.53
N GLU B 323 -0.75 54.20 34.29
CA GLU B 323 -0.48 55.57 34.71
C GLU B 323 0.68 55.62 35.69
N GLU B 324 0.71 54.72 36.67
CA GLU B 324 1.71 54.80 37.73
C GLU B 324 3.08 54.37 37.22
N SER B 325 3.20 53.12 36.78
CA SER B 325 4.49 52.57 36.38
C SER B 325 4.54 52.18 34.91
N GLY B 326 3.51 52.49 34.14
CA GLY B 326 3.54 52.17 32.73
C GLY B 326 3.60 50.68 32.43
N VAL B 327 3.01 49.87 33.28
CA VAL B 327 2.94 48.44 33.07
C VAL B 327 1.64 48.13 32.34
N TRP B 328 1.74 47.49 31.19
CA TRP B 328 0.57 47.29 30.34
C TRP B 328 -0.39 46.30 30.99
N LEU B 329 -1.65 46.71 31.07
CA LEU B 329 -2.71 45.88 31.61
C LEU B 329 -3.90 45.94 30.66
N GLU B 330 -4.67 44.85 30.64
CA GLU B 330 -5.75 44.76 29.67
C GLU B 330 -6.86 45.76 29.98
N GLN B 331 -7.55 46.20 28.93
CA GLN B 331 -8.72 47.05 29.08
C GLN B 331 -10.03 46.28 29.00
N VAL B 332 -10.16 45.35 28.06
CA VAL B 332 -11.39 44.57 27.91
C VAL B 332 -11.11 43.33 27.07
N ARG B 333 -11.70 42.21 27.48
CA ARG B 333 -11.70 40.99 26.69
C ARG B 333 -12.88 41.05 25.73
N VAL B 334 -12.62 40.83 24.45
CA VAL B 334 -13.66 40.79 23.44
C VAL B 334 -13.38 39.62 22.51
N GLY B 335 -14.44 38.93 22.10
CA GLY B 335 -14.33 37.79 21.22
C GLY B 335 -15.23 36.67 21.68
N GLU B 336 -15.41 35.67 20.80
CA GLU B 336 -16.26 34.52 21.09
C GLU B 336 -15.47 33.47 21.86
N VAL B 337 -15.19 33.80 23.12
CA VAL B 337 -14.39 32.92 23.97
C VAL B 337 -15.18 31.67 24.29
N GLY B 338 -14.55 30.51 24.08
CA GLY B 338 -15.15 29.23 24.39
C GLY B 338 -15.89 28.57 23.24
N GLY B 339 -16.16 29.31 22.17
CA GLY B 339 -16.89 28.77 21.05
C GLY B 339 -16.02 27.94 20.13
N ASN B 340 -16.60 27.52 19.02
CA ASN B 340 -15.89 26.76 18.01
C ASN B 340 -15.45 27.70 16.88
N THR B 341 -14.89 27.13 15.81
CA THR B 341 -14.41 27.86 14.65
C THR B 341 -13.37 28.91 15.06
N LEU B 342 -12.25 28.41 15.56
CA LEU B 342 -11.12 29.25 15.92
C LEU B 342 -10.70 30.08 14.70
N GLY B 343 -10.53 31.38 14.91
CA GLY B 343 -10.24 32.29 13.81
C GLY B 343 -9.52 33.52 14.25
N PHE B 344 -9.91 34.66 13.66
CA PHE B 344 -9.27 35.95 13.88
C PHE B 344 -7.82 35.92 13.35
N TYR B 345 -7.72 35.73 12.04
CA TYR B 345 -6.42 35.91 11.40
C TYR B 345 -5.90 37.33 11.52
N ASP B 346 -6.77 38.33 11.47
CA ASP B 346 -6.25 39.69 11.44
C ASP B 346 -7.10 40.59 12.32
N CYS B 347 -6.49 41.69 12.77
CA CYS B 347 -7.21 42.76 13.43
C CYS B 347 -6.60 44.09 13.00
N GLN B 348 -7.46 45.05 12.74
CA GLN B 348 -6.99 46.37 12.34
C GLN B 348 -7.76 47.43 13.10
N PHE B 349 -7.12 48.58 13.26
CA PHE B 349 -7.52 49.57 14.24
C PHE B 349 -8.13 50.76 13.52
N ASN B 350 -9.38 51.10 13.87
CA ASN B 350 -10.13 52.11 13.15
C ASN B 350 -9.47 53.48 13.29
N GLU B 351 -10.00 54.45 12.55
CA GLU B 351 -9.61 55.84 12.73
C GLU B 351 -9.96 56.29 14.15
N ASP B 352 -9.05 57.07 14.74
CA ASP B 352 -9.21 57.67 16.06
C ASP B 352 -9.79 56.73 17.10
N GLY B 353 -9.49 55.43 16.99
CA GLY B 353 -9.97 54.48 17.97
C GLY B 353 -11.48 54.36 18.05
N SER B 354 -12.20 54.78 17.01
CA SER B 354 -13.65 54.71 17.05
C SER B 354 -14.16 53.27 17.05
N MET B 355 -13.58 52.42 16.20
CA MET B 355 -13.99 51.03 16.10
C MET B 355 -12.75 50.15 16.06
N ILE B 356 -12.98 48.84 15.93
CA ILE B 356 -11.94 47.86 15.62
C ILE B 356 -12.54 46.83 14.65
N ILE B 357 -11.79 46.48 13.62
CA ILE B 357 -12.23 45.46 12.68
C ILE B 357 -11.35 44.24 12.86
N ALA B 358 -11.92 43.07 12.59
CA ALA B 358 -11.18 41.83 12.71
C ALA B 358 -11.63 40.86 11.62
N HIS B 359 -10.67 40.11 11.10
CA HIS B 359 -10.88 39.14 10.02
C HIS B 359 -10.66 37.76 10.58
N ALA B 360 -11.65 36.89 10.43
CA ALA B 360 -11.70 35.60 11.08
C ALA B 360 -11.36 34.49 10.10
N PHE B 361 -11.38 33.25 10.60
CA PHE B 361 -10.97 32.09 9.82
C PHE B 361 -11.90 31.80 8.65
N HIS B 362 -13.20 31.90 8.82
CA HIS B 362 -14.14 31.45 7.79
C HIS B 362 -14.65 32.61 6.94
N GLY B 363 -13.78 33.60 6.70
CA GLY B 363 -14.13 34.67 5.79
C GLY B 363 -15.14 35.66 6.32
N ALA B 364 -15.48 35.60 7.59
CA ALA B 364 -16.48 36.49 8.19
C ALA B 364 -15.78 37.55 9.02
N LEU B 365 -16.18 38.81 8.83
CA LEU B 365 -15.57 39.91 9.53
C LEU B 365 -16.22 40.08 10.91
N HIS B 366 -15.65 40.97 11.71
CA HIS B 366 -16.23 41.29 13.01
C HIS B 366 -15.86 42.74 13.32
N LEU B 367 -16.87 43.60 13.42
CA LEU B 367 -16.66 45.02 13.68
C LEU B 367 -17.22 45.38 15.04
N TRP B 368 -16.39 46.03 15.86
CA TRP B 368 -16.78 46.44 17.20
C TRP B 368 -16.66 47.95 17.31
N LYS B 369 -17.64 48.57 17.96
CA LYS B 369 -17.75 50.01 18.06
C LYS B 369 -17.76 50.46 19.51
N GLN B 370 -17.08 51.57 19.78
CA GLN B 370 -17.00 52.13 21.12
C GLN B 370 -18.32 52.80 21.50
N ASN B 371 -18.70 52.65 22.76
CA ASN B 371 -19.81 53.40 23.31
C ASN B 371 -19.26 54.71 23.87
N THR B 372 -19.69 55.83 23.28
CA THR B 372 -19.21 57.13 23.76
C THR B 372 -19.65 57.37 25.20
N VAL B 373 -20.86 56.97 25.54
CA VAL B 373 -21.35 57.14 26.91
C VAL B 373 -20.51 56.33 27.88
N ASN B 374 -20.23 55.07 27.55
CA ASN B 374 -19.45 54.19 28.40
C ASN B 374 -18.18 53.78 27.69
N PRO B 375 -17.04 54.42 27.98
CA PRO B 375 -15.80 54.05 27.30
C PRO B 375 -15.41 52.60 27.49
N ARG B 376 -15.74 52.01 28.63
CA ARG B 376 -15.41 50.61 28.88
C ARG B 376 -16.52 49.69 28.40
N GLU B 377 -16.91 49.84 27.13
CA GLU B 377 -17.99 49.03 26.58
C GLU B 377 -17.95 49.11 25.06
N TRP B 378 -18.12 47.97 24.41
CA TRP B 378 -18.08 47.90 22.96
C TRP B 378 -19.21 47.02 22.46
N THR B 379 -19.66 47.28 21.23
CA THR B 379 -20.77 46.54 20.68
C THR B 379 -20.46 46.06 19.26
N PRO B 380 -20.95 44.89 18.88
CA PRO B 380 -20.76 44.43 17.50
C PRO B 380 -21.58 45.28 16.54
N GLU B 381 -21.12 45.34 15.29
CA GLU B 381 -21.73 46.17 14.28
C GLU B 381 -21.97 45.37 13.00
N ILE B 382 -22.75 45.95 12.09
CA ILE B 382 -23.22 45.28 10.88
C ILE B 382 -22.23 45.54 9.76
N VAL B 383 -21.84 44.47 9.06
CA VAL B 383 -20.84 44.54 7.99
C VAL B 383 -21.32 43.69 6.82
N ILE B 384 -20.45 43.58 5.81
CA ILE B 384 -20.75 42.83 4.60
C ILE B 384 -20.40 41.36 4.80
N SER B 385 -20.98 40.50 3.96
CA SER B 385 -20.73 39.07 4.02
C SER B 385 -20.85 38.48 2.61
N GLY B 386 -20.66 37.18 2.52
CA GLY B 386 -20.77 36.48 1.25
C GLY B 386 -20.16 35.10 1.34
N HIS B 387 -20.41 34.32 0.29
CA HIS B 387 -19.84 32.97 0.22
C HIS B 387 -18.32 33.03 0.18
N PHE B 388 -17.68 32.07 0.85
CA PHE B 388 -16.23 31.97 0.84
C PHE B 388 -15.73 30.91 -0.13
N ASP B 389 -16.60 30.39 -0.98
CA ASP B 389 -16.20 29.48 -2.04
C ASP B 389 -17.14 29.71 -3.22
N GLY B 390 -16.78 29.15 -4.37
CA GLY B 390 -17.51 29.43 -5.60
C GLY B 390 -19.01 29.19 -5.55
N VAL B 391 -19.78 30.24 -5.86
CA VAL B 391 -21.23 30.12 -5.92
C VAL B 391 -21.62 29.28 -7.14
N GLN B 392 -22.71 28.54 -7.00
CA GLN B 392 -23.08 27.65 -8.09
C GLN B 392 -24.40 28.01 -8.76
N ASP B 393 -25.39 28.46 -7.99
CA ASP B 393 -26.68 28.74 -8.59
C ASP B 393 -27.46 29.69 -7.72
N LEU B 394 -28.50 30.28 -8.31
CA LEU B 394 -29.41 31.16 -7.61
C LEU B 394 -30.71 31.24 -8.39
N VAL B 395 -31.71 31.88 -7.77
CA VAL B 395 -33.01 32.03 -8.40
C VAL B 395 -33.71 33.22 -7.77
N TRP B 396 -34.47 33.95 -8.57
CA TRP B 396 -35.20 35.11 -8.07
C TRP B 396 -36.35 34.68 -7.19
N ASP B 397 -36.73 35.56 -6.27
CA ASP B 397 -38.00 35.42 -5.58
C ASP B 397 -39.13 35.45 -6.62
N PRO B 398 -40.08 34.51 -6.53
CA PRO B 398 -41.26 34.62 -7.41
C PRO B 398 -41.95 35.96 -7.31
N GLU B 399 -42.02 36.52 -6.10
CA GLU B 399 -42.55 37.87 -5.96
C GLU B 399 -41.54 38.93 -6.37
N GLY B 400 -40.25 38.66 -6.15
CA GLY B 400 -39.23 39.60 -6.57
C GLY B 400 -38.66 40.43 -5.46
N GLU B 401 -38.38 39.82 -4.32
CA GLU B 401 -37.86 40.52 -3.16
C GLU B 401 -36.50 40.03 -2.72
N PHE B 402 -36.23 38.73 -2.80
CA PHE B 402 -35.01 38.16 -2.26
C PHE B 402 -34.38 37.21 -3.26
N ILE B 403 -33.11 36.89 -3.02
CA ILE B 403 -32.38 35.95 -3.87
C ILE B 403 -31.61 34.97 -2.99
N ILE B 404 -31.70 33.69 -3.34
CA ILE B 404 -31.10 32.60 -2.57
C ILE B 404 -29.94 32.03 -3.36
N THR B 405 -28.81 31.84 -2.69
CA THR B 405 -27.60 31.32 -3.32
C THR B 405 -27.15 30.04 -2.62
N VAL B 406 -26.57 29.13 -3.41
CA VAL B 406 -25.93 27.93 -2.90
C VAL B 406 -24.48 27.96 -3.33
N GLY B 407 -23.60 27.50 -2.45
CA GLY B 407 -22.19 27.55 -2.78
C GLY B 407 -21.48 26.24 -2.51
N THR B 408 -20.42 26.01 -3.28
CA THR B 408 -19.55 24.86 -3.03
C THR B 408 -18.89 24.91 -1.67
N ASP B 409 -19.11 25.97 -0.91
CA ASP B 409 -18.78 26.05 0.50
C ASP B 409 -19.79 25.34 1.36
N GLN B 410 -20.65 24.55 0.73
CA GLN B 410 -21.63 23.71 1.41
C GLN B 410 -22.63 24.53 2.20
N THR B 411 -23.03 25.70 1.69
CA THR B 411 -23.97 26.54 2.41
C THR B 411 -25.00 27.12 1.48
N THR B 412 -26.16 27.43 2.05
CA THR B 412 -27.23 28.15 1.40
C THR B 412 -27.46 29.45 2.14
N ARG B 413 -27.59 30.55 1.41
CA ARG B 413 -27.77 31.86 2.03
C ARG B 413 -28.85 32.64 1.30
N LEU B 414 -29.47 33.57 2.03
CA LEU B 414 -30.54 34.40 1.48
C LEU B 414 -30.17 35.87 1.60
N PHE B 415 -30.46 36.63 0.55
CA PHE B 415 -30.17 38.06 0.51
C PHE B 415 -31.44 38.82 0.21
N ALA B 416 -31.69 39.86 1.02
CA ALA B 416 -32.86 40.72 0.88
C ALA B 416 -32.45 42.16 1.17
N PRO B 417 -33.15 43.13 0.62
CA PRO B 417 -32.81 44.53 0.86
C PRO B 417 -33.29 44.98 2.24
N TRP B 418 -32.77 46.13 2.66
CA TRP B 418 -33.15 46.76 3.92
C TRP B 418 -33.76 48.12 3.61
N LYS B 419 -34.97 48.36 4.12
CA LYS B 419 -35.67 49.59 3.84
C LYS B 419 -35.32 50.72 4.78
N ARG B 420 -34.78 50.42 5.97
CA ARG B 420 -34.57 51.40 7.02
C ARG B 420 -35.85 52.21 7.22
N LYS B 421 -35.72 53.49 7.48
CA LYS B 421 -36.90 54.31 7.73
C LYS B 421 -36.98 55.56 6.88
N ASP B 422 -35.86 56.22 6.62
CA ASP B 422 -35.87 57.55 6.00
C ASP B 422 -35.12 57.61 4.68
N GLN B 423 -33.87 57.16 4.66
CA GLN B 423 -33.01 57.40 3.51
C GLN B 423 -33.56 56.74 2.26
N SER B 424 -33.51 57.46 1.15
CA SER B 424 -33.90 56.89 -0.14
C SER B 424 -32.96 55.77 -0.57
N GLN B 425 -31.72 55.79 -0.09
CA GLN B 425 -30.78 54.73 -0.40
C GLN B 425 -31.23 53.42 0.26
N VAL B 426 -31.23 52.35 -0.52
CA VAL B 426 -31.64 51.03 -0.05
C VAL B 426 -30.47 50.08 -0.17
N THR B 427 -30.19 49.33 0.90
CA THR B 427 -29.06 48.43 0.96
C THR B 427 -29.54 46.99 1.14
N TRP B 428 -28.75 46.06 0.63
CA TRP B 428 -29.06 44.64 0.71
C TRP B 428 -28.10 43.96 1.67
N HIS B 429 -28.57 42.91 2.33
CA HIS B 429 -27.79 42.26 3.38
C HIS B 429 -28.14 40.79 3.44
N GLU B 430 -27.25 40.03 4.07
CA GLU B 430 -27.48 38.61 4.31
C GLU B 430 -28.47 38.45 5.44
N ILE B 431 -29.62 37.84 5.15
CA ILE B 431 -30.72 37.76 6.10
C ILE B 431 -30.74 36.43 6.84
N ALA B 432 -30.64 35.33 6.12
CA ALA B 432 -30.78 34.01 6.72
C ALA B 432 -29.82 33.03 6.07
N ARG B 433 -29.50 31.98 6.84
CA ARG B 433 -28.61 30.91 6.42
C ARG B 433 -29.37 29.61 6.61
N PRO B 434 -30.19 29.21 5.64
CA PRO B 434 -31.12 28.10 5.88
C PRO B 434 -30.48 26.81 6.33
N GLN B 435 -29.31 26.47 5.80
CA GLN B 435 -28.70 25.20 6.20
C GLN B 435 -27.21 25.24 5.96
N ILE B 436 -26.47 24.60 6.86
CA ILE B 436 -25.04 24.36 6.67
C ILE B 436 -24.86 22.88 6.42
N HIS B 437 -24.88 22.48 5.15
CA HIS B 437 -24.85 21.08 4.80
C HIS B 437 -23.42 20.55 4.87
N GLY B 438 -23.31 19.22 4.94
CA GLY B 438 -22.03 18.56 4.94
C GLY B 438 -21.54 18.11 3.57
N TYR B 439 -22.23 18.49 2.50
CA TYR B 439 -21.82 18.16 1.15
C TYR B 439 -21.86 19.40 0.28
N ASP B 440 -21.21 19.32 -0.88
CA ASP B 440 -21.26 20.42 -1.82
C ASP B 440 -22.63 20.52 -2.45
N LEU B 441 -22.93 21.68 -3.02
CA LEU B 441 -24.24 21.95 -3.60
C LEU B 441 -24.07 22.38 -5.05
N LYS B 442 -24.96 21.89 -5.91
CA LYS B 442 -24.81 22.10 -7.35
C LYS B 442 -26.08 22.61 -8.02
N CYS B 443 -27.25 22.15 -7.60
CA CYS B 443 -28.49 22.52 -8.26
C CYS B 443 -29.50 23.00 -7.23
N LEU B 444 -30.43 23.84 -7.69
CA LEU B 444 -31.39 24.47 -6.80
C LEU B 444 -32.64 24.84 -7.60
N ALA B 445 -33.81 24.71 -6.97
CA ALA B 445 -35.05 25.08 -7.63
C ALA B 445 -36.03 25.61 -6.59
N MET B 446 -37.01 26.38 -7.08
CA MET B 446 -37.99 27.08 -6.27
C MET B 446 -39.38 26.69 -6.71
N ILE B 447 -40.23 26.27 -5.76
CA ILE B 447 -41.60 25.88 -6.05
C ILE B 447 -42.59 26.91 -5.51
N ASN B 448 -42.66 27.04 -4.19
CA ASN B 448 -43.50 28.03 -3.53
C ASN B 448 -42.62 29.16 -3.04
N ARG B 449 -43.25 30.26 -2.64
CA ARG B 449 -42.50 31.44 -2.21
C ARG B 449 -41.62 31.15 -0.99
N PHE B 450 -41.89 30.06 -0.28
CA PHE B 450 -41.06 29.65 0.84
C PHE B 450 -40.74 28.16 0.78
N GLN B 451 -40.66 27.61 -0.43
CA GLN B 451 -40.44 26.18 -0.60
C GLN B 451 -39.44 25.98 -1.73
N PHE B 452 -38.30 25.40 -1.41
CA PHE B 452 -37.28 25.16 -2.41
C PHE B 452 -36.66 23.78 -2.26
N VAL B 453 -36.24 23.23 -3.40
CA VAL B 453 -35.65 21.90 -3.47
C VAL B 453 -34.18 22.04 -3.83
N SER B 454 -33.33 21.38 -3.06
CA SER B 454 -31.90 21.43 -3.23
C SER B 454 -31.34 20.06 -3.58
N GLY B 455 -30.25 20.07 -4.36
CA GLY B 455 -29.50 18.88 -4.65
C GLY B 455 -28.07 19.04 -4.15
N ALA B 456 -27.30 17.95 -4.28
CA ALA B 456 -25.93 17.94 -3.81
C ALA B 456 -25.17 16.87 -4.58
N ASP B 457 -23.92 16.64 -4.20
CA ASP B 457 -23.11 15.58 -4.79
C ASP B 457 -23.39 14.28 -4.04
N GLU B 458 -24.66 13.89 -4.08
CA GLU B 458 -25.12 12.65 -3.46
C GLU B 458 -26.28 12.11 -4.27
N LYS B 459 -27.01 11.17 -3.68
CA LYS B 459 -28.04 10.46 -4.43
C LYS B 459 -29.44 10.98 -4.14
N VAL B 460 -29.63 11.69 -3.04
CA VAL B 460 -30.95 12.09 -2.61
C VAL B 460 -31.19 13.56 -2.95
N LEU B 461 -32.45 13.98 -2.87
CA LEU B 461 -32.85 15.37 -3.05
C LEU B 461 -33.54 15.84 -1.78
N ARG B 462 -33.36 17.12 -1.44
CA ARG B 462 -33.91 17.63 -0.20
C ARG B 462 -34.89 18.77 -0.48
N VAL B 463 -35.84 18.94 0.43
CA VAL B 463 -36.87 19.97 0.34
C VAL B 463 -36.86 20.76 1.64
N PHE B 464 -36.98 22.08 1.55
CA PHE B 464 -36.96 22.91 2.74
C PHE B 464 -38.13 23.89 2.77
N SER B 465 -38.58 24.20 3.98
CA SER B 465 -39.68 25.14 4.21
C SER B 465 -39.24 26.18 5.22
N ALA B 466 -39.72 27.40 5.03
CA ALA B 466 -39.40 28.47 5.96
C ALA B 466 -40.17 28.25 7.26
N PRO B 467 -39.53 28.48 8.41
CA PRO B 467 -40.27 28.43 9.67
C PRO B 467 -41.10 29.69 9.87
N ARG B 468 -41.78 29.80 11.02
CA ARG B 468 -42.63 30.95 11.28
C ARG B 468 -41.88 32.14 11.85
N ASN B 469 -40.76 31.90 12.56
CA ASN B 469 -39.96 33.01 13.07
C ASN B 469 -39.38 33.83 11.93
N PHE B 470 -38.91 33.15 10.87
CA PHE B 470 -38.32 33.85 9.74
C PHE B 470 -39.33 34.77 9.06
N VAL B 471 -40.58 34.31 8.91
CA VAL B 471 -41.58 35.12 8.23
C VAL B 471 -41.76 36.45 8.95
N GLU B 472 -41.90 36.39 10.27
CA GLU B 472 -42.11 37.62 11.03
C GLU B 472 -40.87 38.49 11.04
N ASN B 473 -39.68 37.89 11.17
CA ASN B 473 -38.47 38.69 11.16
C ASN B 473 -38.31 39.39 9.81
N PHE B 474 -38.60 38.69 8.73
CA PHE B 474 -38.52 39.29 7.39
C PHE B 474 -39.52 40.41 7.23
N CYS B 475 -40.77 40.18 7.63
CA CYS B 475 -41.78 41.23 7.51
C CYS B 475 -41.40 42.44 8.35
N ALA B 476 -40.70 42.23 9.47
CA ALA B 476 -40.18 43.35 10.23
C ALA B 476 -39.07 44.07 9.46
N ILE B 477 -38.20 43.31 8.80
CA ILE B 477 -37.10 43.92 8.05
C ILE B 477 -37.64 44.69 6.86
N THR B 478 -38.55 44.09 6.11
CA THR B 478 -39.04 44.71 4.87
C THR B 478 -40.25 45.59 5.14
N GLY B 479 -41.33 45.00 5.66
CA GLY B 479 -42.56 45.74 5.86
C GLY B 479 -43.63 45.38 4.85
N THR B 543 -36.59 44.17 11.75
CA THR B 543 -35.92 45.14 12.60
C THR B 543 -34.65 45.65 11.91
N GLU B 544 -33.55 44.98 12.16
CA GLU B 544 -32.27 45.30 11.54
C GLU B 544 -31.60 44.01 11.11
N PRO B 545 -30.67 44.07 10.16
CA PRO B 545 -29.96 42.86 9.76
C PRO B 545 -29.20 42.25 10.93
N PRO B 546 -29.19 40.92 11.03
CA PRO B 546 -28.52 40.28 12.17
C PRO B 546 -27.01 40.37 12.05
N THR B 547 -26.35 40.18 13.19
CA THR B 547 -24.90 40.09 13.22
C THR B 547 -24.49 38.65 12.88
N GLU B 548 -23.21 38.33 13.07
CA GLU B 548 -22.69 37.06 12.59
C GLU B 548 -23.17 35.88 13.45
N ASP B 549 -23.07 36.02 14.77
CA ASP B 549 -23.33 34.89 15.65
C ASP B 549 -24.78 34.41 15.56
N HIS B 550 -25.72 35.34 15.52
CA HIS B 550 -27.12 34.97 15.41
C HIS B 550 -27.38 34.20 14.12
N LEU B 551 -26.78 34.66 13.01
CA LEU B 551 -26.89 33.92 11.76
C LEU B 551 -26.31 32.53 11.89
N LEU B 552 -25.13 32.42 12.49
CA LEU B 552 -24.44 31.14 12.54
C LEU B 552 -25.23 30.12 13.34
N GLN B 553 -25.76 30.52 14.49
CA GLN B 553 -26.35 29.55 15.41
C GLN B 553 -27.87 29.50 15.37
N ASN B 554 -28.55 30.64 15.42
CA ASN B 554 -29.99 30.67 15.65
C ASN B 554 -30.82 30.65 14.38
N THR B 555 -30.19 30.63 13.21
CA THR B 555 -30.90 30.69 11.94
C THR B 555 -30.67 29.42 11.16
N LEU B 556 -31.73 28.61 11.03
CA LEU B 556 -31.70 27.40 10.22
C LEU B 556 -33.11 27.10 9.75
N TRP B 557 -33.23 26.16 8.82
CA TRP B 557 -34.51 25.77 8.30
C TRP B 557 -34.68 24.27 8.44
N PRO B 558 -35.91 23.79 8.62
CA PRO B 558 -36.13 22.35 8.77
C PRO B 558 -36.11 21.63 7.43
N GLU B 559 -36.02 20.31 7.51
CA GLU B 559 -36.17 19.44 6.35
C GLU B 559 -37.54 18.77 6.41
N VAL B 560 -38.21 18.71 5.27
CA VAL B 560 -39.57 18.19 5.24
C VAL B 560 -39.62 16.86 4.50
N GLN B 561 -38.83 16.74 3.45
CA GLN B 561 -38.91 15.57 2.59
C GLN B 561 -37.51 15.06 2.28
N LYS B 562 -37.45 13.90 1.63
CA LYS B 562 -36.18 13.33 1.20
C LYS B 562 -36.48 12.43 -0.01
N LEU B 563 -36.16 12.92 -1.19
CA LEU B 563 -36.46 12.23 -2.44
C LEU B 563 -35.33 11.25 -2.76
N TYR B 564 -35.72 10.01 -3.05
CA TYR B 564 -34.79 8.92 -3.28
C TYR B 564 -34.89 8.44 -4.73
N GLY B 565 -34.12 7.40 -5.02
CA GLY B 565 -34.30 6.64 -6.23
C GLY B 565 -33.81 7.27 -7.52
N HIS B 566 -32.75 8.07 -7.48
CA HIS B 566 -32.20 8.64 -8.70
C HIS B 566 -31.09 7.77 -9.27
N GLY B 567 -30.14 7.35 -8.43
CA GLY B 567 -29.09 6.43 -8.80
C GLY B 567 -27.68 6.97 -8.61
N TYR B 568 -27.49 8.27 -8.82
CA TYR B 568 -26.16 8.85 -8.80
C TYR B 568 -26.26 10.30 -8.34
N GLU B 569 -25.20 11.06 -8.61
CA GLU B 569 -25.18 12.47 -8.21
C GLU B 569 -26.12 13.29 -9.08
N ILE B 570 -26.95 14.10 -8.43
CA ILE B 570 -27.87 14.97 -9.14
C ILE B 570 -27.10 16.10 -9.77
N PHE B 571 -27.43 16.42 -11.03
CA PHE B 571 -26.70 17.45 -11.76
C PHE B 571 -27.54 18.64 -12.17
N CYS B 572 -28.87 18.52 -12.23
CA CYS B 572 -29.68 19.62 -12.71
C CYS B 572 -31.11 19.46 -12.20
N VAL B 573 -31.79 20.59 -12.00
CA VAL B 573 -33.19 20.62 -11.61
C VAL B 573 -33.87 21.77 -12.34
N THR B 574 -35.20 21.66 -12.44
CA THR B 574 -36.01 22.70 -13.08
C THR B 574 -37.44 22.54 -12.63
N CYS B 575 -38.27 23.53 -12.98
CA CYS B 575 -39.69 23.50 -12.66
C CYS B 575 -40.46 24.05 -13.84
N ASN B 576 -41.74 23.71 -13.91
CA ASN B 576 -42.59 24.20 -14.98
C ASN B 576 -43.23 25.52 -14.57
N SER B 577 -43.96 26.12 -15.51
CA SER B 577 -44.59 27.42 -15.25
C SER B 577 -45.63 27.32 -14.14
N SER B 578 -46.40 26.24 -14.13
CA SER B 578 -47.44 26.06 -13.13
C SER B 578 -46.91 25.64 -11.77
N LYS B 579 -45.60 25.41 -11.66
CA LYS B 579 -44.97 25.03 -10.41
C LYS B 579 -45.59 23.73 -9.87
N THR B 580 -45.77 22.76 -10.76
CA THR B 580 -46.40 21.51 -10.37
C THR B 580 -45.67 20.26 -10.81
N LEU B 581 -44.69 20.35 -11.71
CA LEU B 581 -43.93 19.18 -12.15
C LEU B 581 -42.45 19.49 -12.09
N LEU B 582 -41.71 18.64 -11.37
CA LEU B 582 -40.27 18.78 -11.29
C LEU B 582 -39.60 17.98 -12.40
N ALA B 583 -38.28 18.14 -12.51
CA ALA B 583 -37.47 17.37 -13.45
C ALA B 583 -36.04 17.42 -12.99
N SER B 584 -35.36 16.28 -13.01
CA SER B 584 -33.99 16.19 -12.56
C SER B 584 -33.24 15.14 -13.37
N ALA B 585 -31.92 15.27 -13.38
CA ALA B 585 -31.06 14.32 -14.08
C ALA B 585 -29.85 14.01 -13.21
N CYS B 586 -29.26 12.84 -13.45
CA CYS B 586 -28.13 12.38 -12.67
C CYS B 586 -26.88 12.39 -13.52
N LYS B 587 -25.74 12.58 -12.86
CA LYS B 587 -24.46 12.45 -13.54
C LYS B 587 -24.21 10.99 -13.86
N ALA B 588 -24.01 10.69 -15.13
CA ALA B 588 -23.93 9.30 -15.56
C ALA B 588 -23.02 9.19 -16.77
N ALA B 589 -22.51 7.98 -16.99
CA ALA B 589 -21.62 7.70 -18.11
C ALA B 589 -22.15 6.59 -19.01
N LYS B 590 -23.38 6.15 -18.82
CA LYS B 590 -23.99 5.14 -19.66
C LYS B 590 -25.40 5.55 -20.01
N LYS B 591 -25.89 5.00 -21.13
CA LYS B 591 -27.23 5.38 -21.60
C LYS B 591 -28.29 5.03 -20.58
N GLU B 592 -28.15 3.88 -19.92
CA GLU B 592 -29.16 3.46 -18.96
C GLU B 592 -29.28 4.44 -17.81
N HIS B 593 -28.15 4.83 -17.21
CA HIS B 593 -28.20 5.63 -16.00
C HIS B 593 -28.69 7.05 -16.28
N ALA B 594 -28.20 7.66 -17.36
CA ALA B 594 -28.54 9.04 -17.67
C ALA B 594 -29.96 9.08 -18.21
N ALA B 595 -30.92 9.36 -17.34
CA ALA B 595 -32.31 9.44 -17.74
C ALA B 595 -32.99 10.55 -16.97
N ILE B 596 -34.04 11.10 -17.57
CA ILE B 596 -34.79 12.19 -16.97
C ILE B 596 -35.90 11.62 -16.11
N ILE B 597 -36.02 12.13 -14.89
CA ILE B 597 -37.02 11.68 -13.93
C ILE B 597 -37.99 12.82 -13.66
N LEU B 598 -39.28 12.54 -13.76
CA LEU B 598 -40.32 13.53 -13.52
C LEU B 598 -41.05 13.20 -12.23
N TRP B 599 -41.22 14.20 -11.38
CA TRP B 599 -41.90 14.04 -10.10
C TRP B 599 -43.18 14.85 -10.09
N ASN B 600 -44.03 14.55 -9.11
CA ASN B 600 -45.26 15.30 -8.88
C ASN B 600 -45.09 16.08 -7.60
N THR B 601 -45.24 17.40 -7.68
CA THR B 601 -44.95 18.26 -6.54
C THR B 601 -45.86 17.99 -5.35
N THR B 602 -47.13 17.68 -5.60
CA THR B 602 -48.07 17.48 -4.51
C THR B 602 -47.88 16.16 -3.79
N SER B 603 -47.20 15.19 -4.40
CA SER B 603 -47.05 13.88 -3.80
C SER B 603 -45.61 13.43 -3.68
N TRP B 604 -44.67 14.08 -4.36
CA TRP B 604 -43.26 13.72 -4.30
C TRP B 604 -43.04 12.26 -4.71
N LYS B 605 -43.62 11.90 -5.85
CA LYS B 605 -43.49 10.56 -6.39
C LYS B 605 -43.13 10.63 -7.87
N GLN B 606 -42.35 9.66 -8.32
CA GLN B 606 -42.00 9.59 -9.74
C GLN B 606 -43.26 9.36 -10.57
N VAL B 607 -43.34 10.04 -11.71
CA VAL B 607 -44.51 9.94 -12.57
C VAL B 607 -44.13 9.31 -13.89
N GLN B 608 -42.97 9.68 -14.44
CA GLN B 608 -42.58 9.18 -15.74
C GLN B 608 -41.06 9.21 -15.83
N ASN B 609 -40.52 8.39 -16.71
CA ASN B 609 -39.09 8.08 -16.72
C ASN B 609 -38.51 8.16 -18.13
N LEU B 610 -38.72 9.30 -18.78
CA LEU B 610 -38.15 9.52 -20.11
C LEU B 610 -36.67 9.18 -20.15
N VAL B 611 -36.26 8.46 -21.19
CA VAL B 611 -34.87 8.09 -21.39
C VAL B 611 -34.54 8.16 -22.87
N PHE B 612 -33.67 9.08 -23.25
CA PHE B 612 -33.15 9.12 -24.61
C PHE B 612 -31.66 9.41 -24.71
N HIS B 613 -31.06 10.10 -23.75
CA HIS B 613 -29.67 10.51 -23.89
C HIS B 613 -28.73 9.42 -23.40
N SER B 614 -27.48 9.52 -23.81
CA SER B 614 -26.48 8.53 -23.49
C SER B 614 -25.41 9.02 -22.52
N LEU B 615 -25.39 10.32 -22.21
CA LEU B 615 -24.42 10.86 -21.28
C LEU B 615 -25.12 11.88 -20.40
N THR B 616 -24.32 12.61 -19.62
CA THR B 616 -24.88 13.51 -18.62
C THR B 616 -25.72 14.60 -19.27
N VAL B 617 -26.80 14.97 -18.59
CA VAL B 617 -27.67 16.06 -19.01
C VAL B 617 -27.24 17.31 -18.25
N THR B 618 -26.83 18.34 -18.98
CA THR B 618 -26.31 19.53 -18.32
C THR B 618 -27.45 20.39 -17.76
N GLN B 619 -28.34 20.86 -18.62
CA GLN B 619 -29.42 21.73 -18.17
C GLN B 619 -30.69 21.43 -18.97
N MET B 620 -31.82 21.60 -18.31
CA MET B 620 -33.14 21.39 -18.90
C MET B 620 -33.97 22.66 -18.75
N ALA B 621 -35.07 22.72 -19.50
CA ALA B 621 -35.94 23.89 -19.42
C ALA B 621 -37.31 23.56 -19.95
N PHE B 622 -38.34 23.92 -19.18
CA PHE B 622 -39.71 23.83 -19.65
C PHE B 622 -39.98 25.03 -20.57
N SER B 623 -41.22 25.20 -20.96
CA SER B 623 -41.56 26.34 -21.81
C SER B 623 -42.72 27.11 -21.19
N PRO B 624 -42.77 28.42 -21.43
CA PRO B 624 -43.92 29.19 -20.93
C PRO B 624 -45.25 28.69 -21.45
N ASN B 625 -45.28 28.14 -22.66
CA ASN B 625 -46.48 27.48 -23.15
C ASN B 625 -46.83 26.27 -22.31
N GLU B 626 -45.87 25.72 -21.57
CA GLU B 626 -46.06 24.52 -20.76
C GLU B 626 -46.56 23.35 -21.59
N LYS B 627 -46.10 23.27 -22.84
CA LYS B 627 -46.43 22.14 -23.70
C LYS B 627 -45.18 21.53 -24.33
N PHE B 628 -44.02 21.78 -23.74
CA PHE B 628 -42.77 21.26 -24.26
C PHE B 628 -41.79 21.15 -23.10
N LEU B 629 -40.75 20.36 -23.30
CA LEU B 629 -39.64 20.30 -22.35
C LEU B 629 -38.37 19.99 -23.13
N LEU B 630 -37.37 20.84 -22.98
CA LEU B 630 -36.14 20.73 -23.74
C LEU B 630 -35.00 20.31 -22.82
N ALA B 631 -34.12 19.45 -23.32
CA ALA B 631 -33.01 18.95 -22.53
C ALA B 631 -31.78 18.79 -23.42
N VAL B 632 -30.71 19.47 -23.08
CA VAL B 632 -29.43 19.30 -23.76
C VAL B 632 -28.55 18.39 -22.92
N SER B 633 -27.68 17.64 -23.58
CA SER B 633 -26.84 16.67 -22.89
C SER B 633 -25.40 16.90 -23.26
N ARG B 634 -24.50 16.25 -22.52
CA ARG B 634 -23.09 16.28 -22.85
C ARG B 634 -22.79 15.50 -24.13
N ASP B 635 -23.77 14.77 -24.66
CA ASP B 635 -23.61 14.04 -25.90
C ASP B 635 -23.65 14.95 -27.12
N ARG B 636 -23.46 16.25 -26.92
CA ARG B 636 -23.48 17.23 -28.01
C ARG B 636 -24.78 17.14 -28.78
N THR B 637 -25.89 17.00 -28.06
CA THR B 637 -27.19 16.88 -28.70
C THR B 637 -28.26 17.32 -27.71
N TRP B 638 -29.48 17.45 -28.23
CA TRP B 638 -30.62 17.89 -27.45
C TRP B 638 -31.84 17.10 -27.84
N SER B 639 -32.81 17.08 -26.94
CA SER B 639 -34.07 16.41 -27.15
C SER B 639 -35.22 17.31 -26.70
N LEU B 640 -36.36 17.15 -27.35
CA LEU B 640 -37.58 17.87 -27.02
C LEU B 640 -38.70 16.87 -26.80
N TRP B 641 -39.45 17.07 -25.72
CA TRP B 641 -40.53 16.17 -25.35
C TRP B 641 -41.83 16.96 -25.25
N LYS B 642 -42.90 16.40 -25.81
CA LYS B 642 -44.18 17.06 -25.89
C LYS B 642 -45.22 16.30 -25.08
N LYS B 643 -46.03 17.05 -24.32
CA LYS B 643 -47.13 16.45 -23.58
C LYS B 643 -48.28 16.13 -24.52
N GLN B 644 -48.86 14.95 -24.36
CA GLN B 644 -49.98 14.52 -25.18
C GLN B 644 -51.29 14.68 -24.42
N ASP B 645 -52.35 14.94 -25.16
CA ASP B 645 -53.67 15.08 -24.56
C ASP B 645 -54.54 13.87 -24.89
N VAL B 654 -46.84 10.77 -19.81
CA VAL B 654 -47.81 11.60 -20.52
C VAL B 654 -47.06 12.45 -21.54
N PHE B 655 -45.73 12.42 -21.45
CA PHE B 655 -44.85 13.07 -22.42
C PHE B 655 -44.29 12.04 -23.39
N SER B 656 -44.22 12.41 -24.66
CA SER B 656 -43.64 11.58 -25.70
C SER B 656 -42.54 12.38 -26.39
N LEU B 657 -41.77 11.68 -27.22
CA LEU B 657 -40.74 12.33 -28.02
C LEU B 657 -41.37 12.94 -29.26
N PHE B 658 -40.97 14.16 -29.58
CA PHE B 658 -41.49 14.82 -30.78
C PHE B 658 -40.36 15.31 -31.67
N ALA B 659 -39.25 15.71 -31.07
CA ALA B 659 -38.09 16.15 -31.81
C ALA B 659 -36.96 15.14 -31.63
N PHE B 660 -35.86 15.38 -32.33
CA PHE B 660 -34.76 14.43 -32.34
C PHE B 660 -33.52 15.14 -32.88
N THR B 661 -32.34 14.66 -32.46
CA THR B 661 -31.10 15.22 -32.98
C THR B 661 -30.01 14.16 -32.85
N ASN B 662 -29.64 13.56 -33.97
CA ASN B 662 -28.55 12.60 -34.01
C ASN B 662 -27.22 13.34 -34.05
N LYS B 663 -26.15 12.61 -34.35
CA LYS B 663 -24.84 13.24 -34.40
C LYS B 663 -24.72 14.20 -35.59
N ILE B 664 -25.19 13.78 -36.76
CA ILE B 664 -24.98 14.60 -37.95
C ILE B 664 -25.82 15.86 -37.92
N THR B 665 -27.06 15.79 -37.44
CA THR B 665 -27.97 16.93 -37.49
C THR B 665 -27.79 17.84 -36.27
N SER B 666 -26.54 18.26 -36.04
CA SER B 666 -26.24 19.14 -34.90
C SER B 666 -25.11 20.07 -35.32
N VAL B 667 -25.42 21.36 -35.41
CA VAL B 667 -24.40 22.33 -35.81
C VAL B 667 -23.29 22.41 -34.78
N HIS B 668 -23.64 22.30 -33.50
CA HIS B 668 -22.63 22.32 -32.45
C HIS B 668 -21.69 21.13 -32.60
N SER B 669 -20.42 21.37 -32.27
CA SER B 669 -19.42 20.32 -32.33
C SER B 669 -19.08 19.74 -30.97
N ARG B 670 -19.31 20.48 -29.90
CA ARG B 670 -18.86 20.05 -28.57
C ARG B 670 -19.99 20.07 -27.56
N ILE B 671 -19.63 19.97 -26.28
CA ILE B 671 -20.63 19.92 -25.22
C ILE B 671 -21.51 21.16 -25.27
N ILE B 672 -22.81 20.96 -25.28
CA ILE B 672 -23.76 22.05 -25.20
C ILE B 672 -24.00 22.36 -23.73
N TRP B 673 -23.77 23.61 -23.33
CA TRP B 673 -23.75 23.96 -21.92
C TRP B 673 -25.10 24.44 -21.39
N SER B 674 -25.78 25.33 -22.11
CA SER B 674 -27.02 25.88 -21.59
C SER B 674 -28.05 26.01 -22.70
N CYS B 675 -29.31 26.11 -22.29
CA CYS B 675 -30.41 26.27 -23.23
C CYS B 675 -31.47 27.16 -22.60
N ASP B 676 -32.28 27.78 -23.45
CA ASP B 676 -33.30 28.69 -22.98
C ASP B 676 -34.44 28.74 -23.98
N TRP B 677 -35.60 29.16 -23.50
CA TRP B 677 -36.80 29.30 -24.32
C TRP B 677 -37.06 30.76 -24.63
N SER B 678 -38.21 31.04 -25.25
CA SER B 678 -38.63 32.37 -25.62
C SER B 678 -39.95 32.71 -24.94
N PRO B 679 -40.18 33.98 -24.62
CA PRO B 679 -41.42 34.35 -23.91
C PRO B 679 -42.69 34.00 -24.67
N ASP B 680 -42.66 34.05 -25.99
CA ASP B 680 -43.81 33.68 -26.80
C ASP B 680 -43.90 32.18 -27.02
N SER B 681 -42.93 31.42 -26.53
CA SER B 681 -42.89 29.97 -26.70
C SER B 681 -42.94 29.60 -28.19
N LYS B 682 -42.06 30.22 -28.97
CA LYS B 682 -42.07 30.02 -30.42
C LYS B 682 -40.70 29.62 -30.92
N TYR B 683 -39.64 30.12 -30.29
CA TYR B 683 -38.27 29.82 -30.66
C TYR B 683 -37.50 29.44 -29.40
N PHE B 684 -36.29 28.93 -29.58
CA PHE B 684 -35.46 28.68 -28.40
C PHE B 684 -33.99 28.78 -28.79
N PHE B 685 -33.15 28.84 -27.77
CA PHE B 685 -31.74 29.18 -27.95
C PHE B 685 -30.87 28.18 -27.22
N THR B 686 -29.68 27.91 -27.76
CA THR B 686 -28.74 26.97 -27.17
C THR B 686 -27.34 27.54 -27.24
N GLY B 687 -26.64 27.51 -26.11
CA GLY B 687 -25.25 27.95 -26.07
C GLY B 687 -24.33 26.81 -25.68
N SER B 688 -23.28 26.62 -26.45
CA SER B 688 -22.37 25.49 -26.30
C SER B 688 -20.99 25.98 -25.88
N ARG B 689 -20.07 25.03 -25.75
CA ARG B 689 -18.67 25.32 -25.49
C ARG B 689 -17.89 25.54 -26.76
N ASP B 690 -18.55 25.54 -27.91
CA ASP B 690 -17.91 25.77 -29.19
C ASP B 690 -17.84 27.24 -29.56
N LYS B 691 -18.05 28.13 -28.58
CA LYS B 691 -18.04 29.58 -28.81
C LYS B 691 -19.12 30.00 -29.78
N LYS B 692 -20.18 29.20 -29.92
CA LYS B 692 -21.25 29.48 -30.85
C LYS B 692 -22.59 29.34 -30.13
N VAL B 693 -23.50 30.27 -30.42
CA VAL B 693 -24.86 30.22 -29.93
C VAL B 693 -25.78 30.03 -31.13
N VAL B 694 -26.73 29.11 -31.01
CA VAL B 694 -27.63 28.79 -32.12
C VAL B 694 -29.06 28.89 -31.62
N VAL B 695 -29.87 29.64 -32.33
CA VAL B 695 -31.30 29.71 -32.08
C VAL B 695 -32.01 28.80 -33.08
N TRP B 696 -32.89 27.96 -32.56
CA TRP B 696 -33.71 27.07 -33.37
C TRP B 696 -35.14 27.56 -33.37
N GLY B 697 -35.72 27.63 -34.56
CA GLY B 697 -37.09 28.04 -34.72
C GLY B 697 -37.96 26.93 -35.26
N GLU B 698 -39.14 26.77 -34.68
CA GLU B 698 -40.07 25.74 -35.12
C GLU B 698 -41.44 26.35 -35.34
N CYS B 699 -41.73 27.43 -34.62
CA CYS B 699 -43.01 28.12 -34.68
C CYS B 699 -44.19 27.19 -34.37
N ASP B 700 -43.93 26.04 -33.75
CA ASP B 700 -44.95 25.03 -33.51
C ASP B 700 -45.52 25.22 -32.12
N SER B 701 -46.81 25.53 -32.06
CA SER B 701 -47.52 25.64 -30.79
C SER B 701 -48.97 25.23 -31.03
N THR B 702 -49.65 24.91 -29.93
CA THR B 702 -51.04 24.44 -29.96
C THR B 702 -51.06 23.15 -30.78
N ASP B 703 -51.69 23.13 -31.96
CA ASP B 703 -51.75 21.93 -32.78
C ASP B 703 -50.93 22.14 -34.04
N ASP B 704 -50.01 21.21 -34.30
CA ASP B 704 -49.18 21.25 -35.50
C ASP B 704 -49.12 19.84 -36.06
N CYS B 705 -49.83 19.60 -37.16
CA CYS B 705 -49.90 18.27 -37.75
C CYS B 705 -48.69 17.92 -38.58
N ILE B 706 -47.78 18.86 -38.83
CA ILE B 706 -46.58 18.56 -39.60
C ILE B 706 -45.63 17.72 -38.76
N GLU B 707 -45.05 16.70 -39.37
CA GLU B 707 -44.12 15.84 -38.67
C GLU B 707 -42.75 16.52 -38.58
N HIS B 708 -42.24 16.66 -37.36
CA HIS B 708 -40.91 17.20 -37.12
C HIS B 708 -40.76 18.60 -37.70
N ASN B 709 -40.02 18.71 -38.80
CA ASN B 709 -39.70 19.97 -39.46
C ASN B 709 -38.93 20.93 -38.57
N ILE B 710 -38.14 20.42 -37.63
CA ILE B 710 -37.40 21.26 -36.71
C ILE B 710 -36.10 21.70 -37.37
N GLY B 711 -35.85 23.00 -37.37
CA GLY B 711 -34.64 23.53 -37.94
C GLY B 711 -34.09 24.71 -37.16
N PRO B 712 -32.82 25.03 -37.39
CA PRO B 712 -32.26 26.22 -36.74
C PRO B 712 -32.94 27.51 -37.19
N CYS B 713 -33.15 27.66 -38.50
CA CYS B 713 -33.98 28.73 -39.05
C CYS B 713 -33.28 30.09 -38.96
N SER B 714 -32.14 30.16 -38.29
CA SER B 714 -31.44 31.43 -38.15
C SER B 714 -29.95 31.18 -38.13
N SER B 715 -29.19 32.27 -38.07
CA SER B 715 -27.75 32.22 -38.28
C SER B 715 -27.04 31.68 -37.03
N VAL B 716 -25.71 31.75 -37.06
CA VAL B 716 -24.86 31.35 -35.95
C VAL B 716 -23.89 32.48 -35.68
N LEU B 717 -23.59 32.71 -34.40
CA LEU B 717 -22.70 33.79 -34.02
C LEU B 717 -21.34 33.23 -33.65
N ASP B 718 -20.44 34.13 -33.23
CA ASP B 718 -19.15 33.70 -32.70
C ASP B 718 -18.71 34.73 -31.66
N VAL B 719 -18.97 34.41 -30.39
CA VAL B 719 -18.50 35.22 -29.28
C VAL B 719 -17.02 34.95 -29.09
N GLY B 720 -16.37 35.73 -28.23
CA GLY B 720 -14.94 35.61 -28.04
C GLY B 720 -14.50 34.32 -27.37
N GLY B 721 -15.37 33.68 -26.60
CA GLY B 721 -14.95 32.52 -25.85
C GLY B 721 -16.04 31.50 -25.57
N ALA B 722 -15.80 30.62 -24.61
CA ALA B 722 -16.74 29.57 -24.29
C ALA B 722 -18.00 30.16 -23.65
N VAL B 723 -19.13 29.55 -23.98
CA VAL B 723 -20.44 30.00 -23.51
C VAL B 723 -20.93 29.03 -22.44
N THR B 724 -21.31 29.57 -21.29
CA THR B 724 -21.82 28.74 -20.20
C THR B 724 -23.17 29.19 -19.67
N ALA B 725 -23.78 30.22 -20.24
CA ALA B 725 -25.08 30.68 -19.76
C ALA B 725 -25.73 31.54 -20.84
N VAL B 726 -26.93 31.18 -21.26
CA VAL B 726 -27.70 31.95 -22.22
C VAL B 726 -29.09 32.20 -21.63
N SER B 727 -29.52 33.46 -21.65
CA SER B 727 -30.80 33.82 -21.09
C SER B 727 -31.55 34.74 -22.02
N VAL B 728 -32.87 34.70 -21.94
CA VAL B 728 -33.76 35.53 -22.75
C VAL B 728 -34.61 36.38 -21.82
N CYS B 729 -34.64 37.68 -22.08
CA CYS B 729 -35.42 38.57 -21.25
C CYS B 729 -36.90 38.21 -21.35
N PRO B 730 -37.62 38.14 -20.23
CA PRO B 730 -39.00 37.64 -20.28
C PRO B 730 -39.98 38.60 -20.94
N VAL B 731 -39.73 39.90 -20.93
CA VAL B 731 -40.70 40.84 -21.45
C VAL B 731 -40.46 41.03 -22.94
N LEU B 732 -41.53 41.34 -23.67
CA LEU B 732 -41.48 41.57 -25.09
C LEU B 732 -41.92 42.99 -25.40
N HIS B 733 -41.29 43.57 -26.40
CA HIS B 733 -41.58 44.92 -26.88
C HIS B 733 -41.95 44.83 -28.35
N PRO B 734 -42.60 45.85 -28.89
CA PRO B 734 -42.97 45.82 -30.31
C PRO B 734 -41.75 45.69 -31.21
N SER B 735 -42.03 45.57 -32.51
CA SER B 735 -41.09 45.27 -33.58
C SER B 735 -40.63 43.83 -33.55
N GLN B 736 -41.12 43.03 -32.60
CA GLN B 736 -40.83 41.59 -32.54
C GLN B 736 -39.32 41.35 -32.52
N ARG B 737 -38.64 42.11 -31.68
CA ARG B 737 -37.18 42.13 -31.63
C ARG B 737 -36.73 41.48 -30.33
N TYR B 738 -36.04 40.35 -30.44
CA TYR B 738 -35.65 39.57 -29.28
C TYR B 738 -34.30 40.03 -28.74
N VAL B 739 -34.10 39.83 -27.44
CA VAL B 739 -32.86 40.20 -26.77
C VAL B 739 -32.34 38.99 -26.00
N VAL B 740 -31.02 38.82 -26.01
CA VAL B 740 -30.37 37.67 -25.40
C VAL B 740 -29.19 38.15 -24.57
N ALA B 741 -29.05 37.60 -23.36
CA ALA B 741 -27.92 37.88 -22.49
C ALA B 741 -27.04 36.64 -22.45
N VAL B 742 -25.75 36.83 -22.75
CA VAL B 742 -24.79 35.73 -22.83
C VAL B 742 -23.73 35.93 -21.77
N GLY B 743 -23.50 34.90 -20.96
CA GLY B 743 -22.45 34.92 -19.98
C GLY B 743 -21.26 34.10 -20.43
N LEU B 744 -20.16 34.77 -20.78
CA LEU B 744 -19.02 34.11 -21.38
C LEU B 744 -18.25 33.34 -20.30
N GLU B 745 -17.12 32.77 -20.70
CA GLU B 745 -16.30 31.99 -19.79
C GLU B 745 -15.25 32.81 -19.07
N CYS B 746 -14.61 33.76 -19.75
CA CYS B 746 -13.57 34.56 -19.10
C CYS B 746 -14.12 35.37 -17.94
N GLY B 747 -15.39 35.76 -18.01
CA GLY B 747 -16.01 36.48 -16.92
C GLY B 747 -16.85 37.66 -17.35
N LYS B 748 -16.86 37.94 -18.65
CA LYS B 748 -17.63 39.06 -19.17
C LYS B 748 -19.01 38.59 -19.60
N ILE B 749 -19.92 39.57 -19.69
CA ILE B 749 -21.30 39.32 -20.10
C ILE B 749 -21.64 40.27 -21.25
N CYS B 750 -22.37 39.78 -22.23
CA CYS B 750 -22.75 40.58 -23.39
C CYS B 750 -24.25 40.50 -23.60
N LEU B 751 -24.77 41.48 -24.32
CA LEU B 751 -26.17 41.51 -24.73
C LEU B 751 -26.24 41.64 -26.24
N TYR B 752 -27.06 40.80 -26.87
CA TYR B 752 -27.23 40.83 -28.31
C TYR B 752 -28.73 40.90 -28.61
N THR B 753 -29.04 41.29 -29.83
CA THR B 753 -30.42 41.43 -30.27
C THR B 753 -30.61 40.66 -31.56
N TRP B 754 -31.66 39.86 -31.63
CA TRP B 754 -31.96 39.07 -32.81
C TRP B 754 -33.30 39.47 -33.40
N LYS B 755 -33.36 39.56 -34.72
CA LYS B 755 -34.59 39.84 -35.44
C LYS B 755 -34.66 38.87 -36.61
N LYS B 756 -35.85 38.32 -36.85
CA LYS B 756 -36.03 37.39 -37.95
C LYS B 756 -35.85 38.10 -39.28
N THR B 757 -35.04 37.52 -40.16
CA THR B 757 -34.84 38.05 -41.49
C THR B 757 -36.00 37.61 -42.38
N ASP B 758 -35.91 37.89 -43.68
CA ASP B 758 -36.96 37.55 -44.61
C ASP B 758 -36.72 36.19 -45.27
N GLN B 759 -35.62 36.05 -45.97
CA GLN B 759 -35.32 34.85 -46.74
C GLN B 759 -33.93 34.29 -46.48
N VAL B 760 -32.94 35.15 -46.29
CA VAL B 760 -31.56 34.73 -46.06
C VAL B 760 -31.27 34.84 -44.56
N PRO B 761 -31.05 33.74 -43.86
CA PRO B 761 -30.69 33.86 -42.43
C PRO B 761 -29.40 34.62 -42.19
N GLU B 762 -28.43 34.49 -43.09
CA GLU B 762 -27.07 34.98 -42.84
C GLU B 762 -26.86 36.37 -43.44
N ILE B 763 -27.73 37.30 -43.06
CA ILE B 763 -27.56 38.71 -43.40
C ILE B 763 -28.04 39.53 -42.20
N ASN B 764 -27.11 40.21 -41.53
CA ASN B 764 -27.37 41.06 -40.38
C ASN B 764 -28.42 40.46 -39.46
N ASP B 765 -28.31 39.15 -39.21
CA ASP B 765 -29.30 38.47 -38.38
C ASP B 765 -29.29 39.00 -36.96
N TRP B 766 -28.11 39.28 -36.42
CA TRP B 766 -27.95 39.69 -35.04
C TRP B 766 -27.24 41.03 -34.95
N THR B 767 -27.67 41.86 -34.01
CA THR B 767 -27.08 43.15 -33.74
C THR B 767 -26.48 43.16 -32.34
N HIS B 768 -25.49 44.01 -32.17
CA HIS B 768 -24.74 44.12 -30.93
C HIS B 768 -25.36 45.17 -30.00
N CYS B 769 -25.01 45.07 -28.72
CA CYS B 769 -25.49 46.00 -27.70
C CYS B 769 -24.38 46.19 -26.68
N VAL B 770 -24.74 46.71 -25.51
CA VAL B 770 -23.75 47.11 -24.52
C VAL B 770 -23.00 45.88 -23.99
N GLU B 771 -21.72 46.06 -23.70
CA GLU B 771 -20.87 45.03 -23.11
C GLU B 771 -20.49 45.44 -21.70
N THR B 772 -20.18 44.44 -20.88
CA THR B 772 -19.70 44.73 -19.53
C THR B 772 -18.27 45.27 -19.58
N SER B 773 -18.02 46.30 -18.77
CA SER B 773 -16.71 46.93 -18.74
C SER B 773 -15.79 46.13 -17.82
N GLN B 774 -14.56 46.62 -17.65
CA GLN B 774 -13.62 45.91 -16.79
C GLN B 774 -14.09 45.87 -15.35
N SER B 775 -14.58 47.00 -14.84
CA SER B 775 -14.95 47.05 -13.43
C SER B 775 -16.12 46.12 -13.14
N GLN B 776 -17.16 46.14 -13.97
CA GLN B 776 -18.33 45.32 -13.76
C GLN B 776 -18.26 44.07 -14.64
N SER B 777 -17.41 43.14 -14.22
CA SER B 777 -17.28 41.86 -14.90
C SER B 777 -16.69 40.85 -13.93
N HIS B 778 -17.24 39.64 -13.95
CA HIS B 778 -16.70 38.58 -13.10
C HIS B 778 -15.31 38.18 -13.58
N THR B 779 -14.59 37.47 -12.71
CA THR B 779 -13.18 37.20 -12.95
C THR B 779 -12.88 35.81 -13.48
N LEU B 780 -13.48 34.77 -12.91
CA LEU B 780 -13.18 33.41 -13.33
C LEU B 780 -14.19 32.84 -14.32
N ALA B 781 -15.44 32.71 -13.93
CA ALA B 781 -16.43 32.12 -14.83
C ALA B 781 -17.82 32.49 -14.33
N ILE B 782 -18.80 32.41 -15.22
CA ILE B 782 -20.18 32.70 -14.91
C ILE B 782 -20.94 31.38 -14.85
N ARG B 783 -22.05 31.38 -14.11
CA ARG B 783 -22.82 30.15 -13.93
C ARG B 783 -24.32 30.30 -14.14
N LYS B 784 -24.86 31.51 -14.07
CA LYS B 784 -26.31 31.67 -14.21
C LYS B 784 -26.61 33.11 -14.57
N LEU B 785 -27.72 33.31 -15.28
CA LEU B 785 -28.20 34.64 -15.65
C LEU B 785 -29.71 34.63 -15.42
N CYS B 786 -30.15 35.12 -14.26
CA CYS B 786 -31.55 34.99 -13.88
C CYS B 786 -32.21 36.36 -13.95
N TRP B 787 -33.18 36.51 -14.85
CA TRP B 787 -33.93 37.74 -14.97
C TRP B 787 -34.98 37.83 -13.88
N LYS B 788 -35.18 39.03 -13.36
CA LYS B 788 -36.25 39.25 -12.40
C LYS B 788 -37.61 39.04 -13.07
N ASN B 789 -38.53 38.44 -12.33
CA ASN B 789 -39.86 38.19 -12.87
C ASN B 789 -40.56 39.51 -13.19
N CYS B 790 -41.28 39.54 -14.30
CA CYS B 790 -41.95 40.75 -14.73
C CYS B 790 -43.44 40.52 -14.99
N SER B 791 -44.10 41.54 -15.55
CA SER B 791 -45.53 41.48 -15.86
C SER B 791 -46.35 41.15 -14.61
N GLY B 792 -45.97 41.75 -13.48
CA GLY B 792 -46.66 41.52 -12.23
C GLY B 792 -46.42 40.13 -11.67
N LEU B 805 -34.99 47.41 -15.83
CA LEU B 805 -34.84 45.95 -15.89
C LEU B 805 -33.73 45.47 -14.99
N HIS B 806 -33.93 44.33 -14.35
CA HIS B 806 -32.99 43.78 -13.39
C HIS B 806 -32.72 42.32 -13.66
N PHE B 807 -31.49 41.89 -13.44
CA PHE B 807 -31.15 40.48 -13.46
C PHE B 807 -29.88 40.25 -12.65
N ALA B 808 -29.71 39.00 -12.21
CA ALA B 808 -28.61 38.64 -11.32
C ALA B 808 -27.70 37.62 -12.00
N SER B 809 -26.42 37.69 -11.64
CA SER B 809 -25.40 36.80 -12.17
C SER B 809 -24.45 36.37 -11.07
N CYS B 810 -24.09 35.09 -11.08
CA CYS B 810 -23.17 34.50 -10.12
C CYS B 810 -22.17 33.63 -10.86
N GLY B 811 -21.10 33.25 -10.17
CA GLY B 811 -20.07 32.45 -10.77
C GLY B 811 -19.12 31.93 -9.72
N GLU B 812 -17.92 31.58 -10.18
CA GLU B 812 -16.90 31.02 -9.31
C GLU B 812 -15.95 32.08 -8.76
N ASP B 813 -16.42 33.31 -8.63
CA ASP B 813 -15.64 34.36 -8.01
C ASP B 813 -16.02 34.60 -6.55
N HIS B 814 -16.84 33.72 -5.97
CA HIS B 814 -17.41 33.89 -4.65
C HIS B 814 -18.33 35.09 -4.56
N THR B 815 -18.66 35.71 -5.68
CA THR B 815 -19.36 36.98 -5.69
C THR B 815 -20.71 36.82 -6.38
N VAL B 816 -21.67 37.65 -5.95
CA VAL B 816 -22.97 37.72 -6.59
C VAL B 816 -23.21 39.16 -7.01
N LYS B 817 -23.72 39.36 -8.22
CA LYS B 817 -23.90 40.69 -8.75
C LYS B 817 -25.32 40.88 -9.27
N ILE B 818 -25.88 42.06 -9.00
CA ILE B 818 -27.20 42.45 -9.50
C ILE B 818 -27.00 43.63 -10.43
N HIS B 819 -27.58 43.55 -11.62
CA HIS B 819 -27.35 44.59 -12.61
C HIS B 819 -28.66 45.33 -12.91
N ARG B 820 -28.56 46.38 -13.71
CA ARG B 820 -29.72 47.15 -14.11
C ARG B 820 -29.46 47.79 -15.47
N VAL B 821 -30.47 47.77 -16.32
CA VAL B 821 -30.37 48.38 -17.65
C VAL B 821 -31.78 48.74 -18.10
N ASN B 822 -31.88 49.80 -18.89
CA ASN B 822 -33.17 50.22 -19.43
C ASN B 822 -32.93 50.98 -20.73
N LYS B 823 -33.90 50.90 -21.62
CA LYS B 823 -33.79 51.54 -22.92
C LYS B 823 -34.77 52.70 -23.05
N SER C 85 8.88 13.81 23.82
CA SER C 85 9.36 12.54 24.36
C SER C 85 9.05 11.40 23.40
N GLY C 86 7.82 11.39 22.88
CA GLY C 86 7.42 10.34 21.96
C GLY C 86 6.47 10.89 20.93
N ILE C 87 6.50 10.27 19.76
CA ILE C 87 5.63 10.70 18.66
C ILE C 87 4.18 10.42 19.01
N ALA C 88 3.29 11.30 18.58
CA ALA C 88 1.86 11.13 18.81
C ALA C 88 1.18 10.81 17.48
N VAL C 89 0.27 9.83 17.52
CA VAL C 89 -0.44 9.41 16.32
C VAL C 89 -1.68 10.28 16.16
N VAL C 90 -1.88 10.81 14.95
CA VAL C 90 -3.05 11.60 14.62
C VAL C 90 -3.76 10.90 13.47
N ALA C 91 -5.01 10.54 13.68
CA ALA C 91 -5.80 9.82 12.69
C ALA C 91 -6.81 10.76 12.07
N VAL C 92 -6.83 10.82 10.74
CA VAL C 92 -7.79 11.60 9.99
C VAL C 92 -8.48 10.68 8.99
N MET C 93 -9.63 11.14 8.50
CA MET C 93 -10.43 10.33 7.61
C MET C 93 -10.93 11.20 6.47
N CYS C 94 -11.21 10.57 5.33
CA CYS C 94 -11.59 11.27 4.12
C CYS C 94 -13.10 11.35 3.98
N LYS C 95 -13.55 11.98 2.90
CA LYS C 95 -14.96 12.05 2.59
C LYS C 95 -15.45 10.73 1.99
N PRO C 96 -16.74 10.44 2.10
CA PRO C 96 -17.28 9.22 1.50
C PRO C 96 -17.09 9.24 -0.01
N HIS C 97 -16.83 8.07 -0.57
CA HIS C 97 -16.68 7.91 -2.01
C HIS C 97 -16.75 6.43 -2.35
N ARG C 98 -17.36 6.12 -3.50
CA ARG C 98 -17.51 4.74 -3.91
C ARG C 98 -16.17 4.16 -4.35
N CYS C 99 -15.96 2.87 -4.06
CA CYS C 99 -14.74 2.21 -4.48
C CYS C 99 -14.71 2.04 -5.99
N PRO C 100 -13.53 2.00 -6.59
CA PRO C 100 -13.45 2.14 -8.06
C PRO C 100 -13.99 0.96 -8.82
N HIS C 101 -13.89 -0.26 -8.29
CA HIS C 101 -14.22 -1.45 -9.06
C HIS C 101 -15.72 -1.73 -9.09
N ILE C 102 -16.55 -0.73 -8.81
CA ILE C 102 -17.99 -0.94 -8.88
C ILE C 102 -18.54 -0.85 -10.29
N SER C 103 -17.79 -0.27 -11.22
CA SER C 103 -18.32 -0.01 -12.55
C SER C 103 -18.35 -1.27 -13.40
N PHE C 104 -17.18 -1.84 -13.68
CA PHE C 104 -17.10 -3.01 -14.55
C PHE C 104 -17.60 -4.27 -13.87
N THR C 105 -17.65 -4.29 -12.55
CA THR C 105 -18.31 -5.36 -11.82
C THR C 105 -19.74 -4.94 -11.49
N GLY C 106 -20.37 -5.67 -10.58
CA GLY C 106 -21.70 -5.33 -10.12
C GLY C 106 -21.70 -4.59 -8.81
N ASN C 107 -20.83 -4.98 -7.88
CA ASN C 107 -20.85 -4.42 -6.54
C ASN C 107 -19.43 -4.34 -5.99
N ILE C 108 -19.32 -3.84 -4.77
CA ILE C 108 -18.07 -3.80 -4.02
C ILE C 108 -17.86 -5.16 -3.37
N CYS C 109 -16.69 -5.35 -2.76
CA CYS C 109 -16.37 -6.61 -2.09
C CYS C 109 -17.53 -7.05 -1.19
N VAL C 110 -17.69 -8.37 -1.09
CA VAL C 110 -18.90 -8.97 -0.53
C VAL C 110 -19.00 -8.82 0.99
N TYR C 111 -17.97 -8.31 1.64
CA TYR C 111 -17.97 -8.24 3.09
C TYR C 111 -17.73 -6.85 3.66
N CYS C 112 -17.34 -5.88 2.85
CA CYS C 112 -16.97 -4.57 3.37
C CYS C 112 -18.23 -3.84 3.85
N PRO C 113 -18.32 -3.47 5.11
CA PRO C 113 -19.51 -2.78 5.60
C PRO C 113 -19.43 -1.29 5.33
N GLY C 114 -20.58 -0.64 5.43
CA GLY C 114 -20.65 0.79 5.28
C GLY C 114 -20.47 1.23 3.84
N GLY C 115 -20.40 2.55 3.66
CA GLY C 115 -20.26 3.13 2.35
C GLY C 115 -21.39 4.08 2.04
N PRO C 116 -21.22 4.88 0.98
CA PRO C 116 -22.29 5.82 0.61
C PRO C 116 -23.60 5.14 0.26
N ASP C 117 -23.55 3.93 -0.28
CA ASP C 117 -24.78 3.20 -0.59
C ASP C 117 -25.31 2.42 0.60
N SER C 118 -24.57 2.36 1.69
CA SER C 118 -24.98 1.55 2.84
C SER C 118 -26.08 2.26 3.61
N ASP C 119 -26.48 1.66 4.72
CA ASP C 119 -27.53 2.21 5.56
C ASP C 119 -26.99 3.06 6.70
N PHE C 120 -25.67 3.20 6.81
CA PHE C 120 -25.06 4.07 7.81
C PHE C 120 -24.83 5.44 7.18
N GLU C 121 -25.42 6.48 7.79
CA GLU C 121 -25.23 7.82 7.27
C GLU C 121 -23.80 8.28 7.52
N TYR C 122 -23.20 8.89 6.50
CA TYR C 122 -21.81 9.35 6.56
C TYR C 122 -20.86 8.20 6.91
N SER C 123 -21.13 7.05 6.30
CA SER C 123 -20.24 5.89 6.39
C SER C 123 -19.26 5.97 5.23
N THR C 124 -18.02 6.33 5.53
CA THR C 124 -17.03 6.56 4.49
C THR C 124 -16.80 5.30 3.68
N GLN C 125 -16.19 4.30 4.32
CA GLN C 125 -16.07 2.95 3.77
C GLN C 125 -15.40 2.10 4.83
N SER C 126 -15.85 0.85 4.96
CA SER C 126 -15.32 -0.06 5.96
C SER C 126 -15.40 0.55 7.36
N TYR C 127 -16.43 1.36 7.59
CA TYR C 127 -16.56 2.06 8.86
C TYR C 127 -18.02 2.38 9.09
N THR C 128 -18.57 1.87 10.19
CA THR C 128 -19.96 2.17 10.54
C THR C 128 -20.13 3.64 10.88
N GLY C 129 -19.17 4.22 11.59
CA GLY C 129 -19.32 5.58 12.07
C GLY C 129 -19.55 5.63 13.56
N TYR C 130 -18.84 4.79 14.31
CA TYR C 130 -18.94 4.79 15.77
C TYR C 130 -17.61 4.68 16.48
N GLU C 131 -16.52 4.44 15.77
CA GLU C 131 -15.20 4.47 16.37
C GLU C 131 -14.82 5.91 16.69
N PRO C 132 -13.96 6.14 17.68
CA PRO C 132 -13.66 7.52 18.08
C PRO C 132 -13.24 8.40 16.92
N THR C 133 -12.41 7.86 16.03
CA THR C 133 -12.03 8.61 14.82
C THR C 133 -13.25 8.92 13.97
N SER C 134 -14.28 8.06 14.00
CA SER C 134 -15.42 8.27 13.13
C SER C 134 -16.16 9.55 13.47
N MET C 135 -16.75 9.66 14.67
CA MET C 135 -17.49 10.88 14.95
C MET C 135 -16.54 12.04 15.20
N ARG C 136 -15.28 11.77 15.53
CA ARG C 136 -14.33 12.86 15.60
C ARG C 136 -14.15 13.52 14.24
N ALA C 137 -14.13 12.72 13.18
CA ALA C 137 -14.08 13.28 11.83
C ALA C 137 -15.41 13.89 11.44
N ILE C 138 -16.52 13.27 11.84
CA ILE C 138 -17.83 13.78 11.47
C ILE C 138 -18.05 15.17 12.05
N ARG C 139 -17.57 15.40 13.27
CA ARG C 139 -17.75 16.71 13.90
C ARG C 139 -17.14 17.81 13.05
N ALA C 140 -16.03 17.54 12.40
CA ALA C 140 -15.40 18.50 11.51
C ALA C 140 -15.94 18.41 10.09
N ARG C 141 -16.93 17.56 9.85
CA ARG C 141 -17.50 17.39 8.52
C ARG C 141 -16.42 17.07 7.50
N TYR C 142 -15.48 16.21 7.90
CA TYR C 142 -14.37 15.79 7.06
C TYR C 142 -13.61 16.99 6.53
N ASP C 143 -13.18 17.84 7.45
CA ASP C 143 -12.27 18.93 7.16
C ASP C 143 -10.88 18.57 7.66
N PRO C 144 -9.87 18.62 6.79
CA PRO C 144 -8.50 18.30 7.27
C PRO C 144 -8.04 19.21 8.38
N PHE C 145 -8.16 20.52 8.17
CA PHE C 145 -7.62 21.49 9.10
C PHE C 145 -8.26 21.33 10.47
N LEU C 146 -9.59 21.26 10.51
CA LEU C 146 -10.29 21.19 11.78
C LEU C 146 -9.98 19.91 12.53
N GLN C 147 -9.96 18.78 11.83
CA GLN C 147 -9.65 17.51 12.48
C GLN C 147 -8.25 17.55 13.08
N THR C 148 -7.28 18.04 12.31
CA THR C 148 -5.91 18.13 12.82
C THR C 148 -5.87 18.97 14.08
N ARG C 149 -6.52 20.14 14.04
CA ARG C 149 -6.47 21.04 15.18
C ARG C 149 -7.14 20.42 16.40
N HIS C 150 -8.30 19.79 16.22
CA HIS C 150 -9.00 19.21 17.36
C HIS C 150 -8.18 18.11 18.00
N ARG C 151 -7.62 17.21 17.19
CA ARG C 151 -6.83 16.12 17.76
C ARG C 151 -5.58 16.66 18.46
N ILE C 152 -4.94 17.67 17.87
CA ILE C 152 -3.76 18.25 18.49
C ILE C 152 -4.11 18.86 19.84
N GLU C 153 -5.24 19.57 19.90
CA GLU C 153 -5.63 20.18 21.16
C GLU C 153 -5.95 19.14 22.22
N GLN C 154 -6.67 18.07 21.84
CA GLN C 154 -6.97 17.03 22.81
C GLN C 154 -5.70 16.39 23.34
N LEU C 155 -4.74 16.08 22.47
CA LEU C 155 -3.51 15.46 22.93
C LEU C 155 -2.71 16.41 23.82
N LYS C 156 -2.65 17.68 23.43
CA LYS C 156 -1.93 18.66 24.23
C LYS C 156 -2.56 18.81 25.61
N GLN C 157 -3.88 18.68 25.70
CA GLN C 157 -4.56 18.87 26.97
C GLN C 157 -4.09 17.84 28.01
N LEU C 158 -3.94 16.59 27.60
CA LEU C 158 -3.63 15.51 28.53
C LEU C 158 -2.13 15.30 28.69
N GLY C 159 -1.40 16.37 28.96
CA GLY C 159 0.01 16.24 29.25
C GLY C 159 0.90 16.01 28.04
N HIS C 160 0.42 15.20 27.10
CA HIS C 160 1.23 14.82 25.95
C HIS C 160 1.70 16.04 25.18
N SER C 161 2.99 16.05 24.85
CA SER C 161 3.56 17.08 24.00
C SER C 161 3.44 16.66 22.54
N VAL C 162 3.47 17.64 21.65
CA VAL C 162 3.16 17.42 20.25
C VAL C 162 4.32 17.83 19.34
N ASP C 163 5.56 17.71 19.81
CA ASP C 163 6.69 18.07 18.97
C ASP C 163 6.82 17.18 17.75
N LYS C 164 6.38 15.93 17.85
CA LYS C 164 6.50 14.97 16.75
C LYS C 164 5.19 14.23 16.60
N VAL C 165 4.67 14.20 15.38
CA VAL C 165 3.38 13.58 15.10
C VAL C 165 3.50 12.67 13.89
N GLU C 166 2.58 11.73 13.79
CA GLU C 166 2.50 10.82 12.65
C GLU C 166 1.06 10.74 12.18
N PHE C 167 0.84 11.05 10.90
CA PHE C 167 -0.49 11.11 10.33
C PHE C 167 -0.91 9.75 9.79
N ILE C 168 -2.17 9.41 9.98
CA ILE C 168 -2.76 8.20 9.40
C ILE C 168 -4.05 8.59 8.71
N VAL C 169 -4.10 8.39 7.39
CA VAL C 169 -5.25 8.74 6.58
C VAL C 169 -6.05 7.47 6.34
N MET C 170 -7.18 7.34 7.02
CA MET C 170 -8.01 6.16 6.86
C MET C 170 -9.16 6.47 5.91
N GLY C 171 -10.09 5.52 5.75
CA GLY C 171 -11.28 5.80 4.97
C GLY C 171 -11.33 5.21 3.58
N GLY C 172 -10.91 3.97 3.43
CA GLY C 172 -11.05 3.29 2.17
C GLY C 172 -10.03 3.73 1.13
N THR C 173 -10.36 3.43 -0.12
CA THR C 173 -9.45 3.68 -1.23
C THR C 173 -9.30 5.19 -1.45
N PHE C 174 -8.18 5.73 -0.99
CA PHE C 174 -7.94 7.16 -1.17
C PHE C 174 -7.48 7.47 -2.58
N MET C 175 -6.64 6.63 -3.17
CA MET C 175 -6.10 6.95 -4.48
C MET C 175 -7.06 6.56 -5.59
N ALA C 176 -8.31 7.00 -5.47
CA ALA C 176 -9.27 6.88 -6.53
C ALA C 176 -10.02 8.18 -6.78
N LEU C 177 -9.89 9.16 -5.90
CA LEU C 177 -10.52 10.45 -6.08
C LEU C 177 -9.79 11.23 -7.17
N PRO C 178 -10.44 12.24 -7.75
CA PRO C 178 -9.74 13.10 -8.69
C PRO C 178 -8.57 13.78 -8.02
N GLU C 179 -7.54 14.05 -8.81
CA GLU C 179 -6.28 14.58 -8.28
C GLU C 179 -6.49 15.83 -7.44
N GLU C 180 -7.44 16.67 -7.84
CA GLU C 180 -7.60 17.96 -7.20
C GLU C 180 -7.94 17.79 -5.73
N TYR C 181 -8.86 16.88 -5.42
CA TYR C 181 -9.24 16.68 -4.03
C TYR C 181 -8.08 16.15 -3.20
N ARG C 182 -7.30 15.22 -3.75
CA ARG C 182 -6.17 14.68 -3.00
C ARG C 182 -5.16 15.77 -2.69
N ASP C 183 -4.84 16.59 -3.70
CA ASP C 183 -3.91 17.68 -3.48
C ASP C 183 -4.43 18.63 -2.42
N TYR C 184 -5.71 18.98 -2.51
CA TYR C 184 -6.35 19.81 -1.49
C TYR C 184 -6.15 19.23 -0.10
N PHE C 185 -6.46 17.94 0.06
CA PHE C 185 -6.43 17.32 1.38
C PHE C 185 -5.02 17.35 1.96
N ILE C 186 -4.03 16.90 1.20
CA ILE C 186 -2.69 16.79 1.76
C ILE C 186 -2.11 18.18 2.04
N ARG C 187 -2.35 19.13 1.14
CA ARG C 187 -1.84 20.48 1.37
C ARG C 187 -2.47 21.08 2.62
N ASN C 188 -3.76 20.84 2.84
CA ASN C 188 -4.38 21.33 4.07
C ASN C 188 -3.77 20.69 5.30
N LEU C 189 -3.50 19.38 5.25
CA LEU C 189 -2.85 18.74 6.39
C LEU C 189 -1.53 19.42 6.72
N HIS C 190 -0.68 19.59 5.71
CA HIS C 190 0.63 20.17 5.97
C HIS C 190 0.52 21.61 6.48
N ASP C 191 -0.37 22.40 5.88
CA ASP C 191 -0.50 23.78 6.31
C ASP C 191 -1.09 23.87 7.72
N ALA C 192 -2.02 22.98 8.05
CA ALA C 192 -2.54 22.95 9.42
C ALA C 192 -1.44 22.68 10.40
N LEU C 193 -0.56 21.73 10.07
CA LEU C 193 0.54 21.42 10.97
C LEU C 193 1.49 22.60 11.09
N SER C 194 1.79 23.25 9.97
CA SER C 194 2.80 24.30 9.95
C SER C 194 2.22 25.64 10.40
N GLY C 195 1.26 26.17 9.65
CA GLY C 195 0.74 27.49 9.91
C GLY C 195 0.73 28.34 8.66
N HIS C 196 1.73 28.14 7.81
CA HIS C 196 1.79 28.82 6.52
C HIS C 196 0.62 28.39 5.64
N THR C 197 0.15 29.32 4.81
CA THR C 197 -0.93 29.01 3.87
C THR C 197 -0.36 28.86 2.47
N SER C 198 -0.54 27.68 1.89
CA SER C 198 0.08 27.33 0.63
C SER C 198 -0.95 27.20 -0.49
N ASN C 199 -0.47 27.25 -1.72
CA ASN C 199 -1.29 27.09 -2.91
C ASN C 199 -1.23 25.67 -3.47
N ASN C 200 -0.03 25.17 -3.74
CA ASN C 200 0.16 23.81 -4.22
C ASN C 200 0.82 22.99 -3.14
N ILE C 201 1.00 21.70 -3.43
CA ILE C 201 1.58 20.82 -2.42
C ILE C 201 3.06 21.13 -2.20
N TYR C 202 3.76 21.59 -3.25
CA TYR C 202 5.20 21.82 -3.15
C TYR C 202 5.51 22.94 -2.16
N GLU C 203 4.76 24.04 -2.24
CA GLU C 203 4.96 25.12 -1.29
C GLU C 203 4.64 24.65 0.13
N ALA C 204 3.60 23.84 0.28
CA ALA C 204 3.25 23.33 1.59
C ALA C 204 4.40 22.53 2.18
N VAL C 205 4.99 21.64 1.40
CA VAL C 205 6.08 20.82 1.94
C VAL C 205 7.33 21.66 2.18
N LYS C 206 7.62 22.61 1.29
CA LYS C 206 8.78 23.47 1.48
C LYS C 206 8.67 24.24 2.79
N TYR C 207 7.48 24.75 3.08
CA TYR C 207 7.33 25.49 4.33
C TYR C 207 7.30 24.56 5.54
N SER C 208 6.61 23.43 5.45
CA SER C 208 6.53 22.50 6.57
C SER C 208 7.88 21.93 6.94
N GLU C 209 8.82 21.89 5.99
CA GLU C 209 10.17 21.46 6.32
C GLU C 209 10.78 22.35 7.41
N ARG C 210 10.42 23.62 7.44
CA ARG C 210 11.01 24.57 8.37
C ARG C 210 10.24 24.67 9.69
N SER C 211 9.21 23.87 9.87
CA SER C 211 8.34 24.04 11.02
C SER C 211 9.08 23.70 12.31
N LEU C 212 8.50 24.13 13.43
CA LEU C 212 8.94 23.71 14.75
C LEU C 212 8.28 22.41 15.20
N THR C 213 7.11 22.09 14.68
CA THR C 213 6.46 20.80 14.92
C THR C 213 6.74 19.92 13.72
N LYS C 214 7.55 18.89 13.92
CA LYS C 214 8.01 18.08 12.81
C LYS C 214 7.10 16.89 12.57
N CYS C 215 6.99 16.47 11.32
CA CYS C 215 6.17 15.35 10.90
C CYS C 215 7.08 14.19 10.51
N ILE C 216 6.95 13.07 11.23
CA ILE C 216 7.81 11.92 10.94
C ILE C 216 7.43 11.28 9.61
N GLY C 217 6.13 11.15 9.34
CA GLY C 217 5.71 10.54 8.09
C GLY C 217 4.19 10.49 8.00
N ILE C 218 3.73 9.88 6.90
CA ILE C 218 2.31 9.71 6.62
C ILE C 218 2.09 8.31 6.08
N THR C 219 0.96 7.71 6.43
CA THR C 219 0.60 6.37 5.99
C THR C 219 -0.77 6.38 5.34
N ILE C 220 -0.89 5.72 4.19
CA ILE C 220 -2.14 5.63 3.45
C ILE C 220 -2.39 4.18 3.06
N GLU C 221 -3.65 3.85 2.81
CA GLU C 221 -4.04 2.53 2.33
C GLU C 221 -4.37 2.59 0.85
N THR C 222 -4.17 1.48 0.15
CA THR C 222 -4.39 1.47 -1.29
C THR C 222 -4.64 0.05 -1.78
N ARG C 223 -5.62 -0.11 -2.67
CA ARG C 223 -5.84 -1.40 -3.31
C ARG C 223 -4.71 -1.71 -4.28
N PRO C 224 -4.40 -2.98 -4.49
CA PRO C 224 -3.27 -3.34 -5.36
C PRO C 224 -3.42 -2.87 -6.79
N ASP C 225 -4.64 -2.70 -7.28
CA ASP C 225 -4.82 -2.24 -8.65
C ASP C 225 -4.64 -0.74 -8.80
N TYR C 226 -4.22 -0.05 -7.75
CA TYR C 226 -3.99 1.38 -7.79
C TYR C 226 -2.65 1.72 -7.18
N CYS C 227 -1.68 0.82 -7.37
CA CYS C 227 -0.32 1.01 -6.88
C CYS C 227 0.67 0.88 -8.02
N MET C 228 0.34 1.42 -9.17
CA MET C 228 1.25 1.41 -10.31
C MET C 228 2.29 2.52 -10.14
N LYS C 229 3.06 2.78 -11.19
CA LYS C 229 4.19 3.70 -11.06
C LYS C 229 3.74 5.12 -10.76
N ARG C 230 2.69 5.60 -11.44
CA ARG C 230 2.26 6.98 -11.23
C ARG C 230 1.76 7.18 -9.81
N HIS C 231 1.01 6.21 -9.29
CA HIS C 231 0.51 6.33 -7.92
C HIS C 231 1.67 6.36 -6.93
N LEU C 232 2.68 5.51 -7.13
CA LEU C 232 3.83 5.51 -6.24
C LEU C 232 4.56 6.84 -6.30
N SER C 233 4.70 7.42 -7.50
CA SER C 233 5.33 8.72 -7.62
C SER C 233 4.56 9.77 -6.82
N ASP C 234 3.24 9.75 -6.94
CA ASP C 234 2.42 10.71 -6.21
C ASP C 234 2.59 10.53 -4.71
N MET C 235 2.59 9.29 -4.24
CA MET C 235 2.81 9.05 -2.82
C MET C 235 4.17 9.54 -2.36
N LEU C 236 5.18 9.40 -3.21
CA LEU C 236 6.50 9.94 -2.87
C LEU C 236 6.44 11.46 -2.76
N THR C 237 5.71 12.12 -3.65
CA THR C 237 5.62 13.56 -3.60
C THR C 237 4.94 14.02 -2.31
N TYR C 238 3.89 13.32 -1.88
CA TYR C 238 3.17 13.72 -0.69
C TYR C 238 4.01 13.57 0.57
N GLY C 239 5.11 12.83 0.52
CA GLY C 239 5.89 12.54 1.69
C GLY C 239 5.47 11.32 2.47
N CYS C 240 4.43 10.61 2.00
CA CYS C 240 4.03 9.37 2.65
C CYS C 240 5.15 8.35 2.60
N THR C 241 5.29 7.57 3.66
CA THR C 241 6.43 6.65 3.77
C THR C 241 6.02 5.25 4.21
N ARG C 242 4.77 4.87 4.07
CA ARG C 242 4.34 3.55 4.52
C ARG C 242 2.99 3.16 3.92
N LEU C 243 2.97 2.09 3.15
CA LEU C 243 1.74 1.63 2.52
C LEU C 243 0.96 0.70 3.44
N GLU C 244 -0.29 0.47 3.08
CA GLU C 244 -1.18 -0.42 3.81
C GLU C 244 -1.96 -1.30 2.84
N ILE C 245 -1.26 -1.87 1.87
CA ILE C 245 -1.92 -2.69 0.87
C ILE C 245 -2.56 -3.89 1.56
N GLY C 246 -3.82 -4.14 1.23
CA GLY C 246 -4.53 -5.23 1.84
C GLY C 246 -4.80 -6.37 0.89
N VAL C 247 -4.08 -7.48 1.05
CA VAL C 247 -4.35 -8.71 0.31
C VAL C 247 -4.99 -9.68 1.27
N GLN C 248 -6.23 -10.06 0.99
CA GLN C 248 -7.02 -10.75 2.00
C GLN C 248 -6.55 -12.18 2.21
N SER C 249 -6.29 -12.91 1.13
CA SER C 249 -5.80 -14.27 1.25
C SER C 249 -5.02 -14.64 0.01
N VAL C 250 -4.08 -15.56 0.16
CA VAL C 250 -3.22 -15.96 -0.95
C VAL C 250 -3.97 -16.76 -2.00
N TYR C 251 -4.99 -17.52 -1.61
CA TYR C 251 -5.73 -18.32 -2.57
C TYR C 251 -6.47 -17.41 -3.55
N GLU C 252 -6.46 -17.81 -4.82
CA GLU C 252 -7.11 -17.02 -5.85
C GLU C 252 -8.60 -17.27 -5.96
N ASP C 253 -9.06 -18.48 -5.63
CA ASP C 253 -10.49 -18.75 -5.64
C ASP C 253 -11.21 -17.85 -4.64
N VAL C 254 -10.59 -17.58 -3.50
CA VAL C 254 -11.19 -16.71 -2.51
C VAL C 254 -11.38 -15.31 -3.08
N ALA C 255 -10.36 -14.79 -3.77
CA ALA C 255 -10.48 -13.47 -4.36
C ALA C 255 -11.55 -13.45 -5.45
N ARG C 256 -11.56 -14.44 -6.33
CA ARG C 256 -12.52 -14.43 -7.42
C ARG C 256 -13.95 -14.65 -6.94
N ASP C 257 -14.12 -15.28 -5.78
CA ASP C 257 -15.46 -15.58 -5.27
C ASP C 257 -15.98 -14.52 -4.32
N THR C 258 -15.17 -13.53 -3.95
CA THR C 258 -15.61 -12.43 -3.13
C THR C 258 -15.68 -11.12 -3.91
N ASN C 259 -15.49 -11.16 -5.22
CA ASN C 259 -15.54 -9.99 -6.08
C ASN C 259 -14.58 -8.90 -5.59
N ARG C 260 -13.38 -9.34 -5.21
CA ARG C 260 -12.36 -8.37 -4.81
C ARG C 260 -11.98 -7.47 -5.97
N GLY C 261 -11.87 -8.04 -7.17
CA GLY C 261 -11.66 -7.27 -8.39
C GLY C 261 -10.35 -7.53 -9.08
N HIS C 262 -9.33 -8.00 -8.37
CA HIS C 262 -8.00 -8.20 -8.94
C HIS C 262 -7.56 -9.64 -8.69
N THR C 263 -6.29 -9.90 -8.96
CA THR C 263 -5.71 -11.23 -8.77
C THR C 263 -4.51 -11.15 -7.84
N VAL C 264 -4.13 -12.32 -7.34
CA VAL C 264 -3.01 -12.39 -6.39
C VAL C 264 -1.71 -11.99 -7.07
N LYS C 265 -1.56 -12.35 -8.34
CA LYS C 265 -0.37 -11.95 -9.09
C LYS C 265 -0.19 -10.44 -9.08
N ALA C 266 -1.30 -9.71 -9.17
CA ALA C 266 -1.22 -8.25 -9.06
C ALA C 266 -0.70 -7.84 -7.70
N VAL C 267 -1.11 -8.54 -6.65
CA VAL C 267 -0.62 -8.23 -5.31
C VAL C 267 0.89 -8.42 -5.23
N CYS C 268 1.38 -9.53 -5.79
CA CYS C 268 2.82 -9.77 -5.76
C CYS C 268 3.57 -8.70 -6.56
N GLU C 269 3.04 -8.33 -7.72
CA GLU C 269 3.69 -7.28 -8.51
C GLU C 269 3.72 -5.97 -7.74
N SER C 270 2.62 -5.63 -7.06
CA SER C 270 2.58 -4.39 -6.31
C SER C 270 3.59 -4.40 -5.18
N PHE C 271 3.73 -5.53 -4.49
CA PHE C 271 4.76 -5.63 -3.46
C PHE C 271 6.15 -5.45 -4.06
N HIS C 272 6.39 -6.06 -5.23
CA HIS C 272 7.70 -5.91 -5.86
C HIS C 272 8.00 -4.46 -6.14
N LEU C 273 7.06 -3.75 -6.75
CA LEU C 273 7.28 -2.36 -7.11
C LEU C 273 7.46 -1.50 -5.86
N ALA C 274 6.64 -1.74 -4.83
CA ALA C 274 6.75 -0.94 -3.62
C ALA C 274 8.09 -1.16 -2.93
N LYS C 275 8.52 -2.42 -2.83
CA LYS C 275 9.80 -2.70 -2.17
C LYS C 275 10.95 -2.07 -2.93
N ASP C 276 10.95 -2.17 -4.26
CA ASP C 276 12.02 -1.51 -5.01
C ASP C 276 11.86 0.00 -5.03
N SER C 277 10.69 0.51 -4.67
CA SER C 277 10.52 1.96 -4.55
C SER C 277 11.20 2.50 -3.30
N GLY C 278 11.12 1.78 -2.20
CA GLY C 278 11.75 2.22 -0.97
C GLY C 278 10.77 2.51 0.14
N PHE C 279 9.61 1.89 0.10
CA PHE C 279 8.61 2.10 1.13
C PHE C 279 8.76 1.06 2.24
N LYS C 280 7.77 0.99 3.13
CA LYS C 280 7.74 0.04 4.23
C LYS C 280 6.36 -0.59 4.23
N VAL C 281 6.22 -1.70 3.49
CA VAL C 281 4.91 -2.26 3.22
C VAL C 281 4.39 -3.01 4.44
N VAL C 282 3.13 -2.77 4.77
CA VAL C 282 2.41 -3.52 5.81
C VAL C 282 1.12 -4.03 5.21
N ALA C 283 0.83 -5.31 5.42
CA ALA C 283 -0.27 -5.98 4.75
C ALA C 283 -1.43 -6.22 5.72
N HIS C 284 -2.61 -6.43 5.13
CA HIS C 284 -3.82 -6.75 5.88
C HIS C 284 -4.21 -8.20 5.57
N MET C 285 -4.67 -8.92 6.59
CA MET C 285 -5.11 -10.30 6.41
C MET C 285 -6.42 -10.51 7.16
N MET C 286 -7.23 -11.43 6.65
CA MET C 286 -8.50 -11.80 7.26
C MET C 286 -8.59 -13.31 7.38
N PRO C 287 -8.40 -13.86 8.57
CA PRO C 287 -8.35 -15.31 8.70
C PRO C 287 -9.69 -16.00 8.94
N ASP C 288 -10.76 -15.62 8.25
CA ASP C 288 -11.98 -16.41 8.35
C ASP C 288 -12.83 -16.39 7.08
N LEU C 289 -12.22 -16.26 5.91
CA LEU C 289 -12.97 -16.08 4.69
C LEU C 289 -13.79 -17.32 4.37
N PRO C 290 -14.91 -17.17 3.66
CA PRO C 290 -15.72 -18.33 3.28
C PRO C 290 -14.94 -19.29 2.39
N ASN C 291 -15.30 -20.56 2.48
CA ASN C 291 -14.62 -21.64 1.77
C ASN C 291 -13.16 -21.75 2.17
N VAL C 292 -12.85 -21.47 3.42
CA VAL C 292 -11.51 -21.60 3.95
C VAL C 292 -11.58 -22.35 5.27
N GLY C 293 -10.90 -23.49 5.36
CA GLY C 293 -10.86 -24.28 6.56
C GLY C 293 -9.69 -23.91 7.46
N LEU C 294 -9.74 -24.44 8.68
CA LEU C 294 -8.68 -24.16 9.65
C LEU C 294 -7.33 -24.64 9.13
N GLU C 295 -7.30 -25.83 8.56
CA GLU C 295 -6.08 -26.34 7.96
C GLU C 295 -5.61 -25.44 6.82
N ARG C 296 -6.56 -24.98 6.00
CA ARG C 296 -6.20 -24.07 4.91
C ARG C 296 -5.58 -22.78 5.46
N ASP C 297 -6.15 -22.26 6.55
CA ASP C 297 -5.61 -21.02 7.12
C ASP C 297 -4.20 -21.22 7.64
N ILE C 298 -3.97 -22.30 8.38
CA ILE C 298 -2.62 -22.55 8.90
C ILE C 298 -1.63 -22.69 7.76
N GLU C 299 -2.01 -23.47 6.73
CA GLU C 299 -1.10 -23.65 5.60
C GLU C 299 -0.83 -22.34 4.90
N GLN C 300 -1.86 -21.51 4.69
CA GLN C 300 -1.66 -20.29 3.94
C GLN C 300 -0.78 -19.32 4.71
N PHE C 301 -0.91 -19.29 6.04
CA PHE C 301 -0.03 -18.42 6.81
C PHE C 301 1.41 -18.91 6.80
N THR C 302 1.60 -20.23 6.88
CA THR C 302 2.96 -20.76 6.81
C THR C 302 3.59 -20.42 5.45
N GLU C 303 2.83 -20.57 4.37
CA GLU C 303 3.33 -20.15 3.07
C GLU C 303 3.62 -18.66 3.05
N PHE C 304 2.74 -17.87 3.65
CA PHE C 304 2.88 -16.42 3.64
C PHE C 304 4.19 -16.00 4.27
N PHE C 305 4.57 -16.64 5.37
CA PHE C 305 5.85 -16.31 6.00
C PHE C 305 7.01 -17.14 5.45
N GLU C 306 6.76 -18.07 4.55
CA GLU C 306 7.84 -18.83 3.92
C GLU C 306 8.07 -18.48 2.46
N ASN C 307 7.01 -18.26 1.71
CA ASN C 307 7.17 -17.93 0.29
C ASN C 307 7.93 -16.63 0.15
N PRO C 308 9.05 -16.61 -0.57
CA PRO C 308 9.80 -15.35 -0.73
C PRO C 308 9.03 -14.28 -1.46
N ALA C 309 7.90 -14.62 -2.08
CA ALA C 309 7.10 -13.62 -2.76
C ALA C 309 6.57 -12.58 -1.79
N PHE C 310 5.93 -13.02 -0.71
CA PHE C 310 5.22 -12.07 0.15
C PHE C 310 6.13 -11.43 1.19
N ARG C 311 6.55 -12.21 2.18
CA ARG C 311 7.44 -11.82 3.26
C ARG C 311 7.29 -10.35 3.67
N PRO C 312 6.15 -9.93 4.19
CA PRO C 312 5.93 -8.51 4.45
C PRO C 312 6.70 -8.03 5.68
N ASP C 313 6.65 -6.72 5.89
CA ASP C 313 7.37 -6.08 6.98
C ASP C 313 6.52 -5.87 8.22
N GLY C 314 5.21 -5.73 8.05
CA GLY C 314 4.29 -5.60 9.17
C GLY C 314 2.97 -6.23 8.83
N LEU C 315 2.29 -6.80 9.81
CA LEU C 315 1.07 -7.55 9.57
C LEU C 315 -0.02 -7.11 10.53
N LYS C 316 -1.25 -7.06 10.03
CA LYS C 316 -2.42 -6.78 10.85
C LYS C 316 -3.41 -7.92 10.69
N LEU C 317 -3.97 -8.37 11.82
CA LEU C 317 -4.97 -9.42 11.80
C LEU C 317 -6.36 -8.83 11.95
N TYR C 318 -7.24 -9.16 11.00
CA TYR C 318 -8.63 -8.71 11.02
C TYR C 318 -9.53 -9.93 10.88
N PRO C 319 -9.89 -10.57 11.98
CA PRO C 319 -10.85 -11.67 11.91
C PRO C 319 -12.17 -11.19 11.34
N THR C 320 -12.78 -12.04 10.52
CA THR C 320 -13.97 -11.63 9.78
C THR C 320 -15.15 -11.41 10.73
N LEU C 321 -15.89 -10.33 10.48
CA LEU C 321 -17.10 -10.01 11.22
C LEU C 321 -18.26 -9.89 10.27
N VAL C 322 -19.40 -10.46 10.65
CA VAL C 322 -20.60 -10.46 9.81
C VAL C 322 -21.41 -9.23 10.21
N ILE C 323 -21.31 -8.19 9.41
CA ILE C 323 -22.01 -6.94 9.65
C ILE C 323 -23.20 -6.86 8.70
N ARG C 324 -24.31 -6.31 9.18
CA ARG C 324 -25.50 -6.17 8.35
C ARG C 324 -25.22 -5.23 7.18
N GLY C 325 -25.92 -5.49 6.08
CA GLY C 325 -25.81 -4.64 4.90
C GLY C 325 -24.78 -5.08 3.89
N THR C 326 -24.22 -6.27 4.01
CA THR C 326 -23.24 -6.79 3.06
C THR C 326 -23.71 -8.12 2.52
N GLY C 327 -23.09 -8.53 1.41
CA GLY C 327 -23.41 -9.84 0.85
C GLY C 327 -23.12 -10.98 1.82
N LEU C 328 -22.03 -10.85 2.58
CA LEU C 328 -21.73 -11.86 3.58
C LEU C 328 -22.86 -11.98 4.60
N TYR C 329 -23.51 -10.86 4.94
CA TYR C 329 -24.66 -10.94 5.84
C TYR C 329 -25.77 -11.77 5.21
N GLU C 330 -26.00 -11.60 3.91
CA GLU C 330 -27.01 -12.41 3.25
C GLU C 330 -26.62 -13.89 3.28
N LEU C 331 -25.35 -14.19 3.04
CA LEU C 331 -24.91 -15.59 3.08
C LEU C 331 -25.12 -16.18 4.45
N TRP C 332 -24.73 -15.46 5.50
CA TRP C 332 -24.89 -15.97 6.85
C TRP C 332 -26.36 -16.14 7.21
N LYS C 333 -27.20 -15.19 6.82
CA LYS C 333 -28.63 -15.31 7.09
C LYS C 333 -29.22 -16.52 6.39
N SER C 334 -28.76 -16.80 5.18
CA SER C 334 -29.25 -17.94 4.41
C SER C 334 -28.84 -19.27 4.99
N GLY C 335 -28.19 -19.30 6.15
CA GLY C 335 -27.78 -20.56 6.75
C GLY C 335 -26.77 -21.31 5.91
N ARG C 336 -25.82 -20.59 5.32
CA ARG C 336 -24.78 -21.21 4.49
C ARG C 336 -23.38 -20.80 4.89
N TYR C 337 -23.21 -20.19 6.06
CA TYR C 337 -21.88 -19.83 6.54
C TYR C 337 -21.92 -19.83 8.06
N LYS C 338 -20.82 -20.25 8.67
CA LYS C 338 -20.70 -20.28 10.12
C LYS C 338 -19.35 -19.73 10.52
N SER C 339 -19.27 -19.17 11.72
CA SER C 339 -18.04 -18.60 12.21
C SER C 339 -17.26 -19.63 13.03
N TYR C 340 -15.95 -19.39 13.14
CA TYR C 340 -15.10 -20.29 13.90
C TYR C 340 -15.45 -20.25 15.38
N SER C 341 -15.30 -21.39 16.03
CA SER C 341 -15.55 -21.46 17.46
C SER C 341 -14.55 -20.58 18.20
N PRO C 342 -14.98 -19.94 19.29
CA PRO C 342 -14.07 -19.00 19.99
C PRO C 342 -12.77 -19.65 20.44
N SER C 343 -12.84 -20.87 20.98
CA SER C 343 -11.62 -21.56 21.36
C SER C 343 -10.76 -21.86 20.14
N ASP C 344 -11.40 -22.28 19.04
CA ASP C 344 -10.65 -22.54 17.81
C ASP C 344 -9.98 -21.27 17.32
N LEU C 345 -10.70 -20.15 17.36
CA LEU C 345 -10.13 -18.89 16.91
C LEU C 345 -8.94 -18.48 17.77
N VAL C 346 -9.07 -18.63 19.09
CA VAL C 346 -7.98 -18.26 19.98
C VAL C 346 -6.75 -19.13 19.70
N GLU C 347 -6.97 -20.43 19.53
CA GLU C 347 -5.84 -21.31 19.24
C GLU C 347 -5.18 -20.97 17.91
N LEU C 348 -5.99 -20.67 16.89
CA LEU C 348 -5.43 -20.32 15.60
C LEU C 348 -4.59 -19.05 15.70
N VAL C 349 -5.08 -18.05 16.44
CA VAL C 349 -4.31 -16.84 16.66
C VAL C 349 -3.01 -17.18 17.39
N ALA C 350 -3.07 -18.12 18.34
CA ALA C 350 -1.87 -18.49 19.07
C ALA C 350 -0.82 -19.08 18.14
N ARG C 351 -1.22 -20.01 17.28
CA ARG C 351 -0.25 -20.59 16.36
C ARG C 351 0.31 -19.54 15.41
N ILE C 352 -0.55 -18.68 14.88
CA ILE C 352 -0.08 -17.68 13.94
C ILE C 352 0.93 -16.75 14.61
N LEU C 353 0.66 -16.34 15.84
CA LEU C 353 1.63 -15.51 16.56
C LEU C 353 2.93 -16.25 16.79
N ALA C 354 2.86 -17.53 17.15
CA ALA C 354 4.07 -18.29 17.39
C ALA C 354 4.90 -18.46 16.13
N LEU C 355 4.27 -18.42 14.96
CA LEU C 355 5.00 -18.66 13.71
C LEU C 355 5.63 -17.39 13.14
N VAL C 356 5.38 -16.23 13.73
CA VAL C 356 5.80 -14.95 13.15
C VAL C 356 7.31 -14.82 13.19
N PRO C 357 7.96 -14.35 12.14
CA PRO C 357 9.42 -14.17 12.16
C PRO C 357 9.81 -13.04 13.09
N PRO C 358 11.06 -13.02 13.54
CA PRO C 358 11.49 -11.94 14.45
C PRO C 358 11.41 -10.54 13.83
N TRP C 359 11.68 -10.39 12.54
CA TRP C 359 11.78 -9.08 11.93
C TRP C 359 10.46 -8.55 11.41
N THR C 360 9.35 -9.24 11.67
CA THR C 360 8.04 -8.81 11.24
C THR C 360 7.26 -8.29 12.43
N ARG C 361 6.60 -7.15 12.26
CA ARG C 361 5.85 -6.52 13.34
C ARG C 361 4.36 -6.81 13.20
N VAL C 362 3.68 -6.94 14.33
CA VAL C 362 2.25 -7.18 14.38
C VAL C 362 1.60 -5.91 14.93
N TYR C 363 1.01 -5.12 14.04
CA TYR C 363 0.39 -3.87 14.47
C TYR C 363 -0.88 -4.12 15.26
N ARG C 364 -1.76 -4.97 14.73
CA ARG C 364 -3.06 -5.19 15.36
C ARG C 364 -3.48 -6.63 15.14
N VAL C 365 -4.39 -7.09 16.00
CA VAL C 365 -4.88 -8.46 15.96
C VAL C 365 -6.40 -8.47 15.96
N GLN C 366 -7.00 -7.28 15.93
CA GLN C 366 -8.44 -7.18 16.06
C GLN C 366 -8.91 -5.90 15.38
N ARG C 367 -10.22 -5.85 15.12
CA ARG C 367 -10.88 -4.71 14.50
C ARG C 367 -11.76 -4.01 15.53
N ASP C 368 -11.78 -2.69 15.48
CA ASP C 368 -12.44 -1.87 16.51
C ASP C 368 -13.90 -1.59 16.20
N ILE C 369 -14.55 -2.43 15.40
CA ILE C 369 -15.97 -2.22 15.10
C ILE C 369 -16.79 -2.43 16.36
N PRO C 370 -17.79 -1.59 16.63
CA PRO C 370 -18.58 -1.73 17.87
C PRO C 370 -19.24 -3.09 17.98
N MET C 371 -19.25 -3.59 19.21
CA MET C 371 -19.73 -4.95 19.48
C MET C 371 -21.20 -5.17 19.16
N PRO C 372 -22.14 -4.35 19.64
CA PRO C 372 -23.56 -4.70 19.48
C PRO C 372 -24.07 -4.58 18.06
N LEU C 373 -23.19 -4.30 17.09
CA LEU C 373 -23.59 -4.22 15.70
C LEU C 373 -23.32 -5.52 14.94
N VAL C 374 -22.26 -6.25 15.30
CA VAL C 374 -21.92 -7.46 14.59
C VAL C 374 -22.89 -8.57 14.96
N SER C 375 -23.40 -9.27 13.95
CA SER C 375 -24.28 -10.41 14.18
C SER C 375 -23.52 -11.67 14.55
N SER C 376 -22.35 -11.89 13.96
CA SER C 376 -21.55 -13.07 14.26
C SER C 376 -20.09 -12.75 13.96
N GLY C 377 -19.21 -13.14 14.87
CA GLY C 377 -17.79 -12.89 14.69
C GLY C 377 -16.98 -13.19 15.94
N VAL C 378 -16.10 -12.25 16.31
CA VAL C 378 -15.26 -12.46 17.48
C VAL C 378 -16.09 -12.34 18.75
N GLU C 379 -15.52 -12.84 19.85
CA GLU C 379 -16.26 -12.86 21.11
C GLU C 379 -16.32 -11.47 21.75
N HIS C 380 -15.17 -10.96 22.19
CA HIS C 380 -15.06 -9.64 22.80
C HIS C 380 -13.71 -9.04 22.40
N GLY C 381 -13.38 -7.89 22.97
CA GLY C 381 -12.11 -7.24 22.67
C GLY C 381 -10.90 -7.87 23.32
N ASN C 382 -11.11 -8.78 24.26
CA ASN C 382 -10.02 -9.43 24.99
C ASN C 382 -9.43 -10.55 24.14
N LEU C 383 -8.88 -10.18 23.00
CA LEU C 383 -8.37 -11.18 22.05
C LEU C 383 -6.88 -11.37 22.15
N ARG C 384 -6.11 -10.29 22.28
CA ARG C 384 -4.66 -10.42 22.42
C ARG C 384 -4.30 -11.18 23.69
N GLU C 385 -4.96 -10.85 24.80
CA GLU C 385 -4.61 -11.43 26.09
C GLU C 385 -4.88 -12.92 26.12
N LEU C 386 -6.02 -13.36 25.60
CA LEU C 386 -6.31 -14.78 25.53
C LEU C 386 -5.29 -15.50 24.67
N ALA C 387 -4.89 -14.88 23.56
CA ALA C 387 -3.88 -15.47 22.70
C ALA C 387 -2.56 -15.66 23.44
N LEU C 388 -2.11 -14.63 24.16
CA LEU C 388 -0.85 -14.75 24.90
C LEU C 388 -0.97 -15.80 26.00
N ALA C 389 -2.10 -15.85 26.70
CA ALA C 389 -2.28 -16.83 27.75
C ALA C 389 -2.22 -18.25 27.19
N ARG C 390 -2.90 -18.49 26.08
CA ARG C 390 -2.88 -19.83 25.49
C ARG C 390 -1.50 -20.18 24.97
N MET C 391 -0.78 -19.20 24.39
CA MET C 391 0.57 -19.47 23.92
C MET C 391 1.48 -19.84 25.08
N LYS C 392 1.39 -19.11 26.19
CA LYS C 392 2.19 -19.45 27.35
C LYS C 392 1.82 -20.83 27.88
N ASP C 393 0.52 -21.17 27.84
CA ASP C 393 0.09 -22.49 28.28
C ASP C 393 0.68 -23.60 27.42
N LEU C 394 0.72 -23.41 26.10
CA LEU C 394 1.13 -24.46 25.19
C LEU C 394 2.64 -24.49 24.96
N GLY C 395 3.41 -23.64 25.62
CA GLY C 395 4.84 -23.67 25.50
C GLY C 395 5.42 -22.88 24.34
N ILE C 396 4.59 -22.26 23.52
CA ILE C 396 5.05 -21.46 22.40
C ILE C 396 5.18 -20.02 22.85
N GLN C 397 5.99 -19.25 22.11
CA GLN C 397 6.26 -17.86 22.46
C GLN C 397 6.41 -17.04 21.19
N CYS C 398 5.92 -15.80 21.24
CA CYS C 398 5.95 -14.90 20.10
C CYS C 398 7.18 -14.01 20.19
N ARG C 399 7.88 -13.86 19.07
CA ARG C 399 9.12 -13.10 19.02
C ARG C 399 9.03 -11.91 18.06
N ASP C 400 7.84 -11.33 17.92
CA ASP C 400 7.68 -10.21 17.01
C ASP C 400 8.31 -8.95 17.60
N VAL C 401 8.21 -7.85 16.84
CA VAL C 401 8.88 -6.61 17.24
C VAL C 401 8.20 -6.00 18.46
N ARG C 402 6.87 -5.97 18.48
CA ARG C 402 6.15 -5.25 19.53
C ARG C 402 6.44 -5.84 20.90
N THR C 403 6.38 -7.17 21.02
CA THR C 403 6.58 -7.81 22.30
C THR C 403 8.03 -7.74 22.77
N ARG C 404 8.98 -7.74 21.85
CA ARG C 404 10.39 -7.71 22.21
C ARG C 404 10.94 -6.29 22.35
N GLU C 405 10.11 -5.28 22.17
CA GLU C 405 10.54 -3.89 22.32
C GLU C 405 10.13 -3.36 23.69
N VAL C 406 10.88 -2.38 24.18
CA VAL C 406 10.63 -1.83 25.51
C VAL C 406 9.68 -0.64 25.42
N PRO C 417 24.73 -0.04 30.22
CA PRO C 417 23.52 -0.57 30.84
C PRO C 417 23.38 -2.07 30.68
N TYR C 418 22.22 -2.51 30.20
CA TYR C 418 22.05 -3.92 29.88
C TYR C 418 23.01 -4.33 28.77
N GLN C 419 23.53 -5.54 28.86
CA GLN C 419 24.54 -6.01 27.92
C GLN C 419 23.94 -6.18 26.53
N VAL C 420 24.25 -5.27 25.63
CA VAL C 420 23.68 -5.29 24.29
C VAL C 420 24.74 -5.75 23.30
N GLU C 421 24.27 -6.28 22.18
CA GLU C 421 25.16 -6.75 21.13
C GLU C 421 24.48 -6.62 19.79
N LEU C 422 25.30 -6.65 18.75
CA LEU C 422 24.83 -6.48 17.37
C LEU C 422 24.46 -7.84 16.78
N VAL C 423 23.25 -7.94 16.23
CA VAL C 423 22.78 -9.12 15.56
C VAL C 423 22.35 -8.74 14.15
N ARG C 424 22.71 -9.56 13.17
CA ARG C 424 22.40 -9.29 11.78
C ARG C 424 21.67 -10.48 11.18
N ARG C 425 20.62 -10.19 10.42
CA ARG C 425 19.82 -11.19 9.74
C ARG C 425 19.64 -10.80 8.28
N ASP C 426 19.64 -11.78 7.39
CA ASP C 426 19.47 -11.53 5.97
C ASP C 426 18.49 -12.52 5.37
N TYR C 427 17.77 -12.08 4.35
CA TYR C 427 16.85 -12.96 3.64
C TYR C 427 16.54 -12.36 2.29
N VAL C 428 15.54 -12.93 1.63
CA VAL C 428 15.14 -12.51 0.28
C VAL C 428 13.64 -12.28 0.26
N ALA C 429 13.23 -11.22 -0.42
CA ALA C 429 11.81 -10.94 -0.61
C ALA C 429 11.61 -10.19 -1.91
N ASN C 430 10.68 -10.67 -2.74
CA ASN C 430 10.29 -9.99 -3.97
C ASN C 430 11.48 -9.76 -4.88
N GLY C 431 12.38 -10.75 -4.94
CA GLY C 431 13.57 -10.61 -5.77
C GLY C 431 14.58 -9.63 -5.23
N GLY C 432 14.57 -9.38 -3.93
CA GLY C 432 15.49 -8.44 -3.35
C GLY C 432 16.16 -9.01 -2.11
N TRP C 433 17.39 -8.56 -1.88
CA TRP C 433 18.21 -9.04 -0.79
C TRP C 433 18.02 -8.11 0.41
N GLU C 434 17.24 -8.56 1.39
CA GLU C 434 16.89 -7.75 2.55
C GLU C 434 17.84 -8.05 3.70
N THR C 435 18.14 -6.99 4.47
CA THR C 435 19.02 -7.09 5.62
C THR C 435 18.36 -6.39 6.80
N PHE C 436 18.65 -6.88 8.01
CA PHE C 436 17.91 -6.48 9.21
C PHE C 436 18.85 -6.19 10.38
N LEU C 437 19.85 -5.33 10.18
CA LEU C 437 20.78 -5.00 11.24
C LEU C 437 20.05 -4.56 12.50
N SER C 438 20.49 -5.04 13.66
CA SER C 438 19.80 -4.70 14.88
C SER C 438 20.73 -4.80 16.08
N TYR C 439 20.33 -4.15 17.17
CA TYR C 439 20.99 -4.24 18.46
C TYR C 439 20.01 -4.81 19.47
N GLU C 440 20.46 -5.78 20.27
CA GLU C 440 19.55 -6.38 21.23
C GLU C 440 20.34 -7.07 22.34
N ASP C 441 19.62 -7.37 23.41
CA ASP C 441 20.13 -8.09 24.57
C ASP C 441 19.53 -9.49 24.61
N PRO C 442 20.33 -10.54 24.45
CA PRO C 442 19.76 -11.88 24.22
C PRO C 442 18.95 -12.45 25.38
N ASP C 443 19.56 -12.51 26.57
CA ASP C 443 18.94 -13.26 27.66
C ASP C 443 17.58 -12.68 28.04
N GLN C 444 17.49 -11.36 28.07
CA GLN C 444 16.24 -10.68 28.38
C GLN C 444 15.46 -10.31 27.12
N ASP C 445 15.91 -10.80 25.97
CA ASP C 445 15.23 -10.71 24.67
C ASP C 445 14.49 -9.37 24.48
N ILE C 446 15.21 -8.29 24.75
CA ILE C 446 14.69 -6.95 24.55
C ILE C 446 15.40 -6.31 23.36
N LEU C 447 14.77 -5.28 22.81
CA LEU C 447 15.22 -4.65 21.59
C LEU C 447 15.43 -3.16 21.81
N ILE C 448 16.44 -2.59 21.16
CA ILE C 448 16.75 -1.18 21.32
C ILE C 448 16.72 -0.46 19.99
N GLY C 449 17.61 -0.84 19.07
CA GLY C 449 17.74 -0.16 17.81
C GLY C 449 17.73 -1.12 16.64
N LEU C 450 17.23 -0.64 15.51
CA LEU C 450 17.06 -1.48 14.33
C LEU C 450 17.19 -0.64 13.08
N LEU C 451 17.32 -1.33 11.95
CA LEU C 451 17.51 -0.68 10.67
C LEU C 451 17.08 -1.65 9.58
N ARG C 452 16.82 -1.12 8.39
CA ARG C 452 16.39 -1.97 7.26
C ARG C 452 17.12 -1.53 6.00
N LEU C 453 17.96 -2.40 5.47
CA LEU C 453 18.62 -2.17 4.20
C LEU C 453 17.99 -3.01 3.10
N ARG C 454 18.37 -2.68 1.86
CA ARG C 454 17.92 -3.46 0.71
C ARG C 454 18.71 -3.09 -0.54
N LYS C 455 19.25 -4.08 -1.22
CA LYS C 455 19.80 -3.84 -2.55
C LYS C 455 18.66 -3.60 -3.53
N CYS C 456 18.91 -2.76 -4.51
CA CYS C 456 17.88 -2.43 -5.49
C CYS C 456 17.94 -3.40 -6.66
N SER C 457 16.77 -3.88 -7.06
CA SER C 457 16.65 -4.90 -8.10
C SER C 457 16.85 -4.26 -9.48
N GLU C 458 16.51 -4.99 -10.52
CA GLU C 458 16.57 -4.49 -11.89
C GLU C 458 15.25 -3.90 -12.35
N GLU C 459 14.23 -3.89 -11.50
CA GLU C 459 12.92 -3.39 -11.87
C GLU C 459 12.67 -1.98 -11.36
N THR C 460 13.66 -1.36 -10.74
CA THR C 460 13.50 -0.01 -10.23
C THR C 460 13.32 0.97 -11.38
N PHE C 461 12.45 1.96 -11.17
CA PHE C 461 12.13 2.94 -12.20
C PHE C 461 12.36 4.38 -11.78
N ARG C 462 12.44 4.67 -10.48
CA ARG C 462 12.69 6.03 -10.05
C ARG C 462 14.06 6.49 -10.54
N PHE C 463 14.11 7.73 -11.04
CA PHE C 463 15.34 8.21 -11.67
C PHE C 463 16.47 8.36 -10.68
N GLU C 464 16.17 8.64 -9.41
CA GLU C 464 17.22 8.74 -8.41
C GLU C 464 17.92 7.42 -8.18
N LEU C 465 17.37 6.32 -8.66
CA LEU C 465 17.90 4.98 -8.44
C LEU C 465 18.15 4.34 -9.80
N GLY C 466 19.33 4.57 -10.35
CA GLY C 466 19.66 4.01 -11.65
C GLY C 466 21.11 3.61 -11.81
N GLY C 467 21.82 3.41 -10.70
CA GLY C 467 23.23 3.12 -10.78
C GLY C 467 23.69 2.04 -9.82
N GLY C 468 22.76 1.25 -9.31
CA GLY C 468 23.11 0.24 -8.34
C GLY C 468 22.99 0.79 -6.94
N VAL C 469 22.10 1.75 -6.77
CA VAL C 469 21.93 2.44 -5.50
C VAL C 469 21.38 1.48 -4.47
N SER C 470 21.86 1.58 -3.24
CA SER C 470 21.24 0.85 -2.14
C SER C 470 20.01 1.65 -1.67
N ILE C 471 19.51 1.32 -0.49
CA ILE C 471 18.44 2.11 0.12
C ILE C 471 18.34 1.74 1.59
N VAL C 472 17.86 2.68 2.39
CA VAL C 472 17.58 2.45 3.81
C VAL C 472 16.09 2.64 3.99
N ARG C 473 15.35 1.55 4.12
CA ARG C 473 13.91 1.67 4.19
C ARG C 473 13.44 2.26 5.51
N GLU C 474 14.13 1.99 6.61
CA GLU C 474 13.64 2.47 7.91
C GLU C 474 14.71 2.45 8.99
N LEU C 475 14.82 3.56 9.72
CA LEU C 475 15.61 3.64 10.94
C LEU C 475 14.71 3.99 12.10
N HIS C 476 14.89 3.30 13.22
CA HIS C 476 14.08 3.56 14.40
C HIS C 476 14.85 3.22 15.65
N VAL C 477 14.93 4.17 16.57
CA VAL C 477 15.61 3.98 17.85
C VAL C 477 14.73 4.58 18.93
N TYR C 478 14.56 3.86 20.04
CA TYR C 478 13.74 4.32 21.14
C TYR C 478 14.41 4.12 22.50
N GLY C 479 15.70 3.78 22.50
CA GLY C 479 16.44 3.58 23.72
C GLY C 479 17.31 4.77 24.08
N SER C 480 18.35 4.49 24.87
CA SER C 480 19.30 5.51 25.26
C SER C 480 20.60 4.84 25.68
N VAL C 481 21.68 5.61 25.65
CA VAL C 481 22.99 5.08 26.03
C VAL C 481 23.22 5.25 27.53
N GLN C 495 28.20 8.14 22.06
CA GLN C 495 28.02 8.50 20.67
C GLN C 495 26.56 8.39 20.24
N GLY C 496 25.90 7.33 20.68
CA GLY C 496 24.54 7.08 20.30
C GLY C 496 24.42 5.94 19.31
N PHE C 497 23.38 5.13 19.47
CA PHE C 497 23.25 3.92 18.66
C PHE C 497 23.00 4.24 17.20
N GLY C 498 22.29 5.32 16.91
CA GLY C 498 21.97 5.65 15.53
C GLY C 498 23.21 5.86 14.68
N MET C 499 24.23 6.50 15.26
CA MET C 499 25.49 6.66 14.56
C MET C 499 26.09 5.30 14.21
N LEU C 500 26.05 4.37 15.16
CA LEU C 500 26.60 3.05 14.91
C LEU C 500 25.84 2.35 13.80
N LEU C 501 24.51 2.41 13.82
CA LEU C 501 23.73 1.73 12.81
C LEU C 501 23.99 2.31 11.43
N MET C 502 23.99 3.65 11.31
CA MET C 502 24.24 4.25 10.01
C MET C 502 25.64 3.92 9.52
N GLU C 503 26.63 3.95 10.40
CA GLU C 503 27.99 3.65 10.00
C GLU C 503 28.12 2.23 9.48
N GLU C 504 27.58 1.26 10.24
CA GLU C 504 27.69 -0.13 9.81
C GLU C 504 26.90 -0.38 8.53
N ALA C 505 25.73 0.24 8.39
CA ALA C 505 24.94 0.07 7.19
C ALA C 505 25.69 0.58 5.97
N GLU C 506 26.29 1.77 6.08
CA GLU C 506 27.08 2.29 4.97
C GLU C 506 28.25 1.37 4.67
N ARG C 507 28.89 0.83 5.71
CA ARG C 507 30.01 -0.08 5.49
C ARG C 507 29.58 -1.26 4.65
N ILE C 508 28.52 -1.96 5.07
CA ILE C 508 28.12 -3.16 4.35
C ILE C 508 27.50 -2.84 3.00
N ALA C 509 27.01 -1.62 2.81
CA ALA C 509 26.58 -1.23 1.47
C ALA C 509 27.77 -1.06 0.54
N ARG C 510 28.83 -0.42 1.03
CA ARG C 510 30.01 -0.24 0.20
C ARG C 510 30.71 -1.55 -0.08
N GLU C 511 30.73 -2.47 0.89
CA GLU C 511 31.52 -3.68 0.76
C GLU C 511 30.71 -4.83 0.15
N GLU C 512 29.62 -5.24 0.80
CA GLU C 512 28.87 -6.38 0.33
C GLU C 512 28.11 -6.05 -0.95
N HIS C 513 27.19 -5.08 -0.87
CA HIS C 513 26.33 -4.78 -2.00
C HIS C 513 27.11 -4.32 -3.22
N GLY C 514 28.31 -3.81 -3.03
CA GLY C 514 29.07 -3.27 -4.15
C GLY C 514 28.40 -2.08 -4.78
N SER C 515 27.73 -1.25 -3.98
CA SER C 515 27.03 -0.08 -4.45
C SER C 515 27.91 1.15 -4.32
N GLY C 516 27.58 2.18 -5.09
CA GLY C 516 28.31 3.42 -5.02
C GLY C 516 27.52 4.54 -4.37
N LYS C 517 26.20 4.41 -4.33
CA LYS C 517 25.35 5.46 -3.82
C LYS C 517 24.32 4.90 -2.87
N ILE C 518 24.02 5.65 -1.83
CA ILE C 518 23.06 5.25 -0.80
C ILE C 518 21.99 6.32 -0.67
N ALA C 519 20.75 5.90 -0.52
CA ALA C 519 19.60 6.78 -0.39
C ALA C 519 18.75 6.36 0.79
N VAL C 520 18.07 7.34 1.38
CA VAL C 520 17.20 7.14 2.54
C VAL C 520 15.88 7.83 2.26
N ILE C 521 14.81 7.24 2.79
CA ILE C 521 13.49 7.83 2.76
C ILE C 521 13.22 8.43 4.14
N SER C 522 12.61 9.62 4.16
CA SER C 522 12.46 10.36 5.41
C SER C 522 11.19 11.21 5.35
N GLY C 523 10.87 11.82 6.48
CA GLY C 523 9.70 12.67 6.58
C GLY C 523 10.02 14.12 6.29
N VAL C 524 10.11 14.97 7.31
CA VAL C 524 10.53 16.33 7.09
C VAL C 524 11.65 16.73 8.04
N GLY C 525 11.42 16.60 9.36
CA GLY C 525 12.49 16.87 10.30
C GLY C 525 13.65 15.90 10.14
N THR C 526 13.33 14.66 9.82
CA THR C 526 14.34 13.68 9.50
C THR C 526 15.24 14.14 8.36
N ARG C 527 14.71 14.97 7.45
CA ARG C 527 15.57 15.52 6.40
C ARG C 527 16.72 16.31 7.02
N ASN C 528 16.41 17.18 7.98
CA ASN C 528 17.46 17.93 8.64
C ASN C 528 18.38 17.01 9.44
N TYR C 529 17.80 16.01 10.10
CA TYR C 529 18.64 15.10 10.89
C TYR C 529 19.67 14.40 10.01
N TYR C 530 19.25 13.92 8.85
CA TYR C 530 20.20 13.24 7.97
C TYR C 530 21.13 14.21 7.26
N ARG C 531 20.67 15.43 7.00
CA ARG C 531 21.57 16.42 6.41
C ARG C 531 22.68 16.81 7.37
N LYS C 532 22.40 16.76 8.68
CA LYS C 532 23.42 17.11 9.66
C LYS C 532 24.59 16.14 9.64
N ILE C 533 24.36 14.88 9.24
CA ILE C 533 25.41 13.88 9.26
C ILE C 533 26.08 13.79 7.89
N GLY C 534 25.74 14.71 7.00
CA GLY C 534 26.45 14.79 5.75
C GLY C 534 25.71 14.21 4.56
N TYR C 535 24.44 14.55 4.43
CA TYR C 535 23.62 14.11 3.30
C TYR C 535 23.11 15.32 2.54
N ARG C 536 22.71 15.09 1.29
CA ARG C 536 22.08 16.12 0.50
C ARG C 536 20.72 15.62 0.05
N LEU C 537 19.86 16.51 -0.42
CA LEU C 537 18.52 16.14 -0.81
C LEU C 537 18.42 16.04 -2.32
N GLN C 538 17.87 14.93 -2.82
CA GLN C 538 17.60 14.80 -4.24
C GLN C 538 16.24 14.17 -4.41
N GLY C 539 15.36 14.85 -5.14
CA GLY C 539 13.99 14.44 -5.24
C GLY C 539 13.37 14.36 -3.86
N PRO C 540 12.64 13.28 -3.59
CA PRO C 540 12.15 13.02 -2.23
C PRO C 540 13.12 12.28 -1.33
N TYR C 541 14.28 11.87 -1.86
CA TYR C 541 15.21 11.05 -1.10
C TYR C 541 16.34 11.87 -0.52
N MET C 542 16.95 11.32 0.52
CA MET C 542 18.13 11.89 1.14
C MET C 542 19.33 11.03 0.77
N VAL C 543 20.24 11.60 0.00
CA VAL C 543 21.27 10.85 -0.69
C VAL C 543 22.64 11.18 -0.12
N LYS C 544 23.53 10.18 -0.16
CA LYS C 544 24.94 10.39 0.16
C LYS C 544 25.79 9.59 -0.81
N MET C 545 26.79 10.24 -1.39
CA MET C 545 27.69 9.58 -2.33
C MET C 545 28.65 8.69 -1.56
N LEU C 546 28.47 7.38 -1.67
CA LEU C 546 29.30 6.42 -0.94
C LEU C 546 30.46 6.01 -1.84
N LYS C 547 31.51 6.84 -1.85
CA LYS C 547 32.70 6.54 -2.68
C LYS C 547 32.26 5.90 -4.01
FE1 SF4 D . -14.17 -2.30 1.20
FE2 SF4 D . -11.62 -2.33 0.27
FE3 SF4 D . -13.55 -0.98 -1.10
FE4 SF4 D . -13.56 -3.71 -1.05
S1 SF4 D . -11.97 -2.37 -1.98
S2 SF4 D . -15.35 -2.34 -0.75
S3 SF4 D . -12.80 -4.11 1.05
S4 SF4 D . -12.79 -0.51 0.98
N1 5AD E . -14.99 -7.76 9.18
C2 5AD E . -13.73 -7.45 9.45
N3 5AD E . -12.84 -6.84 8.67
C4 5AD E . -13.38 -6.51 7.50
N9 5AD E . -12.77 -5.87 6.46
C8 5AD E . -13.71 -5.76 5.49
N7 5AD E . -14.87 -6.29 5.82
C5 5AD E . -14.66 -6.75 7.08
C6 5AD E . -15.49 -7.42 7.99
N6 5AD E . -16.76 -7.73 7.72
C1' 5AD E . -11.39 -5.41 6.45
C2' 5AD E . -10.92 -5.10 5.04
C3' 5AD E . -9.71 -4.22 5.35
C4' 5AD E . -9.96 -3.72 6.77
C5' 5AD E . -9.90 -2.22 6.92
O4' 5AD E . -11.24 -4.22 7.12
O2' 5AD E . -10.54 -6.32 4.46
O3' 5AD E . -8.53 -4.94 5.18
N MET F . -9.85 -0.31 0.55
CA MET F . -8.44 -0.63 0.73
C MET F . -8.12 -2.01 0.19
O MET F . -8.99 -2.89 0.16
CB MET F . -8.06 -0.53 2.19
CG MET F . -8.60 -1.67 3.02
SD MET F . -10.38 -1.55 3.13
CE MET F . -10.55 -0.09 4.15
OXT MET F . -7.00 -2.28 -0.23
#